data_5XQM
#
_entry.id   5XQM
#
_entity_poly.entity_id   1
_entity_poly.type   'polypeptide(L)'
_entity_poly.pdbx_seq_one_letter_code
;MHHHHHHMADDAAQAGDNAEYIKIKVVGQDSNEVHFRVKYGTSMAKLKKSYADRTGVAVNSLRFLFDGRRINDDDTPKTL
EMEDDDVIEVYQEQLGG
;
_entity_poly.pdbx_strand_id   A
#
# COMPACT_ATOMS: atom_id res chain seq x y z
N MET A 8 -12.98 -16.00 -8.73
CA MET A 8 -11.80 -15.10 -8.61
C MET A 8 -11.48 -14.48 -9.95
N ALA A 9 -10.88 -13.31 -9.91
CA ALA A 9 -10.47 -12.62 -11.12
C ALA A 9 -9.30 -13.34 -11.77
N ASP A 10 -9.21 -13.26 -13.10
CA ASP A 10 -8.11 -13.89 -13.83
C ASP A 10 -6.79 -13.32 -13.40
N ASP A 11 -5.78 -14.17 -13.30
CA ASP A 11 -4.46 -13.76 -12.82
C ASP A 11 -3.84 -12.71 -13.71
N ALA A 12 -4.00 -12.90 -15.03
CA ALA A 12 -3.50 -11.98 -16.04
C ALA A 12 -1.97 -11.86 -16.02
N ALA A 13 -1.31 -12.77 -15.29
CA ALA A 13 0.15 -12.82 -15.19
C ALA A 13 0.73 -11.60 -14.47
N GLN A 14 1.53 -11.85 -13.43
CA GLN A 14 2.16 -10.78 -12.68
C GLN A 14 3.22 -10.08 -13.54
N ALA A 15 3.64 -8.92 -13.11
CA ALA A 15 4.63 -8.14 -13.85
C ALA A 15 5.95 -8.87 -13.96
N GLY A 16 6.36 -9.53 -12.87
CA GLY A 16 7.62 -10.22 -12.87
C GLY A 16 8.74 -9.32 -12.43
N ASP A 17 8.39 -8.07 -12.28
CA ASP A 17 9.31 -7.04 -11.87
C ASP A 17 9.41 -7.01 -10.35
N ASN A 18 10.24 -7.89 -9.82
CA ASN A 18 10.41 -8.04 -8.41
C ASN A 18 11.69 -8.78 -8.14
N ALA A 19 11.99 -8.96 -6.89
CA ALA A 19 13.16 -9.69 -6.47
C ALA A 19 13.04 -10.02 -5.00
N GLU A 20 13.25 -9.02 -4.16
CA GLU A 20 13.11 -9.21 -2.72
C GLU A 20 11.92 -8.46 -2.23
N TYR A 21 11.45 -7.63 -3.09
CA TYR A 21 10.33 -6.76 -2.83
C TYR A 21 9.40 -6.72 -4.03
N ILE A 22 8.18 -6.29 -3.79
CA ILE A 22 7.13 -6.26 -4.79
C ILE A 22 6.69 -4.82 -5.02
N LYS A 23 6.02 -4.59 -6.11
CA LYS A 23 5.54 -3.27 -6.45
C LYS A 23 4.10 -3.09 -6.01
N ILE A 24 3.78 -1.91 -5.52
CA ILE A 24 2.41 -1.58 -5.16
C ILE A 24 2.06 -0.14 -5.55
N LYS A 25 0.86 0.05 -6.09
CA LYS A 25 0.41 1.37 -6.46
C LYS A 25 -0.56 1.88 -5.40
N VAL A 26 -0.10 2.82 -4.61
CA VAL A 26 -0.90 3.43 -3.58
C VAL A 26 -1.75 4.53 -4.19
N VAL A 27 -3.06 4.40 -4.09
CA VAL A 27 -3.95 5.40 -4.63
C VAL A 27 -4.64 6.15 -3.50
N GLY A 28 -4.42 7.45 -3.43
CA GLY A 28 -5.03 8.24 -2.39
C GLY A 28 -6.37 8.80 -2.81
N GLN A 29 -7.10 9.36 -1.85
CA GLN A 29 -8.43 9.93 -2.13
C GLN A 29 -8.31 11.17 -2.96
N ASP A 30 -7.15 11.79 -2.87
CA ASP A 30 -6.81 12.96 -3.68
C ASP A 30 -6.63 12.53 -5.15
N SER A 31 -6.84 11.23 -5.41
CA SER A 31 -6.65 10.60 -6.72
C SER A 31 -5.17 10.57 -7.04
N ASN A 32 -4.39 10.52 -5.97
CA ASN A 32 -2.94 10.51 -6.07
C ASN A 32 -2.39 9.10 -5.95
N GLU A 33 -1.94 8.57 -7.06
CA GLU A 33 -1.35 7.24 -7.08
C GLU A 33 0.17 7.34 -7.08
N VAL A 34 0.80 6.55 -6.22
CA VAL A 34 2.23 6.53 -6.11
C VAL A 34 2.72 5.10 -6.08
N HIS A 35 3.81 4.85 -6.76
CA HIS A 35 4.34 3.52 -6.88
C HIS A 35 5.42 3.26 -5.85
N PHE A 36 5.13 2.38 -4.94
CA PHE A 36 6.06 2.00 -3.90
C PHE A 36 6.54 0.58 -4.05
N ARG A 37 7.75 0.34 -3.59
CA ARG A 37 8.34 -0.98 -3.56
C ARG A 37 8.37 -1.45 -2.11
N VAL A 38 7.66 -2.51 -1.83
CA VAL A 38 7.57 -3.07 -0.48
C VAL A 38 7.63 -4.58 -0.55
N LYS A 39 7.77 -5.22 0.57
CA LYS A 39 7.90 -6.65 0.61
C LYS A 39 6.52 -7.29 0.73
N TYR A 40 6.42 -8.57 0.38
CA TYR A 40 5.16 -9.32 0.53
C TYR A 40 4.69 -9.25 1.98
N GLY A 41 5.64 -9.32 2.91
CA GLY A 41 5.32 -9.31 4.32
C GLY A 41 5.57 -7.96 4.98
N THR A 42 5.57 -6.90 4.18
CA THR A 42 5.79 -5.57 4.67
C THR A 42 4.69 -5.14 5.66
N SER A 43 5.10 -4.40 6.68
CA SER A 43 4.19 -3.93 7.70
C SER A 43 3.65 -2.56 7.34
N MET A 44 2.44 -2.25 7.84
CA MET A 44 1.75 -0.98 7.54
C MET A 44 2.64 0.26 7.73
N ALA A 45 3.55 0.20 8.69
CA ALA A 45 4.42 1.32 9.00
C ALA A 45 5.31 1.68 7.82
N LYS A 46 5.76 0.67 7.08
CA LYS A 46 6.69 0.89 5.97
C LYS A 46 6.07 1.81 4.92
N LEU A 47 4.79 1.61 4.66
CA LEU A 47 4.11 2.39 3.65
C LEU A 47 3.56 3.69 4.22
N LYS A 48 2.93 3.61 5.37
CA LYS A 48 2.30 4.76 5.99
C LYS A 48 3.31 5.81 6.34
N LYS A 49 4.41 5.38 6.94
CA LYS A 49 5.49 6.29 7.27
C LYS A 49 6.02 6.92 6.00
N SER A 50 6.19 6.09 4.99
CA SER A 50 6.76 6.51 3.74
C SER A 50 5.85 7.52 3.01
N TYR A 51 4.58 7.18 2.89
CA TYR A 51 3.61 8.04 2.20
C TYR A 51 3.36 9.29 2.97
N ALA A 52 3.16 9.15 4.27
CA ALA A 52 2.88 10.29 5.11
C ALA A 52 4.03 11.26 5.04
N ASP A 53 5.22 10.72 4.93
CA ASP A 53 6.43 11.54 4.88
C ASP A 53 6.49 12.36 3.60
N ARG A 54 6.23 11.71 2.46
CA ARG A 54 6.28 12.38 1.16
C ARG A 54 5.21 13.44 1.04
N THR A 55 4.13 13.28 1.79
CA THR A 55 3.03 14.21 1.72
C THR A 55 3.07 15.23 2.87
N GLY A 56 4.02 15.07 3.80
CA GLY A 56 4.16 16.01 4.90
C GLY A 56 3.00 15.93 5.88
N VAL A 57 2.44 14.75 6.03
CA VAL A 57 1.29 14.54 6.88
C VAL A 57 1.62 13.54 7.98
N ALA A 58 0.98 13.70 9.13
CA ALA A 58 1.12 12.78 10.24
C ALA A 58 0.91 11.34 9.78
N VAL A 59 1.79 10.46 10.21
CA VAL A 59 1.74 9.06 9.83
C VAL A 59 0.45 8.42 10.29
N ASN A 60 0.05 8.73 11.52
CA ASN A 60 -1.17 8.15 12.08
C ASN A 60 -2.40 8.77 11.41
N SER A 61 -2.20 9.89 10.73
CA SER A 61 -3.28 10.55 10.03
C SER A 61 -3.51 9.90 8.69
N LEU A 62 -2.58 9.06 8.28
CA LEU A 62 -2.74 8.31 7.04
C LEU A 62 -3.33 6.95 7.32
N ARG A 63 -4.29 6.57 6.51
CA ARG A 63 -4.99 5.30 6.70
C ARG A 63 -4.93 4.49 5.42
N PHE A 64 -4.25 3.37 5.47
CA PHE A 64 -4.10 2.51 4.31
C PHE A 64 -4.95 1.27 4.40
N LEU A 65 -5.66 0.98 3.33
CA LEU A 65 -6.51 -0.18 3.26
C LEU A 65 -6.22 -0.97 2.00
N PHE A 66 -6.21 -2.27 2.12
CA PHE A 66 -6.00 -3.13 0.99
C PHE A 66 -7.28 -3.86 0.70
N ASP A 67 -7.78 -3.70 -0.52
CA ASP A 67 -9.02 -4.36 -0.96
C ASP A 67 -10.20 -4.03 -0.02
N GLY A 68 -10.09 -2.92 0.69
CA GLY A 68 -11.17 -2.49 1.57
C GLY A 68 -10.98 -2.94 3.00
N ARG A 69 -9.81 -3.49 3.30
CA ARG A 69 -9.50 -3.88 4.66
C ARG A 69 -8.22 -3.23 5.10
N ARG A 70 -8.18 -2.83 6.33
CA ARG A 70 -7.06 -2.08 6.86
C ARG A 70 -5.80 -2.90 6.96
N ILE A 71 -4.70 -2.27 6.62
CA ILE A 71 -3.40 -2.90 6.63
C ILE A 71 -2.76 -2.72 8.00
N ASN A 72 -2.42 -3.84 8.62
CA ASN A 72 -1.78 -3.83 9.92
C ASN A 72 -0.34 -4.25 9.78
N ASP A 73 0.44 -3.99 10.80
CA ASP A 73 1.84 -4.40 10.80
C ASP A 73 1.95 -5.86 11.21
N ASP A 74 0.83 -6.41 11.62
CA ASP A 74 0.77 -7.80 12.03
C ASP A 74 0.34 -8.71 10.89
N ASP A 75 -0.27 -8.12 9.86
CA ASP A 75 -0.77 -8.90 8.73
C ASP A 75 0.37 -9.59 7.99
N THR A 76 0.13 -10.83 7.63
CA THR A 76 1.10 -11.64 6.95
C THR A 76 0.94 -11.49 5.43
N PRO A 77 1.96 -11.87 4.65
CA PRO A 77 1.87 -11.83 3.20
C PRO A 77 0.73 -12.71 2.67
N LYS A 78 0.38 -13.75 3.45
CA LYS A 78 -0.72 -14.66 3.09
C LYS A 78 -2.01 -13.92 3.04
N THR A 79 -2.22 -13.14 4.06
CA THR A 79 -3.46 -12.46 4.23
C THR A 79 -3.48 -11.13 3.46
N LEU A 80 -2.32 -10.54 3.23
CA LEU A 80 -2.26 -9.32 2.44
C LEU A 80 -2.26 -9.62 0.96
N GLU A 81 -1.83 -10.86 0.61
CA GLU A 81 -1.77 -11.37 -0.78
C GLU A 81 -1.34 -10.32 -1.82
N MET A 82 -0.45 -9.44 -1.41
CA MET A 82 0.05 -8.39 -2.29
C MET A 82 1.03 -8.99 -3.27
N GLU A 83 1.12 -8.39 -4.45
CA GLU A 83 2.00 -8.87 -5.49
C GLU A 83 2.40 -7.74 -6.39
N ASP A 84 3.12 -8.06 -7.45
CA ASP A 84 3.66 -7.09 -8.39
C ASP A 84 2.62 -6.07 -8.84
N ASP A 85 2.91 -4.83 -8.51
CA ASP A 85 2.14 -3.65 -8.94
C ASP A 85 0.69 -3.75 -8.51
N ASP A 86 0.45 -4.33 -7.33
CA ASP A 86 -0.91 -4.44 -6.80
C ASP A 86 -1.39 -3.07 -6.39
N VAL A 87 -2.61 -2.98 -5.93
CA VAL A 87 -3.19 -1.71 -5.62
C VAL A 87 -3.47 -1.55 -4.14
N ILE A 88 -3.39 -0.33 -3.69
CA ILE A 88 -3.62 0.03 -2.32
C ILE A 88 -4.55 1.22 -2.25
N GLU A 89 -5.48 1.16 -1.32
CA GLU A 89 -6.46 2.21 -1.16
C GLU A 89 -6.12 3.03 0.07
N VAL A 90 -6.16 4.30 -0.07
CA VAL A 90 -5.87 5.19 1.01
C VAL A 90 -7.02 6.13 1.24
N TYR A 91 -7.35 6.32 2.49
CA TYR A 91 -8.43 7.21 2.83
C TYR A 91 -7.85 8.56 3.20
N GLN A 92 -8.70 9.56 3.23
CA GLN A 92 -8.22 10.92 3.39
C GLN A 92 -7.62 11.12 4.76
N GLU A 93 -6.42 11.64 4.76
CA GLU A 93 -5.66 11.85 5.96
C GLU A 93 -6.31 12.88 6.89
N GLN A 94 -6.06 12.70 8.18
CA GLN A 94 -6.69 13.51 9.21
C GLN A 94 -6.29 14.98 9.09
N LEU A 95 -4.99 15.21 9.00
CA LEU A 95 -4.46 16.56 8.88
C LEU A 95 -4.70 17.16 7.51
N GLY A 96 -4.67 16.34 6.48
CA GLY A 96 -4.88 16.84 5.13
C GLY A 96 -6.26 17.44 4.96
N GLY A 97 -7.26 16.77 5.52
CA GLY A 97 -8.62 17.25 5.45
C GLY A 97 -9.35 16.76 4.22
N MET A 8 -6.60 -16.62 -16.09
CA MET A 8 -5.57 -15.57 -16.03
C MET A 8 -4.92 -15.54 -14.67
N ALA A 9 -3.64 -15.87 -14.62
CA ALA A 9 -2.91 -15.86 -13.36
C ALA A 9 -1.44 -15.55 -13.60
N ASP A 10 -0.81 -14.93 -12.62
CA ASP A 10 0.60 -14.61 -12.71
C ASP A 10 1.44 -15.82 -12.32
N ASP A 11 2.46 -16.12 -13.11
CA ASP A 11 3.31 -17.30 -12.87
C ASP A 11 4.12 -17.16 -11.57
N ALA A 12 4.25 -15.91 -11.09
CA ALA A 12 5.05 -15.56 -9.90
C ALA A 12 6.52 -15.57 -10.25
N ALA A 13 6.77 -15.50 -11.53
CA ALA A 13 8.11 -15.44 -12.07
C ALA A 13 8.08 -14.53 -13.27
N GLN A 14 9.02 -13.65 -13.36
CA GLN A 14 9.04 -12.69 -14.44
C GLN A 14 10.27 -12.89 -15.29
N ALA A 15 10.40 -12.11 -16.33
CA ALA A 15 11.53 -12.21 -17.24
C ALA A 15 12.82 -11.96 -16.49
N GLY A 16 12.80 -10.97 -15.61
CA GLY A 16 13.95 -10.71 -14.78
C GLY A 16 13.92 -11.55 -13.53
N ASP A 17 12.76 -11.55 -12.87
CA ASP A 17 12.52 -12.33 -11.64
C ASP A 17 13.54 -11.96 -10.55
N ASN A 18 13.94 -10.71 -10.53
CA ASN A 18 14.90 -10.23 -9.55
C ASN A 18 14.24 -9.26 -8.61
N ALA A 19 12.95 -9.43 -8.46
CA ALA A 19 12.16 -8.57 -7.64
C ALA A 19 11.11 -9.37 -6.96
N GLU A 20 10.74 -8.96 -5.79
CA GLU A 20 9.79 -9.68 -4.98
C GLU A 20 8.66 -8.77 -4.59
N TYR A 21 8.28 -7.92 -5.49
CA TYR A 21 7.31 -6.90 -5.19
C TYR A 21 6.17 -6.85 -6.19
N ILE A 22 5.09 -6.25 -5.76
CA ILE A 22 3.86 -6.11 -6.51
C ILE A 22 3.52 -4.63 -6.59
N LYS A 23 2.65 -4.27 -7.47
CA LYS A 23 2.28 -2.87 -7.59
C LYS A 23 0.97 -2.61 -6.89
N ILE A 24 0.85 -1.46 -6.27
CA ILE A 24 -0.40 -1.06 -5.64
C ILE A 24 -0.73 0.37 -5.96
N LYS A 25 -1.97 0.62 -6.31
CA LYS A 25 -2.40 1.95 -6.63
C LYS A 25 -3.04 2.56 -5.38
N VAL A 26 -2.36 3.48 -4.76
CA VAL A 26 -2.88 4.17 -3.61
C VAL A 26 -3.80 5.28 -4.06
N VAL A 27 -5.05 5.17 -3.70
CA VAL A 27 -6.04 6.15 -4.08
C VAL A 27 -6.48 6.93 -2.85
N GLY A 28 -6.23 8.22 -2.88
CA GLY A 28 -6.62 9.06 -1.78
C GLY A 28 -8.07 9.47 -1.87
N GLN A 29 -8.54 10.22 -0.88
CA GLN A 29 -9.94 10.65 -0.85
C GLN A 29 -10.27 11.60 -1.98
N ASP A 30 -9.32 12.45 -2.31
CA ASP A 30 -9.49 13.38 -3.42
C ASP A 30 -9.24 12.64 -4.75
N SER A 31 -9.39 11.31 -4.69
CA SER A 31 -9.18 10.39 -5.82
C SER A 31 -7.78 10.49 -6.36
N ASN A 32 -6.87 10.82 -5.46
CA ASN A 32 -5.47 10.95 -5.83
C ASN A 32 -4.80 9.60 -5.82
N GLU A 33 -4.54 9.09 -6.98
CA GLU A 33 -3.97 7.78 -7.13
C GLU A 33 -2.49 7.85 -7.48
N VAL A 34 -1.70 7.10 -6.75
CA VAL A 34 -0.28 7.00 -6.97
C VAL A 34 0.14 5.55 -6.89
N HIS A 35 1.04 5.15 -7.75
CA HIS A 35 1.44 3.77 -7.81
C HIS A 35 2.68 3.49 -7.02
N PHE A 36 2.52 2.67 -6.02
CA PHE A 36 3.61 2.24 -5.17
C PHE A 36 3.94 0.79 -5.42
N ARG A 37 5.19 0.47 -5.24
CA ARG A 37 5.64 -0.89 -5.40
C ARG A 37 5.97 -1.45 -4.03
N VAL A 38 5.26 -2.47 -3.63
CA VAL A 38 5.42 -3.08 -2.32
C VAL A 38 5.37 -4.58 -2.44
N LYS A 39 5.69 -5.27 -1.38
CA LYS A 39 5.72 -6.71 -1.39
C LYS A 39 4.36 -7.28 -1.00
N TYR A 40 4.09 -8.52 -1.42
CA TYR A 40 2.85 -9.21 -1.00
C TYR A 40 2.76 -9.25 0.52
N GLY A 41 3.91 -9.47 1.16
CA GLY A 41 3.98 -9.57 2.60
C GLY A 41 4.42 -8.27 3.24
N THR A 42 4.20 -7.17 2.56
CA THR A 42 4.55 -5.87 3.07
C THR A 42 3.73 -5.49 4.31
N SER A 43 4.39 -4.85 5.26
CA SER A 43 3.77 -4.41 6.48
C SER A 43 3.28 -2.97 6.32
N MET A 44 2.29 -2.58 7.13
CA MET A 44 1.68 -1.24 7.05
C MET A 44 2.72 -0.12 7.05
N ALA A 45 3.81 -0.35 7.75
CA ALA A 45 4.86 0.64 7.88
C ALA A 45 5.48 1.00 6.54
N LYS A 46 5.63 0.02 5.67
CA LYS A 46 6.30 0.23 4.40
C LYS A 46 5.57 1.28 3.56
N LEU A 47 4.26 1.25 3.61
CA LEU A 47 3.46 2.17 2.83
C LEU A 47 3.23 3.48 3.57
N LYS A 48 2.86 3.38 4.83
CA LYS A 48 2.56 4.55 5.66
C LYS A 48 3.76 5.42 5.84
N LYS A 49 4.86 4.82 6.16
CA LYS A 49 6.10 5.53 6.34
C LYS A 49 6.54 6.15 5.03
N SER A 50 6.33 5.42 3.94
CA SER A 50 6.73 5.88 2.62
C SER A 50 5.86 7.06 2.15
N TYR A 51 4.54 6.88 2.18
CA TYR A 51 3.61 7.89 1.73
C TYR A 51 3.63 9.12 2.61
N ALA A 52 3.60 8.92 3.91
CA ALA A 52 3.61 10.03 4.84
C ALA A 52 4.87 10.85 4.66
N ASP A 53 5.94 10.15 4.35
CA ASP A 53 7.24 10.78 4.17
C ASP A 53 7.25 11.70 2.95
N ARG A 54 6.74 11.19 1.83
CA ARG A 54 6.73 11.95 0.57
C ARG A 54 5.82 13.17 0.68
N THR A 55 4.81 13.09 1.54
CA THR A 55 3.88 14.19 1.71
C THR A 55 4.32 15.09 2.87
N GLY A 56 5.36 14.68 3.60
CA GLY A 56 5.88 15.48 4.69
C GLY A 56 4.93 15.53 5.87
N VAL A 57 4.20 14.46 6.10
CA VAL A 57 3.24 14.42 7.18
C VAL A 57 3.61 13.36 8.20
N ALA A 58 2.96 13.40 9.35
CA ALA A 58 3.18 12.44 10.41
C ALA A 58 2.81 11.04 9.93
N VAL A 59 3.73 10.10 10.12
CA VAL A 59 3.54 8.72 9.71
C VAL A 59 2.40 8.08 10.49
N ASN A 60 2.40 8.32 11.78
CA ASN A 60 1.40 7.75 12.68
C ASN A 60 0.00 8.27 12.42
N SER A 61 -0.12 9.50 11.94
CA SER A 61 -1.44 10.06 11.70
C SER A 61 -1.98 9.62 10.35
N LEU A 62 -1.10 9.13 9.50
CA LEU A 62 -1.47 8.73 8.15
C LEU A 62 -1.80 7.24 8.16
N ARG A 63 -2.89 6.88 7.51
CA ARG A 63 -3.31 5.51 7.53
C ARG A 63 -3.84 5.07 6.18
N PHE A 64 -3.66 3.81 5.91
CA PHE A 64 -4.11 3.21 4.68
C PHE A 64 -5.13 2.13 4.98
N LEU A 65 -6.16 2.07 4.19
CA LEU A 65 -7.18 1.08 4.36
C LEU A 65 -7.40 0.30 3.09
N PHE A 66 -7.56 -0.99 3.23
CA PHE A 66 -7.79 -1.85 2.12
C PHE A 66 -9.26 -2.25 2.13
N ASP A 67 -9.99 -1.83 1.13
CA ASP A 67 -11.45 -2.10 1.04
C ASP A 67 -12.18 -1.65 2.31
N GLY A 68 -11.66 -0.64 2.96
CA GLY A 68 -12.29 -0.08 4.14
C GLY A 68 -11.75 -0.66 5.44
N ARG A 69 -10.85 -1.62 5.34
CA ARG A 69 -10.27 -2.19 6.54
C ARG A 69 -8.84 -1.72 6.71
N ARG A 70 -8.50 -1.41 7.93
CA ARG A 70 -7.21 -0.85 8.26
C ARG A 70 -6.09 -1.83 8.07
N ILE A 71 -5.01 -1.37 7.47
CA ILE A 71 -3.85 -2.21 7.20
C ILE A 71 -2.85 -2.08 8.34
N ASN A 72 -2.53 -3.20 8.97
CA ASN A 72 -1.59 -3.23 10.06
C ASN A 72 -0.38 -4.08 9.69
N ASP A 73 0.72 -3.90 10.43
CA ASP A 73 1.93 -4.69 10.17
C ASP A 73 1.72 -6.12 10.62
N ASP A 74 0.66 -6.32 11.38
CA ASP A 74 0.28 -7.65 11.86
C ASP A 74 -0.36 -8.46 10.74
N ASP A 75 -0.88 -7.76 9.75
CA ASP A 75 -1.53 -8.42 8.63
C ASP A 75 -0.54 -9.14 7.75
N THR A 76 -0.92 -10.31 7.33
CA THR A 76 -0.11 -11.15 6.50
C THR A 76 -0.57 -11.05 5.03
N PRO A 77 0.26 -11.49 4.06
CA PRO A 77 -0.07 -11.38 2.62
C PRO A 77 -1.40 -12.04 2.24
N LYS A 78 -1.70 -13.18 2.87
CA LYS A 78 -2.96 -13.87 2.58
C LYS A 78 -4.16 -13.17 3.21
N THR A 79 -3.89 -12.34 4.20
CA THR A 79 -4.89 -11.62 4.88
C THR A 79 -5.20 -10.33 4.13
N LEU A 80 -4.15 -9.66 3.69
CA LEU A 80 -4.31 -8.42 2.95
C LEU A 80 -4.84 -8.71 1.55
N GLU A 81 -4.57 -9.94 1.08
CA GLU A 81 -5.05 -10.42 -0.21
C GLU A 81 -4.72 -9.46 -1.36
N MET A 82 -3.61 -8.75 -1.23
CA MET A 82 -3.18 -7.79 -2.24
C MET A 82 -2.61 -8.52 -3.46
N GLU A 83 -2.52 -7.79 -4.57
CA GLU A 83 -2.05 -8.33 -5.82
C GLU A 83 -1.41 -7.24 -6.65
N ASP A 84 -0.84 -7.61 -7.79
CA ASP A 84 -0.19 -6.64 -8.65
C ASP A 84 -1.18 -5.64 -9.23
N ASP A 85 -0.93 -4.40 -8.89
CA ASP A 85 -1.70 -3.22 -9.31
C ASP A 85 -3.08 -3.19 -8.64
N ASP A 86 -3.15 -3.67 -7.41
CA ASP A 86 -4.40 -3.61 -6.65
C ASP A 86 -4.58 -2.20 -6.12
N VAL A 87 -5.67 -1.96 -5.43
CA VAL A 87 -5.98 -0.63 -4.98
C VAL A 87 -5.93 -0.53 -3.46
N ILE A 88 -5.53 0.63 -3.00
CA ILE A 88 -5.43 0.93 -1.58
C ILE A 88 -6.05 2.30 -1.31
N GLU A 89 -6.73 2.43 -0.18
CA GLU A 89 -7.44 3.67 0.16
C GLU A 89 -6.72 4.43 1.27
N VAL A 90 -6.78 5.75 1.21
CA VAL A 90 -6.16 6.60 2.21
C VAL A 90 -7.17 7.56 2.80
N TYR A 91 -7.18 7.65 4.11
CA TYR A 91 -8.01 8.59 4.79
C TYR A 91 -7.20 9.79 5.21
N GLN A 92 -7.81 10.97 5.16
CA GLN A 92 -7.09 12.19 5.47
C GLN A 92 -6.78 12.24 6.94
N GLU A 93 -5.56 12.60 7.26
CA GLU A 93 -5.08 12.51 8.62
C GLU A 93 -5.22 13.81 9.44
N GLN A 94 -4.38 13.94 10.46
CA GLN A 94 -4.47 15.01 11.45
C GLN A 94 -3.82 16.32 10.99
N LEU A 95 -2.55 16.25 10.63
CA LEU A 95 -1.77 17.43 10.30
C LEU A 95 -2.27 18.14 9.05
N GLY A 96 -2.65 17.38 8.05
CA GLY A 96 -3.15 17.97 6.82
C GLY A 96 -4.65 17.88 6.72
N GLY A 97 -5.28 17.39 7.77
CA GLY A 97 -6.71 17.23 7.77
C GLY A 97 -7.43 18.52 8.04
N MET A 8 -1.12 -31.55 -23.10
CA MET A 8 0.36 -31.61 -23.08
C MET A 8 0.96 -30.55 -23.99
N ALA A 9 1.35 -29.45 -23.40
CA ALA A 9 1.97 -28.37 -24.15
C ALA A 9 3.08 -27.73 -23.35
N ASP A 10 4.26 -27.67 -23.94
CA ASP A 10 5.40 -27.06 -23.28
C ASP A 10 5.37 -25.57 -23.52
N ASP A 11 5.03 -24.82 -22.48
CA ASP A 11 4.87 -23.37 -22.58
C ASP A 11 6.17 -22.68 -22.99
N ALA A 12 7.27 -23.02 -22.31
CA ALA A 12 8.61 -22.50 -22.62
C ALA A 12 8.64 -20.96 -22.65
N ALA A 13 7.72 -20.33 -21.94
CA ALA A 13 7.64 -18.89 -21.93
C ALA A 13 7.70 -18.35 -20.51
N GLN A 14 8.45 -17.30 -20.33
CA GLN A 14 8.61 -16.71 -19.02
C GLN A 14 8.43 -15.20 -19.12
N ALA A 15 7.85 -14.60 -18.10
CA ALA A 15 7.62 -13.17 -18.09
C ALA A 15 8.93 -12.43 -17.94
N GLY A 16 9.92 -13.11 -17.35
CA GLY A 16 11.22 -12.51 -17.14
C GLY A 16 11.20 -11.61 -15.95
N ASP A 17 10.17 -11.76 -15.16
CA ASP A 17 9.98 -10.95 -13.97
C ASP A 17 9.63 -11.82 -12.79
N ASN A 18 10.62 -12.14 -11.99
CA ASN A 18 10.40 -12.93 -10.81
C ASN A 18 10.49 -12.02 -9.62
N ALA A 19 9.36 -11.64 -9.12
CA ALA A 19 9.29 -10.71 -8.04
C ALA A 19 8.07 -10.97 -7.22
N GLU A 20 8.14 -10.61 -5.97
CA GLU A 20 7.05 -10.89 -5.08
C GLU A 20 6.52 -9.64 -4.41
N TYR A 21 6.37 -8.62 -5.20
CA TYR A 21 5.83 -7.37 -4.75
C TYR A 21 4.57 -7.02 -5.51
N ILE A 22 3.75 -6.21 -4.92
CA ILE A 22 2.49 -5.83 -5.48
C ILE A 22 2.40 -4.33 -5.56
N LYS A 23 1.50 -3.85 -6.36
CA LYS A 23 1.27 -2.44 -6.48
C LYS A 23 0.11 -2.03 -5.60
N ILE A 24 0.20 -0.88 -5.05
CA ILE A 24 -0.86 -0.34 -4.20
C ILE A 24 -1.26 1.04 -4.65
N LYS A 25 -2.54 1.25 -4.83
CA LYS A 25 -3.00 2.57 -5.14
C LYS A 25 -3.45 3.23 -3.87
N VAL A 26 -2.65 4.12 -3.38
CA VAL A 26 -2.99 4.86 -2.21
C VAL A 26 -3.90 6.00 -2.62
N VAL A 27 -5.14 5.93 -2.21
CA VAL A 27 -6.10 6.94 -2.54
C VAL A 27 -6.42 7.76 -1.31
N GLY A 28 -6.13 9.03 -1.37
CA GLY A 28 -6.41 9.90 -0.28
C GLY A 28 -7.73 10.58 -0.45
N GLN A 29 -8.24 11.15 0.62
CA GLN A 29 -9.51 11.86 0.58
C GLN A 29 -9.40 13.11 -0.26
N ASP A 30 -8.18 13.60 -0.36
CA ASP A 30 -7.87 14.73 -1.21
C ASP A 30 -7.95 14.32 -2.70
N SER A 31 -8.46 13.10 -2.94
CA SER A 31 -8.62 12.52 -4.29
C SER A 31 -7.25 12.21 -4.88
N ASN A 32 -6.29 11.99 -3.99
CA ASN A 32 -4.92 11.72 -4.42
C ASN A 32 -4.66 10.22 -4.45
N GLU A 33 -4.56 9.70 -5.63
CA GLU A 33 -4.23 8.31 -5.85
C GLU A 33 -2.79 8.20 -6.34
N VAL A 34 -2.00 7.41 -5.66
CA VAL A 34 -0.60 7.23 -6.01
C VAL A 34 -0.19 5.77 -5.92
N HIS A 35 0.63 5.34 -6.87
CA HIS A 35 1.08 3.97 -6.92
C HIS A 35 2.36 3.76 -6.14
N PHE A 36 2.27 2.92 -5.15
CA PHE A 36 3.42 2.46 -4.41
C PHE A 36 3.55 0.97 -4.57
N ARG A 37 4.76 0.49 -4.64
CA ARG A 37 4.96 -0.93 -4.73
C ARG A 37 5.49 -1.48 -3.42
N VAL A 38 4.75 -2.40 -2.87
CA VAL A 38 5.04 -3.01 -1.59
C VAL A 38 4.82 -4.49 -1.69
N LYS A 39 5.18 -5.21 -0.67
CA LYS A 39 5.01 -6.64 -0.70
C LYS A 39 3.65 -7.02 -0.15
N TYR A 40 3.18 -8.21 -0.46
CA TYR A 40 1.90 -8.70 0.07
C TYR A 40 1.89 -8.61 1.60
N GLY A 41 3.01 -8.95 2.22
CA GLY A 41 3.12 -8.95 3.67
C GLY A 41 3.75 -7.69 4.20
N THR A 42 3.71 -6.64 3.42
CA THR A 42 4.26 -5.37 3.82
C THR A 42 3.58 -4.82 5.08
N SER A 43 4.37 -4.16 5.93
CA SER A 43 3.87 -3.57 7.14
C SER A 43 3.48 -2.13 6.88
N MET A 44 2.49 -1.64 7.64
CA MET A 44 1.96 -0.27 7.48
C MET A 44 3.07 0.79 7.43
N ALA A 45 4.14 0.55 8.16
CA ALA A 45 5.24 1.48 8.26
C ALA A 45 5.88 1.76 6.91
N LYS A 46 5.97 0.73 6.07
CA LYS A 46 6.66 0.84 4.80
C LYS A 46 5.98 1.89 3.92
N LEU A 47 4.65 1.90 3.94
CA LEU A 47 3.88 2.84 3.14
C LEU A 47 3.67 4.16 3.85
N LYS A 48 3.30 4.09 5.12
CA LYS A 48 2.99 5.28 5.90
C LYS A 48 4.19 6.16 6.05
N LYS A 49 5.32 5.57 6.37
CA LYS A 49 6.55 6.32 6.50
C LYS A 49 6.91 6.94 5.17
N SER A 50 6.70 6.17 4.13
CA SER A 50 7.02 6.62 2.78
C SER A 50 6.11 7.78 2.35
N TYR A 51 4.80 7.59 2.50
CA TYR A 51 3.82 8.58 2.11
C TYR A 51 3.89 9.82 2.95
N ALA A 52 3.99 9.64 4.25
CA ALA A 52 4.07 10.76 5.16
C ALA A 52 5.28 11.60 4.83
N ASP A 53 6.34 10.93 4.43
CA ASP A 53 7.59 11.60 4.11
C ASP A 53 7.47 12.49 2.88
N ARG A 54 6.84 11.96 1.83
CA ARG A 54 6.71 12.69 0.56
C ARG A 54 5.83 13.91 0.74
N THR A 55 4.93 13.85 1.70
CA THR A 55 4.02 14.95 1.95
C THR A 55 4.55 15.88 3.07
N GLY A 56 5.65 15.46 3.71
CA GLY A 56 6.24 16.26 4.77
C GLY A 56 5.37 16.29 6.02
N VAL A 57 4.69 15.21 6.26
CA VAL A 57 3.78 15.09 7.39
C VAL A 57 4.24 13.98 8.33
N ALA A 58 3.93 14.14 9.61
CA ALA A 58 4.24 13.15 10.62
C ALA A 58 3.70 11.79 10.21
N VAL A 59 4.50 10.76 10.42
CA VAL A 59 4.14 9.40 10.06
C VAL A 59 2.91 8.97 10.82
N ASN A 60 2.88 9.30 12.10
CA ASN A 60 1.76 8.96 12.97
C ASN A 60 0.50 9.73 12.56
N SER A 61 0.69 10.88 11.92
CA SER A 61 -0.43 11.69 11.49
C SER A 61 -1.10 11.07 10.27
N LEU A 62 -0.40 10.16 9.62
CA LEU A 62 -0.95 9.46 8.48
C LEU A 62 -1.53 8.13 8.89
N ARG A 63 -2.72 7.85 8.40
CA ARG A 63 -3.38 6.60 8.70
C ARG A 63 -3.91 5.99 7.42
N PHE A 64 -3.53 4.78 7.17
CA PHE A 64 -3.94 4.07 5.98
C PHE A 64 -4.93 2.99 6.35
N LEU A 65 -5.98 2.89 5.58
CA LEU A 65 -7.03 1.92 5.84
C LEU A 65 -7.28 1.04 4.64
N PHE A 66 -7.64 -0.21 4.91
CA PHE A 66 -7.99 -1.16 3.88
C PHE A 66 -9.32 -1.76 4.26
N ASP A 67 -10.27 -1.76 3.32
CA ASP A 67 -11.60 -2.32 3.57
C ASP A 67 -12.29 -1.60 4.73
N GLY A 68 -11.91 -0.35 4.93
CA GLY A 68 -12.49 0.46 5.98
C GLY A 68 -11.92 0.14 7.34
N ARG A 69 -10.78 -0.52 7.38
CA ARG A 69 -10.15 -0.84 8.63
C ARG A 69 -8.68 -0.44 8.62
N ARG A 70 -8.16 -0.13 9.78
CA ARG A 70 -6.79 0.35 9.92
C ARG A 70 -5.77 -0.72 9.58
N ILE A 71 -4.77 -0.34 8.82
CA ILE A 71 -3.68 -1.24 8.46
C ILE A 71 -2.61 -1.18 9.53
N ASN A 72 -2.37 -2.29 10.19
CA ASN A 72 -1.38 -2.37 11.24
C ASN A 72 -0.18 -3.16 10.76
N ASP A 73 0.97 -2.88 11.35
CA ASP A 73 2.23 -3.55 10.99
C ASP A 73 2.20 -5.02 11.41
N ASP A 74 1.20 -5.36 12.20
CA ASP A 74 1.04 -6.71 12.69
C ASP A 74 0.26 -7.55 11.69
N ASP A 75 -0.45 -6.90 10.78
CA ASP A 75 -1.31 -7.60 9.83
C ASP A 75 -0.56 -8.44 8.82
N THR A 76 -1.20 -9.52 8.41
CA THR A 76 -0.66 -10.45 7.44
C THR A 76 -1.21 -10.13 6.04
N PRO A 77 -0.56 -10.65 4.97
CA PRO A 77 -0.98 -10.38 3.58
C PRO A 77 -2.42 -10.83 3.29
N LYS A 78 -2.85 -11.88 3.96
CA LYS A 78 -4.17 -12.44 3.76
C LYS A 78 -5.26 -11.53 4.32
N THR A 79 -4.99 -10.92 5.47
CA THR A 79 -5.96 -10.07 6.13
C THR A 79 -5.96 -8.68 5.52
N LEU A 80 -4.79 -8.28 5.02
CA LEU A 80 -4.69 -7.04 4.32
C LEU A 80 -5.33 -7.18 2.96
N GLU A 81 -5.43 -8.44 2.50
CA GLU A 81 -6.11 -8.78 1.26
C GLU A 81 -5.59 -7.97 0.06
N MET A 82 -4.33 -7.56 0.11
CA MET A 82 -3.76 -6.72 -0.93
C MET A 82 -3.24 -7.56 -2.09
N GLU A 83 -3.27 -6.97 -3.27
CA GLU A 83 -2.75 -7.57 -4.47
C GLU A 83 -2.31 -6.48 -5.42
N ASP A 84 -1.86 -6.86 -6.60
CA ASP A 84 -1.35 -5.88 -7.57
C ASP A 84 -2.35 -4.81 -7.92
N ASP A 85 -1.94 -3.57 -7.63
CA ASP A 85 -2.67 -2.36 -7.94
C ASP A 85 -4.01 -2.32 -7.21
N ASP A 86 -4.03 -2.85 -5.99
CA ASP A 86 -5.22 -2.82 -5.16
C ASP A 86 -5.39 -1.43 -4.58
N VAL A 87 -6.45 -1.23 -3.86
CA VAL A 87 -6.79 0.08 -3.36
C VAL A 87 -6.58 0.20 -1.85
N ILE A 88 -6.04 1.31 -1.46
CA ILE A 88 -5.80 1.64 -0.08
C ILE A 88 -6.30 3.04 0.22
N GLU A 89 -7.01 3.17 1.32
CA GLU A 89 -7.64 4.43 1.68
C GLU A 89 -6.80 5.21 2.68
N VAL A 90 -6.81 6.51 2.56
CA VAL A 90 -6.07 7.37 3.45
C VAL A 90 -6.95 8.47 4.00
N TYR A 91 -6.87 8.68 5.29
CA TYR A 91 -7.62 9.72 5.95
C TYR A 91 -6.72 10.94 6.14
N GLN A 92 -7.32 12.10 6.27
CA GLN A 92 -6.57 13.35 6.28
C GLN A 92 -5.69 13.46 7.52
N GLU A 93 -4.43 13.83 7.31
CA GLU A 93 -3.43 13.87 8.35
C GLU A 93 -3.71 14.92 9.42
N GLN A 94 -3.12 14.73 10.60
CA GLN A 94 -3.33 15.59 11.73
C GLN A 94 -2.63 16.92 11.54
N LEU A 95 -1.38 16.82 11.15
CA LEU A 95 -0.53 17.98 10.95
C LEU A 95 -1.00 18.84 9.79
N GLY A 96 -1.37 18.19 8.70
CA GLY A 96 -1.81 18.89 7.51
C GLY A 96 -3.10 19.65 7.71
N GLY A 97 -4.05 19.04 8.40
CA GLY A 97 -5.32 19.70 8.63
C GLY A 97 -5.63 19.82 10.10
N MET A 8 -1.97 -2.03 -16.70
CA MET A 8 -1.02 -2.97 -17.32
C MET A 8 -1.00 -2.79 -18.82
N ALA A 9 -0.16 -3.59 -19.51
CA ALA A 9 0.01 -3.48 -20.97
C ALA A 9 0.49 -2.09 -21.35
N ASP A 10 1.30 -1.53 -20.48
CA ASP A 10 1.81 -0.20 -20.66
C ASP A 10 3.25 -0.12 -20.17
N ASP A 11 3.82 1.07 -20.23
CA ASP A 11 5.19 1.32 -19.80
C ASP A 11 5.38 1.08 -18.31
N ALA A 12 4.38 1.45 -17.51
CA ALA A 12 4.47 1.30 -16.06
C ALA A 12 4.32 -0.15 -15.65
N ALA A 13 4.06 -0.99 -16.64
CA ALA A 13 3.93 -2.41 -16.39
C ALA A 13 5.31 -3.04 -16.34
N GLN A 14 5.66 -3.58 -15.18
CA GLN A 14 6.96 -4.16 -14.98
C GLN A 14 6.88 -5.30 -13.97
N ALA A 15 7.86 -6.18 -14.00
CA ALA A 15 7.92 -7.29 -13.07
C ALA A 15 8.30 -6.78 -11.68
N GLY A 16 8.96 -5.63 -11.66
CA GLY A 16 9.36 -5.02 -10.44
C GLY A 16 10.81 -5.25 -10.14
N ASP A 17 11.38 -6.28 -10.78
CA ASP A 17 12.80 -6.63 -10.60
C ASP A 17 13.09 -6.86 -9.11
N ASN A 18 12.17 -7.51 -8.44
CA ASN A 18 12.26 -7.75 -7.01
C ASN A 18 11.37 -8.92 -6.68
N ALA A 19 11.95 -10.10 -6.70
CA ALA A 19 11.23 -11.34 -6.50
C ALA A 19 10.99 -11.63 -5.03
N GLU A 20 9.99 -12.49 -4.78
CA GLU A 20 9.55 -12.87 -3.44
C GLU A 20 8.81 -11.74 -2.79
N TYR A 21 8.18 -10.97 -3.63
CA TYR A 21 7.37 -9.85 -3.24
C TYR A 21 6.06 -9.89 -3.96
N ILE A 22 5.09 -9.19 -3.42
CA ILE A 22 3.77 -9.19 -3.96
C ILE A 22 3.39 -7.78 -4.36
N LYS A 23 2.39 -7.66 -5.17
CA LYS A 23 1.95 -6.37 -5.60
C LYS A 23 0.71 -5.94 -4.82
N ILE A 24 0.63 -4.68 -4.53
CA ILE A 24 -0.50 -4.11 -3.84
C ILE A 24 -1.06 -2.94 -4.60
N LYS A 25 -2.35 -2.94 -4.82
CA LYS A 25 -2.98 -1.83 -5.48
C LYS A 25 -3.63 -0.96 -4.41
N VAL A 26 -3.00 0.14 -4.11
CA VAL A 26 -3.49 1.07 -3.13
C VAL A 26 -4.54 1.95 -3.76
N VAL A 27 -5.76 1.89 -3.25
CA VAL A 27 -6.83 2.70 -3.78
C VAL A 27 -7.27 3.72 -2.74
N GLY A 28 -7.14 4.99 -3.07
CA GLY A 28 -7.53 6.03 -2.16
C GLY A 28 -8.96 6.46 -2.34
N GLN A 29 -9.43 7.36 -1.48
CA GLN A 29 -10.79 7.87 -1.54
C GLN A 29 -11.02 8.65 -2.82
N ASP A 30 -9.98 9.32 -3.26
CA ASP A 30 -10.01 10.07 -4.52
C ASP A 30 -10.04 9.09 -5.71
N SER A 31 -10.24 7.80 -5.40
CA SER A 31 -10.22 6.72 -6.39
C SER A 31 -8.82 6.60 -6.97
N ASN A 32 -7.85 6.99 -6.16
CA ASN A 32 -6.46 7.00 -6.57
C ASN A 32 -5.83 5.66 -6.31
N GLU A 33 -5.64 4.92 -7.37
CA GLU A 33 -5.04 3.61 -7.28
C GLU A 33 -3.60 3.64 -7.77
N VAL A 34 -2.72 3.07 -6.99
CA VAL A 34 -1.32 3.00 -7.32
C VAL A 34 -0.78 1.63 -6.98
N HIS A 35 0.03 1.10 -7.86
CA HIS A 35 0.56 -0.25 -7.68
C HIS A 35 1.93 -0.23 -7.06
N PHE A 36 2.01 -0.68 -5.84
CA PHE A 36 3.26 -0.79 -5.13
C PHE A 36 3.64 -2.24 -4.95
N ARG A 37 4.93 -2.49 -4.91
CA ARG A 37 5.42 -3.83 -4.70
C ARG A 37 5.92 -3.95 -3.27
N VAL A 38 5.35 -4.87 -2.54
CA VAL A 38 5.67 -5.05 -1.13
C VAL A 38 5.86 -6.53 -0.82
N LYS A 39 6.27 -6.81 0.37
CA LYS A 39 6.51 -8.17 0.80
C LYS A 39 5.21 -8.76 1.36
N TYR A 40 5.09 -10.08 1.32
CA TYR A 40 3.93 -10.77 1.90
C TYR A 40 3.75 -10.33 3.36
N GLY A 41 4.88 -10.15 4.05
CA GLY A 41 4.86 -9.74 5.45
C GLY A 41 5.29 -8.31 5.64
N THR A 42 4.99 -7.47 4.67
CA THR A 42 5.33 -6.07 4.74
C THR A 42 4.61 -5.35 5.89
N SER A 43 5.36 -4.52 6.59
CA SER A 43 4.86 -3.74 7.70
C SER A 43 4.24 -2.44 7.19
N MET A 44 3.30 -1.88 7.95
CA MET A 44 2.58 -0.66 7.53
C MET A 44 3.51 0.47 7.09
N ALA A 45 4.70 0.52 7.66
CA ALA A 45 5.67 1.56 7.34
C ALA A 45 6.07 1.54 5.88
N LYS A 46 6.20 0.34 5.33
CA LYS A 46 6.66 0.17 3.95
C LYS A 46 5.71 0.85 2.98
N LEU A 47 4.43 0.73 3.24
CA LEU A 47 3.42 1.31 2.36
C LEU A 47 3.14 2.75 2.70
N LYS A 48 2.97 3.02 3.99
CA LYS A 48 2.66 4.35 4.45
C LYS A 48 3.76 5.33 4.12
N LYS A 49 4.99 4.94 4.39
CA LYS A 49 6.13 5.77 4.04
C LYS A 49 6.21 5.97 2.55
N SER A 50 5.97 4.89 1.82
CA SER A 50 6.08 4.90 0.37
C SER A 50 5.05 5.86 -0.25
N TYR A 51 3.80 5.71 0.16
CA TYR A 51 2.73 6.54 -0.35
C TYR A 51 2.82 7.96 0.17
N ALA A 52 3.10 8.10 1.45
CA ALA A 52 3.22 9.41 2.07
C ALA A 52 4.30 10.20 1.36
N ASP A 53 5.31 9.50 0.89
CA ASP A 53 6.43 10.09 0.19
C ASP A 53 5.98 10.75 -1.11
N ARG A 54 5.17 10.02 -1.89
CA ARG A 54 4.72 10.51 -3.19
C ARG A 54 3.76 11.68 -3.05
N THR A 55 3.05 11.72 -1.93
CA THR A 55 2.07 12.77 -1.70
C THR A 55 2.62 13.93 -0.87
N GLY A 56 3.80 13.75 -0.29
CA GLY A 56 4.41 14.80 0.52
C GLY A 56 3.68 15.01 1.83
N VAL A 57 3.18 13.92 2.39
CA VAL A 57 2.41 13.96 3.62
C VAL A 57 3.09 13.14 4.71
N ALA A 58 2.89 13.55 5.97
CA ALA A 58 3.43 12.82 7.11
C ALA A 58 3.03 11.35 7.04
N VAL A 59 3.98 10.48 7.32
CA VAL A 59 3.79 9.04 7.24
C VAL A 59 2.69 8.58 8.19
N ASN A 60 2.72 9.08 9.42
CA ASN A 60 1.71 8.70 10.41
C ASN A 60 0.39 9.40 10.15
N SER A 61 0.42 10.37 9.24
CA SER A 61 -0.79 11.07 8.85
C SER A 61 -1.48 10.33 7.72
N LEU A 62 -0.80 9.36 7.18
CA LEU A 62 -1.34 8.52 6.13
C LEU A 62 -1.90 7.26 6.76
N ARG A 63 -3.12 6.92 6.43
CA ARG A 63 -3.74 5.78 7.04
C ARG A 63 -4.17 4.78 5.99
N PHE A 64 -3.58 3.61 6.06
CA PHE A 64 -3.91 2.52 5.17
C PHE A 64 -4.72 1.48 5.88
N LEU A 65 -5.82 1.12 5.29
CA LEU A 65 -6.68 0.12 5.86
C LEU A 65 -6.86 -1.01 4.88
N PHE A 66 -6.79 -2.20 5.40
CA PHE A 66 -6.96 -3.36 4.59
C PHE A 66 -8.31 -3.94 4.88
N ASP A 67 -9.15 -3.95 3.88
CA ASP A 67 -10.52 -4.48 3.99
C ASP A 67 -11.31 -3.82 5.14
N GLY A 68 -10.90 -2.62 5.53
CA GLY A 68 -11.61 -1.87 6.53
C GLY A 68 -10.95 -1.91 7.89
N ARG A 69 -9.81 -2.57 7.98
CA ARG A 69 -9.08 -2.59 9.23
C ARG A 69 -7.70 -1.99 9.04
N ARG A 70 -7.23 -1.23 10.01
CA ARG A 70 -5.95 -0.53 9.87
C ARG A 70 -4.78 -1.48 9.83
N ILE A 71 -3.86 -1.19 8.93
CA ILE A 71 -2.66 -2.01 8.74
C ILE A 71 -1.60 -1.63 9.76
N ASN A 72 -1.13 -2.62 10.47
CA ASN A 72 -0.15 -2.46 11.53
C ASN A 72 1.23 -2.82 11.02
N ASP A 73 2.25 -2.39 11.75
CA ASP A 73 3.63 -2.78 11.43
C ASP A 73 3.91 -4.15 12.00
N ASP A 74 2.95 -4.65 12.76
CA ASP A 74 3.04 -5.94 13.43
C ASP A 74 2.26 -7.02 12.68
N ASP A 75 1.52 -6.62 11.64
CA ASP A 75 0.72 -7.55 10.85
C ASP A 75 1.58 -8.60 10.16
N THR A 76 1.01 -9.78 9.99
CA THR A 76 1.69 -10.89 9.36
C THR A 76 1.02 -11.25 8.03
N PRO A 77 1.75 -11.95 7.13
CA PRO A 77 1.24 -12.33 5.80
C PRO A 77 -0.07 -13.10 5.88
N LYS A 78 -0.16 -13.98 6.86
CA LYS A 78 -1.30 -14.83 7.05
C LYS A 78 -2.56 -14.05 7.49
N THR A 79 -2.40 -13.16 8.49
CA THR A 79 -3.54 -12.43 9.01
C THR A 79 -4.08 -11.46 7.97
N LEU A 80 -3.21 -11.02 7.08
CA LEU A 80 -3.64 -10.12 6.03
C LEU A 80 -4.08 -10.90 4.81
N GLU A 81 -3.59 -12.13 4.68
CA GLU A 81 -3.87 -13.01 3.54
C GLU A 81 -3.78 -12.25 2.21
N MET A 82 -2.71 -11.50 2.04
CA MET A 82 -2.51 -10.71 0.82
C MET A 82 -1.86 -11.56 -0.26
N GLU A 83 -1.98 -11.10 -1.49
CA GLU A 83 -1.41 -11.77 -2.62
C GLU A 83 -0.99 -10.74 -3.66
N ASP A 84 -0.48 -11.21 -4.78
CA ASP A 84 -0.02 -10.34 -5.83
C ASP A 84 -1.18 -9.54 -6.45
N ASP A 85 -1.06 -8.23 -6.36
CA ASP A 85 -2.06 -7.25 -6.87
C ASP A 85 -3.29 -7.19 -5.99
N ASP A 86 -3.09 -7.38 -4.70
CA ASP A 86 -4.21 -7.28 -3.75
C ASP A 86 -4.63 -5.83 -3.63
N VAL A 87 -5.66 -5.58 -2.88
CA VAL A 87 -6.20 -4.25 -2.81
C VAL A 87 -6.12 -3.70 -1.40
N ILE A 88 -5.72 -2.47 -1.31
CA ILE A 88 -5.54 -1.78 -0.05
C ILE A 88 -6.23 -0.42 -0.09
N GLU A 89 -6.87 -0.07 1.01
CA GLU A 89 -7.68 1.14 1.07
C GLU A 89 -6.95 2.25 1.81
N VAL A 90 -7.17 3.47 1.37
CA VAL A 90 -6.57 4.63 2.00
C VAL A 90 -7.62 5.65 2.38
N TYR A 91 -7.55 6.12 3.60
CA TYR A 91 -8.43 7.14 4.09
C TYR A 91 -7.72 8.47 4.06
N GLN A 92 -8.46 9.54 4.26
CA GLN A 92 -7.93 10.87 4.05
C GLN A 92 -6.84 11.19 5.08
N GLU A 93 -5.72 11.65 4.57
CA GLU A 93 -4.55 11.96 5.37
C GLU A 93 -4.77 13.13 6.34
N GLN A 94 -4.00 13.13 7.42
CA GLN A 94 -4.15 14.13 8.48
C GLN A 94 -3.63 15.50 8.05
N LEU A 95 -2.48 15.50 7.37
CA LEU A 95 -1.85 16.74 6.91
C LEU A 95 -2.68 17.42 5.85
N GLY A 96 -3.24 16.63 4.97
CA GLY A 96 -4.03 17.17 3.88
C GLY A 96 -5.48 17.37 4.27
N GLY A 97 -6.34 16.50 3.78
CA GLY A 97 -7.75 16.61 4.07
C GLY A 97 -8.55 16.84 2.82
N MET A 8 -5.02 -23.91 -16.75
CA MET A 8 -4.13 -23.22 -15.80
C MET A 8 -2.76 -23.03 -16.40
N ALA A 9 -2.19 -21.87 -16.24
CA ALA A 9 -0.89 -21.56 -16.81
C ALA A 9 0.12 -21.22 -15.74
N ASP A 10 1.31 -21.77 -15.86
CA ASP A 10 2.38 -21.50 -14.94
C ASP A 10 3.29 -20.41 -15.47
N ASP A 11 3.23 -19.26 -14.83
CA ASP A 11 4.06 -18.12 -15.18
C ASP A 11 5.53 -18.45 -14.99
N ALA A 12 5.81 -19.24 -13.95
CA ALA A 12 7.18 -19.67 -13.59
C ALA A 12 7.94 -18.51 -12.97
N ALA A 13 7.18 -17.59 -12.40
CA ALA A 13 7.71 -16.41 -11.73
C ALA A 13 8.51 -15.54 -12.69
N GLN A 14 7.79 -14.93 -13.64
CA GLN A 14 8.37 -14.03 -14.61
C GLN A 14 9.46 -14.71 -15.44
N ALA A 15 10.29 -13.92 -16.05
CA ALA A 15 11.38 -14.41 -16.87
C ALA A 15 12.59 -14.78 -16.00
N GLY A 16 12.45 -14.57 -14.71
CA GLY A 16 13.53 -14.84 -13.79
C GLY A 16 13.81 -13.65 -12.91
N ASP A 17 12.76 -13.10 -12.36
CA ASP A 17 12.85 -11.91 -11.53
C ASP A 17 12.46 -12.22 -10.09
N ASN A 18 13.36 -11.96 -9.17
CA ASN A 18 13.08 -12.17 -7.77
C ASN A 18 12.93 -10.84 -7.07
N ALA A 19 11.71 -10.46 -6.85
CA ALA A 19 11.40 -9.22 -6.18
C ALA A 19 10.06 -9.33 -5.48
N GLU A 20 9.07 -9.81 -6.24
CA GLU A 20 7.73 -10.08 -5.74
C GLU A 20 7.03 -8.82 -5.30
N TYR A 21 7.05 -7.83 -6.13
CA TYR A 21 6.41 -6.58 -5.81
C TYR A 21 5.19 -6.35 -6.66
N ILE A 22 4.30 -5.56 -6.13
CA ILE A 22 3.05 -5.25 -6.76
C ILE A 22 2.84 -3.73 -6.69
N LYS A 23 1.96 -3.22 -7.48
CA LYS A 23 1.63 -1.81 -7.42
C LYS A 23 0.46 -1.58 -6.51
N ILE A 24 0.46 -0.46 -5.87
CA ILE A 24 -0.65 -0.02 -5.06
C ILE A 24 -1.06 1.37 -5.42
N LYS A 25 -2.35 1.57 -5.62
CA LYS A 25 -2.83 2.89 -5.92
C LYS A 25 -3.39 3.49 -4.65
N VAL A 26 -2.65 4.41 -4.08
CA VAL A 26 -3.08 5.09 -2.91
C VAL A 26 -4.00 6.22 -3.30
N VAL A 27 -5.25 6.14 -2.89
CA VAL A 27 -6.21 7.15 -3.22
C VAL A 27 -6.50 7.98 -1.98
N GLY A 28 -6.17 9.25 -2.05
CA GLY A 28 -6.41 10.12 -0.92
C GLY A 28 -7.81 10.68 -0.93
N GLN A 29 -8.17 11.40 0.12
CA GLN A 29 -9.50 12.01 0.21
C GLN A 29 -9.62 13.14 -0.78
N ASP A 30 -8.48 13.65 -1.17
CA ASP A 30 -8.40 14.68 -2.21
C ASP A 30 -8.64 14.03 -3.57
N SER A 31 -8.90 12.72 -3.55
CA SER A 31 -9.08 11.90 -4.74
C SER A 31 -7.75 11.81 -5.45
N ASN A 32 -6.70 11.93 -4.67
CA ASN A 32 -5.35 11.87 -5.20
C ASN A 32 -4.83 10.47 -5.18
N GLU A 33 -4.76 9.87 -6.33
CA GLU A 33 -4.28 8.51 -6.47
C GLU A 33 -2.83 8.51 -6.90
N VAL A 34 -2.01 7.82 -6.14
CA VAL A 34 -0.60 7.71 -6.43
C VAL A 34 -0.17 6.26 -6.41
N HIS A 35 0.67 5.89 -7.34
CA HIS A 35 1.08 4.52 -7.49
C HIS A 35 2.40 4.26 -6.81
N PHE A 36 2.37 3.43 -5.80
CA PHE A 36 3.56 3.00 -5.10
C PHE A 36 3.84 1.53 -5.36
N ARG A 37 5.10 1.17 -5.37
CA ARG A 37 5.49 -0.20 -5.57
C ARG A 37 5.79 -0.84 -4.22
N VAL A 38 5.06 -1.88 -3.91
CA VAL A 38 5.16 -2.55 -2.62
C VAL A 38 5.16 -4.05 -2.84
N LYS A 39 5.40 -4.79 -1.80
CA LYS A 39 5.41 -6.23 -1.91
C LYS A 39 4.00 -6.77 -1.64
N TYR A 40 3.72 -8.00 -2.08
CA TYR A 40 2.42 -8.64 -1.78
C TYR A 40 2.15 -8.63 -0.27
N GLY A 41 3.21 -8.85 0.50
CA GLY A 41 3.08 -8.90 1.94
C GLY A 41 3.46 -7.63 2.60
N THR A 42 3.34 -6.54 1.89
CA THR A 42 3.64 -5.27 2.43
C THR A 42 2.64 -4.87 3.50
N SER A 43 3.18 -4.57 4.66
CA SER A 43 2.39 -4.14 5.78
C SER A 43 2.30 -2.61 5.78
N MET A 44 1.40 -2.07 6.61
CA MET A 44 1.12 -0.61 6.65
C MET A 44 2.38 0.26 6.68
N ALA A 45 3.39 -0.17 7.44
CA ALA A 45 4.60 0.63 7.64
C ALA A 45 5.32 0.90 6.33
N LYS A 46 5.33 -0.08 5.46
CA LYS A 46 6.05 0.02 4.20
C LYS A 46 5.52 1.18 3.37
N LEU A 47 4.21 1.35 3.35
CA LEU A 47 3.56 2.41 2.57
C LEU A 47 3.42 3.69 3.37
N LYS A 48 3.00 3.57 4.62
CA LYS A 48 2.75 4.74 5.46
C LYS A 48 3.98 5.54 5.66
N LYS A 49 5.06 4.88 5.99
CA LYS A 49 6.31 5.55 6.19
C LYS A 49 6.74 6.21 4.89
N SER A 50 6.53 5.50 3.80
CA SER A 50 6.88 5.98 2.47
C SER A 50 6.04 7.22 2.04
N TYR A 51 4.73 7.12 2.21
CA TYR A 51 3.81 8.20 1.84
C TYR A 51 3.91 9.37 2.78
N ALA A 52 3.95 9.08 4.07
CA ALA A 52 4.03 10.12 5.08
C ALA A 52 5.26 10.95 4.85
N ASP A 53 6.29 10.30 4.38
CA ASP A 53 7.56 10.96 4.09
C ASP A 53 7.39 12.00 2.99
N ARG A 54 6.73 11.60 1.92
CA ARG A 54 6.58 12.47 0.76
C ARG A 54 5.65 13.65 1.04
N THR A 55 4.78 13.50 2.03
CA THR A 55 3.82 14.54 2.36
C THR A 55 4.24 15.34 3.61
N GLY A 56 5.30 14.88 4.29
CA GLY A 56 5.78 15.56 5.48
C GLY A 56 4.83 15.40 6.66
N VAL A 57 4.18 14.25 6.71
CA VAL A 57 3.22 13.95 7.75
C VAL A 57 3.73 12.81 8.62
N ALA A 58 3.38 12.84 9.90
CA ALA A 58 3.75 11.78 10.82
C ALA A 58 3.23 10.44 10.31
N VAL A 59 4.07 9.42 10.40
CA VAL A 59 3.75 8.10 9.88
C VAL A 59 2.55 7.50 10.60
N ASN A 60 2.52 7.63 11.91
CA ASN A 60 1.44 7.06 12.69
C ASN A 60 0.11 7.78 12.46
N SER A 61 0.18 9.08 12.18
CA SER A 61 -1.02 9.86 11.96
C SER A 61 -1.45 9.80 10.49
N LEU A 62 -0.73 9.03 9.70
CA LEU A 62 -1.10 8.78 8.32
C LEU A 62 -1.88 7.47 8.32
N ARG A 63 -3.11 7.50 7.84
CA ARG A 63 -3.96 6.31 7.94
C ARG A 63 -4.34 5.77 6.59
N PHE A 64 -3.91 4.55 6.33
CA PHE A 64 -4.25 3.85 5.11
C PHE A 64 -5.22 2.73 5.42
N LEU A 65 -6.29 2.69 4.69
CA LEU A 65 -7.28 1.67 4.88
C LEU A 65 -7.51 0.88 3.62
N PHE A 66 -7.76 -0.39 3.79
CA PHE A 66 -8.03 -1.26 2.70
C PHE A 66 -9.43 -1.82 2.85
N ASP A 67 -10.29 -1.48 1.92
CA ASP A 67 -11.70 -1.91 1.94
C ASP A 67 -12.38 -1.57 3.27
N GLY A 68 -11.93 -0.51 3.90
CA GLY A 68 -12.54 -0.04 5.12
C GLY A 68 -11.86 -0.54 6.37
N ARG A 69 -10.83 -1.35 6.21
CA ARG A 69 -10.09 -1.83 7.35
C ARG A 69 -8.70 -1.26 7.33
N ARG A 70 -8.27 -0.84 8.46
CA ARG A 70 -6.98 -0.22 8.58
C ARG A 70 -5.88 -1.24 8.44
N ILE A 71 -4.91 -0.88 7.64
CA ILE A 71 -3.79 -1.72 7.34
C ILE A 71 -2.84 -1.72 8.54
N ASN A 72 -2.41 -2.90 8.93
CA ASN A 72 -1.59 -3.07 10.12
C ASN A 72 -0.18 -3.44 9.75
N ASP A 73 0.71 -3.42 10.71
CA ASP A 73 2.08 -3.85 10.50
C ASP A 73 2.16 -5.37 10.62
N ASP A 74 1.04 -5.97 11.02
CA ASP A 74 0.98 -7.41 11.27
C ASP A 74 0.33 -8.20 10.11
N ASP A 75 -0.39 -7.51 9.22
CA ASP A 75 -1.11 -8.21 8.15
C ASP A 75 -0.19 -8.86 7.10
N THR A 76 -0.75 -9.81 6.36
CA THR A 76 -0.02 -10.62 5.40
C THR A 76 -0.71 -10.64 4.02
N PRO A 77 -0.01 -11.13 2.95
CA PRO A 77 -0.53 -11.12 1.57
C PRO A 77 -1.89 -11.80 1.43
N LYS A 78 -2.07 -12.91 2.14
CA LYS A 78 -3.29 -13.69 2.03
C LYS A 78 -4.52 -13.00 2.63
N THR A 79 -4.29 -12.10 3.57
CA THR A 79 -5.41 -11.44 4.22
C THR A 79 -5.70 -10.12 3.55
N LEU A 80 -4.69 -9.57 2.91
CA LEU A 80 -4.85 -8.33 2.20
C LEU A 80 -5.25 -8.60 0.77
N GLU A 81 -4.91 -9.80 0.29
CA GLU A 81 -5.22 -10.25 -1.07
C GLU A 81 -4.90 -9.18 -2.13
N MET A 82 -3.89 -8.38 -1.86
CA MET A 82 -3.48 -7.31 -2.75
C MET A 82 -2.66 -7.86 -3.90
N GLU A 83 -2.69 -7.15 -5.00
CA GLU A 83 -1.97 -7.52 -6.19
C GLU A 83 -1.63 -6.27 -6.95
N ASP A 84 -1.05 -6.42 -8.12
CA ASP A 84 -0.63 -5.26 -8.90
C ASP A 84 -1.76 -4.28 -9.14
N ASP A 85 -1.47 -3.04 -8.78
CA ASP A 85 -2.33 -1.88 -9.04
C ASP A 85 -3.64 -1.97 -8.26
N ASP A 86 -3.55 -2.51 -7.04
CA ASP A 86 -4.72 -2.61 -6.16
C ASP A 86 -5.11 -1.22 -5.65
N VAL A 87 -6.17 -1.16 -4.91
CA VAL A 87 -6.71 0.10 -4.46
C VAL A 87 -6.52 0.29 -2.95
N ILE A 88 -6.12 1.48 -2.58
CA ILE A 88 -5.85 1.83 -1.20
C ILE A 88 -6.51 3.15 -0.83
N GLU A 89 -7.11 3.20 0.35
CA GLU A 89 -7.83 4.38 0.79
C GLU A 89 -7.04 5.11 1.88
N VAL A 90 -7.07 6.43 1.86
CA VAL A 90 -6.37 7.23 2.86
C VAL A 90 -7.32 8.18 3.56
N TYR A 91 -7.23 8.23 4.87
CA TYR A 91 -8.03 9.10 5.67
C TYR A 91 -7.23 10.34 6.07
N GLN A 92 -7.92 11.34 6.61
CA GLN A 92 -7.32 12.62 6.90
C GLN A 92 -6.31 12.49 8.02
N GLU A 93 -5.10 12.92 7.75
CA GLU A 93 -4.00 12.82 8.68
C GLU A 93 -4.01 13.95 9.66
N GLN A 94 -3.30 13.74 10.74
CA GLN A 94 -3.18 14.77 11.77
C GLN A 94 -2.36 15.94 11.25
N LEU A 95 -1.30 15.63 10.50
CA LEU A 95 -0.43 16.66 9.93
C LEU A 95 -0.72 16.87 8.46
N GLY A 96 -1.74 16.17 7.96
CA GLY A 96 -2.12 16.28 6.58
C GLY A 96 -3.19 17.33 6.39
N GLY A 97 -3.86 17.30 5.25
CA GLY A 97 -4.89 18.26 5.00
C GLY A 97 -6.26 17.67 5.22
N MET A 8 -4.61 -25.09 -23.11
CA MET A 8 -4.78 -24.53 -21.77
C MET A 8 -3.45 -24.17 -21.14
N ALA A 9 -3.28 -22.89 -20.87
CA ALA A 9 -2.07 -22.37 -20.28
C ALA A 9 -2.38 -21.10 -19.53
N ASP A 10 -1.53 -20.73 -18.59
CA ASP A 10 -1.75 -19.53 -17.81
C ASP A 10 -1.33 -18.30 -18.61
N ASP A 11 -1.53 -17.13 -18.05
CA ASP A 11 -1.19 -15.89 -18.75
C ASP A 11 0.32 -15.74 -18.86
N ALA A 12 1.02 -16.21 -17.82
CA ALA A 12 2.48 -16.18 -17.77
C ALA A 12 3.01 -14.75 -17.81
N ALA A 13 2.23 -13.83 -17.28
CA ALA A 13 2.60 -12.44 -17.25
C ALA A 13 3.22 -12.08 -15.91
N GLN A 14 4.36 -11.42 -15.97
CA GLN A 14 5.05 -11.00 -14.78
C GLN A 14 5.77 -9.69 -15.04
N ALA A 15 6.12 -9.01 -13.96
CA ALA A 15 6.85 -7.76 -14.06
C ALA A 15 8.22 -7.99 -14.70
N GLY A 16 8.82 -9.12 -14.38
CA GLY A 16 10.12 -9.46 -14.91
C GLY A 16 11.21 -9.11 -13.93
N ASP A 17 10.82 -8.44 -12.87
CA ASP A 17 11.74 -8.04 -11.81
C ASP A 17 12.33 -9.26 -11.13
N ASN A 18 11.48 -10.28 -10.94
CA ASN A 18 11.84 -11.50 -10.21
C ASN A 18 12.32 -11.11 -8.84
N ALA A 19 11.55 -10.26 -8.22
CA ALA A 19 11.87 -9.69 -6.98
C ALA A 19 10.88 -10.16 -5.98
N GLU A 20 11.04 -9.74 -4.77
CA GLU A 20 10.20 -10.20 -3.72
C GLU A 20 9.21 -9.15 -3.30
N TYR A 21 8.86 -8.31 -4.23
CA TYR A 21 7.94 -7.21 -3.98
C TYR A 21 6.87 -7.12 -5.04
N ILE A 22 5.76 -6.54 -4.66
CA ILE A 22 4.59 -6.41 -5.49
C ILE A 22 4.22 -4.94 -5.64
N LYS A 23 3.41 -4.62 -6.60
CA LYS A 23 2.96 -3.25 -6.79
C LYS A 23 1.68 -3.01 -6.04
N ILE A 24 1.50 -1.83 -5.51
CA ILE A 24 0.24 -1.44 -4.91
C ILE A 24 -0.13 -0.02 -5.26
N LYS A 25 -1.37 0.18 -5.65
CA LYS A 25 -1.84 1.49 -5.98
C LYS A 25 -2.55 2.09 -4.77
N VAL A 26 -1.90 3.04 -4.13
CA VAL A 26 -2.49 3.74 -3.01
C VAL A 26 -3.40 4.83 -3.55
N VAL A 27 -4.68 4.72 -3.26
CA VAL A 27 -5.65 5.69 -3.71
C VAL A 27 -6.21 6.48 -2.53
N GLY A 28 -5.97 7.78 -2.54
CA GLY A 28 -6.45 8.61 -1.46
C GLY A 28 -7.81 9.20 -1.75
N GLN A 29 -8.40 9.83 -0.73
CA GLN A 29 -9.72 10.47 -0.88
C GLN A 29 -9.64 11.64 -1.83
N ASP A 30 -8.47 12.23 -1.90
CA ASP A 30 -8.19 13.31 -2.84
C ASP A 30 -8.15 12.75 -4.28
N SER A 31 -8.46 11.45 -4.41
CA SER A 31 -8.41 10.72 -5.67
C SER A 31 -6.97 10.61 -6.13
N ASN A 32 -6.08 10.62 -5.14
CA ASN A 32 -4.65 10.54 -5.40
C ASN A 32 -4.18 9.11 -5.38
N GLU A 33 -3.92 8.59 -6.54
CA GLU A 33 -3.40 7.25 -6.66
C GLU A 33 -1.91 7.30 -6.92
N VAL A 34 -1.18 6.55 -6.14
CA VAL A 34 0.24 6.48 -6.28
C VAL A 34 0.70 5.04 -6.26
N HIS A 35 1.66 4.73 -7.10
CA HIS A 35 2.14 3.37 -7.23
C HIS A 35 3.35 3.14 -6.35
N PHE A 36 3.17 2.31 -5.36
CA PHE A 36 4.24 1.92 -4.46
C PHE A 36 4.63 0.49 -4.65
N ARG A 37 5.90 0.21 -4.45
CA ARG A 37 6.37 -1.15 -4.52
C ARG A 37 6.62 -1.63 -3.10
N VAL A 38 5.88 -2.61 -2.69
CA VAL A 38 5.95 -3.14 -1.34
C VAL A 38 5.89 -4.65 -1.38
N LYS A 39 6.09 -5.28 -0.27
CA LYS A 39 6.10 -6.72 -0.19
C LYS A 39 4.69 -7.24 0.08
N TYR A 40 4.46 -8.51 -0.23
CA TYR A 40 3.19 -9.16 0.10
C TYR A 40 2.90 -9.01 1.60
N GLY A 41 3.96 -9.12 2.40
CA GLY A 41 3.82 -9.05 3.83
C GLY A 41 4.20 -7.70 4.39
N THR A 42 4.06 -6.67 3.57
CA THR A 42 4.36 -5.34 4.00
C THR A 42 3.33 -4.80 4.98
N SER A 43 3.83 -4.31 6.09
CA SER A 43 3.02 -3.77 7.15
C SER A 43 2.84 -2.27 6.99
N MET A 44 1.86 -1.71 7.69
CA MET A 44 1.48 -0.29 7.57
C MET A 44 2.67 0.68 7.61
N ALA A 45 3.65 0.42 8.45
CA ALA A 45 4.77 1.33 8.63
C ALA A 45 5.54 1.55 7.34
N LYS A 46 5.68 0.50 6.56
CA LYS A 46 6.47 0.55 5.34
C LYS A 46 5.90 1.58 4.37
N LEU A 47 4.57 1.61 4.28
CA LEU A 47 3.88 2.52 3.37
C LEU A 47 3.60 3.88 4.01
N LYS A 48 3.14 3.86 5.25
CA LYS A 48 2.77 5.09 5.95
C LYS A 48 3.94 5.99 6.15
N LYS A 49 5.04 5.42 6.57
CA LYS A 49 6.25 6.18 6.72
C LYS A 49 6.66 6.75 5.38
N SER A 50 6.57 5.91 4.36
CA SER A 50 6.98 6.28 3.01
C SER A 50 6.10 7.41 2.43
N TYR A 51 4.79 7.22 2.47
CA TYR A 51 3.85 8.18 1.93
C TYR A 51 3.86 9.47 2.72
N ALA A 52 3.82 9.35 4.03
CA ALA A 52 3.84 10.51 4.89
C ALA A 52 5.11 11.30 4.66
N ASP A 53 6.18 10.57 4.40
CA ASP A 53 7.50 11.17 4.20
C ASP A 53 7.53 12.04 2.97
N ARG A 54 7.00 11.52 1.87
CA ARG A 54 7.00 12.24 0.59
C ARG A 54 6.13 13.50 0.66
N THR A 55 5.12 13.46 1.51
CA THR A 55 4.22 14.59 1.65
C THR A 55 4.67 15.52 2.78
N GLY A 56 5.66 15.07 3.55
CA GLY A 56 6.18 15.89 4.64
C GLY A 56 5.22 16.04 5.79
N VAL A 57 4.40 15.02 6.01
CA VAL A 57 3.42 15.06 7.08
C VAL A 57 3.75 13.98 8.12
N ALA A 58 3.07 14.03 9.26
CA ALA A 58 3.27 13.04 10.31
C ALA A 58 2.94 11.64 9.80
N VAL A 59 3.77 10.68 10.15
CA VAL A 59 3.57 9.30 9.75
C VAL A 59 2.26 8.79 10.32
N ASN A 60 2.04 9.09 11.58
CA ASN A 60 0.84 8.66 12.28
C ASN A 60 -0.39 9.42 11.80
N SER A 61 -0.20 10.59 11.21
CA SER A 61 -1.33 11.37 10.70
C SER A 61 -1.85 10.76 9.42
N LEU A 62 -1.08 9.86 8.85
CA LEU A 62 -1.48 9.16 7.64
C LEU A 62 -2.14 7.85 8.04
N ARG A 63 -3.27 7.57 7.45
CA ARG A 63 -3.98 6.35 7.76
C ARG A 63 -4.33 5.60 6.50
N PHE A 64 -3.83 4.38 6.41
CA PHE A 64 -4.07 3.53 5.27
C PHE A 64 -4.96 2.38 5.64
N LEU A 65 -5.94 2.12 4.81
CA LEU A 65 -6.86 1.03 5.02
C LEU A 65 -6.91 0.13 3.80
N PHE A 66 -7.09 -1.13 4.05
CA PHE A 66 -7.24 -2.09 2.99
C PHE A 66 -8.59 -2.72 3.08
N ASP A 67 -9.39 -2.55 2.05
CA ASP A 67 -10.75 -3.12 1.99
C ASP A 67 -11.58 -2.72 3.23
N GLY A 68 -11.28 -1.57 3.77
CA GLY A 68 -12.04 -1.05 4.90
C GLY A 68 -11.47 -1.46 6.24
N ARG A 69 -10.32 -2.13 6.24
CA ARG A 69 -9.68 -2.51 7.48
C ARG A 69 -8.35 -1.82 7.59
N ARG A 70 -8.02 -1.45 8.79
CA ARG A 70 -6.82 -0.70 9.06
C ARG A 70 -5.60 -1.55 8.92
N ILE A 71 -4.65 -1.07 8.15
CA ILE A 71 -3.40 -1.78 7.96
C ILE A 71 -2.53 -1.49 9.17
N ASN A 72 -1.99 -2.51 9.77
CA ASN A 72 -1.26 -2.37 11.01
C ASN A 72 0.14 -2.96 10.90
N ASP A 73 0.90 -2.81 11.95
CA ASP A 73 2.25 -3.37 12.00
C ASP A 73 2.20 -4.84 12.40
N ASP A 74 1.03 -5.30 12.75
CA ASP A 74 0.85 -6.68 13.23
C ASP A 74 0.26 -7.59 12.17
N ASP A 75 -0.25 -7.02 11.09
CA ASP A 75 -0.90 -7.81 10.06
C ASP A 75 0.08 -8.67 9.24
N THR A 76 -0.49 -9.62 8.52
CA THR A 76 0.28 -10.57 7.76
C THR A 76 -0.11 -10.55 6.29
N PRO A 77 0.78 -11.05 5.40
CA PRO A 77 0.55 -11.01 3.94
C PRO A 77 -0.73 -11.72 3.49
N LYS A 78 -1.15 -12.77 4.21
CA LYS A 78 -2.32 -13.50 3.78
C LYS A 78 -3.62 -12.80 4.20
N THR A 79 -3.58 -12.04 5.31
CA THR A 79 -4.77 -11.32 5.74
C THR A 79 -4.92 -10.07 4.91
N LEU A 80 -3.79 -9.52 4.48
CA LEU A 80 -3.79 -8.38 3.60
C LEU A 80 -4.13 -8.83 2.19
N GLU A 81 -3.89 -10.12 1.92
CA GLU A 81 -4.19 -10.76 0.64
C GLU A 81 -3.73 -9.91 -0.57
N MET A 82 -2.62 -9.21 -0.40
CA MET A 82 -2.09 -8.32 -1.42
C MET A 82 -1.49 -9.09 -2.59
N GLU A 83 -1.49 -8.46 -3.75
CA GLU A 83 -0.93 -9.03 -4.95
C GLU A 83 -0.43 -7.89 -5.83
N ASP A 84 0.20 -8.23 -6.93
CA ASP A 84 0.77 -7.23 -7.82
C ASP A 84 -0.28 -6.24 -8.33
N ASP A 85 -0.02 -4.98 -8.04
CA ASP A 85 -0.82 -3.81 -8.45
C ASP A 85 -2.20 -3.82 -7.79
N ASP A 86 -2.26 -4.30 -6.54
CA ASP A 86 -3.50 -4.27 -5.77
C ASP A 86 -3.75 -2.84 -5.31
N VAL A 87 -4.83 -2.61 -4.63
CA VAL A 87 -5.19 -1.26 -4.25
C VAL A 87 -5.22 -1.06 -2.74
N ILE A 88 -4.88 0.14 -2.34
CA ILE A 88 -4.88 0.56 -0.96
C ILE A 88 -5.66 1.87 -0.81
N GLU A 89 -6.45 1.97 0.25
CA GLU A 89 -7.30 3.12 0.44
C GLU A 89 -6.73 4.04 1.53
N VAL A 90 -6.82 5.32 1.31
CA VAL A 90 -6.28 6.30 2.25
C VAL A 90 -7.32 7.32 2.66
N TYR A 91 -7.37 7.57 3.95
CA TYR A 91 -8.27 8.54 4.52
C TYR A 91 -7.52 9.85 4.78
N GLN A 92 -8.25 10.90 5.08
CA GLN A 92 -7.66 12.23 5.20
C GLN A 92 -6.70 12.32 6.39
N GLU A 93 -5.52 12.88 6.13
CA GLU A 93 -4.45 13.00 7.11
C GLU A 93 -4.86 13.83 8.30
N GLN A 94 -4.27 13.55 9.43
CA GLN A 94 -4.55 14.28 10.64
C GLN A 94 -4.03 15.71 10.55
N LEU A 95 -2.83 15.86 9.97
CA LEU A 95 -2.21 17.18 9.83
C LEU A 95 -2.17 17.62 8.37
N GLY A 96 -2.64 16.76 7.50
CA GLY A 96 -2.62 17.07 6.08
C GLY A 96 -3.99 17.48 5.61
N GLY A 97 -4.49 16.78 4.62
CA GLY A 97 -5.81 17.07 4.12
C GLY A 97 -5.78 17.73 2.78
N MET A 8 11.74 -19.53 -26.06
CA MET A 8 10.73 -18.50 -25.77
C MET A 8 9.38 -19.14 -25.49
N ALA A 9 8.66 -18.60 -24.53
CA ALA A 9 7.34 -19.09 -24.22
C ALA A 9 6.31 -18.06 -24.64
N ASP A 10 5.37 -18.47 -25.47
CA ASP A 10 4.32 -17.57 -25.94
C ASP A 10 3.39 -17.21 -24.80
N ASP A 11 3.31 -18.11 -23.80
CA ASP A 11 2.55 -17.85 -22.59
C ASP A 11 3.15 -16.66 -21.85
N ALA A 12 4.48 -16.64 -21.81
CA ALA A 12 5.24 -15.57 -21.17
C ALA A 12 4.97 -15.48 -19.68
N ALA A 13 5.50 -16.43 -18.93
CA ALA A 13 5.34 -16.42 -17.49
C ALA A 13 6.34 -15.45 -16.88
N GLN A 14 5.83 -14.36 -16.31
CA GLN A 14 6.65 -13.31 -15.74
C GLN A 14 7.60 -12.71 -16.79
N ALA A 15 8.44 -11.80 -16.35
CA ALA A 15 9.43 -11.20 -17.21
C ALA A 15 10.81 -11.76 -16.89
N GLY A 16 10.85 -12.60 -15.87
CA GLY A 16 12.10 -13.17 -15.44
C GLY A 16 12.55 -12.56 -14.13
N ASP A 17 11.89 -12.96 -13.06
CA ASP A 17 12.16 -12.39 -11.75
C ASP A 17 12.26 -13.53 -10.73
N ASN A 18 12.84 -13.23 -9.58
CA ASN A 18 13.04 -14.22 -8.52
C ASN A 18 12.31 -13.84 -7.26
N ALA A 19 11.45 -12.86 -7.36
CA ALA A 19 10.71 -12.38 -6.22
C ALA A 19 9.33 -11.96 -6.63
N GLU A 20 8.45 -11.85 -5.67
CA GLU A 20 7.08 -11.50 -5.97
C GLU A 20 6.58 -10.37 -5.11
N TYR A 21 6.10 -9.34 -5.76
CA TYR A 21 5.54 -8.19 -5.10
C TYR A 21 4.20 -7.88 -5.68
N ILE A 22 3.39 -7.19 -4.93
CA ILE A 22 2.05 -6.88 -5.33
C ILE A 22 1.92 -5.39 -5.50
N LYS A 23 0.92 -4.97 -6.19
CA LYS A 23 0.71 -3.57 -6.39
C LYS A 23 -0.42 -3.09 -5.51
N ILE A 24 -0.29 -1.92 -5.00
CA ILE A 24 -1.31 -1.32 -4.17
C ILE A 24 -1.74 0.01 -4.74
N LYS A 25 -3.03 0.16 -4.90
CA LYS A 25 -3.55 1.40 -5.38
C LYS A 25 -4.11 2.16 -4.19
N VAL A 26 -3.37 3.16 -3.75
CA VAL A 26 -3.77 3.97 -2.62
C VAL A 26 -4.75 5.04 -3.07
N VAL A 27 -5.92 5.05 -2.47
CA VAL A 27 -6.94 6.03 -2.82
C VAL A 27 -7.13 7.02 -1.67
N GLY A 28 -6.93 8.29 -1.98
CA GLY A 28 -7.07 9.32 -0.97
C GLY A 28 -8.47 9.90 -0.90
N GLN A 29 -8.63 10.94 -0.10
CA GLN A 29 -9.94 11.58 0.12
C GLN A 29 -10.51 12.21 -1.13
N ASP A 30 -9.66 12.81 -1.93
CA ASP A 30 -10.08 13.43 -3.17
C ASP A 30 -10.06 12.39 -4.27
N SER A 31 -10.13 11.12 -3.86
CA SER A 31 -10.08 9.98 -4.76
C SER A 31 -8.73 9.91 -5.44
N ASN A 32 -7.71 10.36 -4.71
CA ASN A 32 -6.35 10.39 -5.25
C ASN A 32 -5.76 9.01 -5.20
N GLU A 33 -5.65 8.37 -6.32
CA GLU A 33 -5.09 7.05 -6.37
C GLU A 33 -3.66 7.07 -6.89
N VAL A 34 -2.81 6.33 -6.22
CA VAL A 34 -1.41 6.21 -6.58
C VAL A 34 -0.99 4.75 -6.49
N HIS A 35 -0.17 4.32 -7.41
CA HIS A 35 0.22 2.93 -7.46
C HIS A 35 1.60 2.70 -6.89
N PHE A 36 1.65 1.98 -5.79
CA PHE A 36 2.89 1.59 -5.17
C PHE A 36 3.06 0.09 -5.22
N ARG A 37 4.29 -0.35 -5.31
CA ARG A 37 4.57 -1.77 -5.32
C ARG A 37 5.10 -2.19 -3.95
N VAL A 38 4.39 -3.10 -3.33
CA VAL A 38 4.73 -3.59 -1.99
C VAL A 38 4.64 -5.10 -1.97
N LYS A 39 5.06 -5.70 -0.90
CA LYS A 39 5.01 -7.13 -0.77
C LYS A 39 3.68 -7.56 -0.16
N TYR A 40 3.33 -8.82 -0.30
CA TYR A 40 2.12 -9.35 0.34
C TYR A 40 2.19 -9.11 1.85
N GLY A 41 3.39 -9.29 2.41
CA GLY A 41 3.58 -9.11 3.83
C GLY A 41 4.22 -7.79 4.16
N THR A 42 3.91 -6.78 3.37
CA THR A 42 4.41 -5.46 3.59
C THR A 42 3.82 -4.83 4.86
N SER A 43 4.70 -4.24 5.66
CA SER A 43 4.31 -3.62 6.91
C SER A 43 3.72 -2.25 6.64
N MET A 44 2.98 -1.71 7.62
CA MET A 44 2.37 -0.39 7.46
C MET A 44 3.41 0.68 7.21
N ALA A 45 4.59 0.48 7.79
CA ALA A 45 5.67 1.44 7.68
C ALA A 45 6.12 1.64 6.25
N LYS A 46 6.11 0.57 5.49
CA LYS A 46 6.61 0.59 4.12
C LYS A 46 5.79 1.58 3.27
N LEU A 47 4.50 1.60 3.49
CA LEU A 47 3.63 2.51 2.74
C LEU A 47 3.49 3.88 3.40
N LYS A 48 3.27 3.88 4.71
CA LYS A 48 3.06 5.13 5.46
C LYS A 48 4.26 6.02 5.40
N LYS A 49 5.41 5.45 5.61
CA LYS A 49 6.66 6.18 5.51
C LYS A 49 6.83 6.72 4.11
N SER A 50 6.50 5.88 3.14
CA SER A 50 6.68 6.21 1.74
C SER A 50 5.71 7.32 1.26
N TYR A 51 4.43 7.14 1.55
CA TYR A 51 3.42 8.09 1.12
C TYR A 51 3.53 9.41 1.85
N ALA A 52 3.67 9.34 3.18
CA ALA A 52 3.79 10.54 3.99
C ALA A 52 5.02 11.32 3.58
N ASP A 53 5.99 10.58 3.09
CA ASP A 53 7.25 11.15 2.63
C ASP A 53 7.05 12.08 1.45
N ARG A 54 6.27 11.64 0.46
CA ARG A 54 6.10 12.42 -0.77
C ARG A 54 5.30 13.68 -0.49
N THR A 55 4.42 13.61 0.48
CA THR A 55 3.53 14.70 0.79
C THR A 55 4.12 15.63 1.86
N GLY A 56 5.05 15.11 2.65
CA GLY A 56 5.67 15.91 3.67
C GLY A 56 4.84 16.00 4.94
N VAL A 57 3.99 15.01 5.14
CA VAL A 57 3.15 14.96 6.33
C VAL A 57 3.78 14.01 7.34
N ALA A 58 3.42 14.15 8.61
CA ALA A 58 3.92 13.27 9.64
C ALA A 58 3.52 11.83 9.32
N VAL A 59 4.48 10.92 9.42
CA VAL A 59 4.24 9.52 9.10
C VAL A 59 3.18 8.94 10.01
N ASN A 60 3.31 9.25 11.28
CA ASN A 60 2.38 8.75 12.29
C ASN A 60 0.99 9.34 12.08
N SER A 61 0.94 10.57 11.59
CA SER A 61 -0.32 11.25 11.39
C SER A 61 -1.05 10.75 10.14
N LEU A 62 -0.35 10.00 9.31
CA LEU A 62 -0.93 9.50 8.07
C LEU A 62 -1.45 8.09 8.31
N ARG A 63 -2.70 7.84 7.96
CA ARG A 63 -3.30 6.56 8.24
C ARG A 63 -3.80 5.87 6.98
N PHE A 64 -3.35 4.64 6.80
CA PHE A 64 -3.83 3.81 5.72
C PHE A 64 -4.76 2.76 6.27
N LEU A 65 -5.91 2.63 5.69
CA LEU A 65 -6.88 1.69 6.15
C LEU A 65 -7.33 0.79 5.03
N PHE A 66 -7.64 -0.43 5.37
CA PHE A 66 -8.13 -1.37 4.41
C PHE A 66 -9.52 -1.79 4.82
N ASP A 67 -10.51 -1.45 4.01
CA ASP A 67 -11.93 -1.75 4.30
C ASP A 67 -12.36 -1.19 5.65
N GLY A 68 -11.75 -0.09 6.05
CA GLY A 68 -12.15 0.57 7.28
C GLY A 68 -11.38 0.11 8.49
N ARG A 69 -10.36 -0.71 8.29
CA ARG A 69 -9.52 -1.13 9.39
C ARG A 69 -8.09 -0.72 9.13
N ARG A 70 -7.46 -0.22 10.15
CA ARG A 70 -6.11 0.30 10.05
C ARG A 70 -5.10 -0.76 9.76
N ILE A 71 -4.14 -0.41 8.94
CA ILE A 71 -3.07 -1.32 8.55
C ILE A 71 -1.88 -1.09 9.45
N ASN A 72 -1.47 -2.13 10.15
CA ASN A 72 -0.35 -2.04 11.07
C ASN A 72 0.77 -2.99 10.68
N ASP A 73 1.94 -2.76 11.25
CA ASP A 73 3.12 -3.60 10.99
C ASP A 73 2.93 -4.96 11.63
N ASP A 74 1.92 -5.05 12.47
CA ASP A 74 1.60 -6.28 13.19
C ASP A 74 0.79 -7.22 12.32
N ASP A 75 0.16 -6.68 11.29
CA ASP A 75 -0.72 -7.47 10.44
C ASP A 75 0.04 -8.37 9.49
N THR A 76 -0.51 -9.55 9.26
CA THR A 76 0.06 -10.52 8.35
C THR A 76 -0.52 -10.32 6.96
N PRO A 77 0.13 -10.85 5.91
CA PRO A 77 -0.37 -10.76 4.53
C PRO A 77 -1.73 -11.42 4.38
N LYS A 78 -2.01 -12.40 5.24
CA LYS A 78 -3.22 -13.13 5.19
C LYS A 78 -4.37 -12.33 5.80
N THR A 79 -4.12 -11.63 6.90
CA THR A 79 -5.17 -10.86 7.54
C THR A 79 -5.44 -9.57 6.75
N LEU A 80 -4.40 -9.03 6.10
CA LEU A 80 -4.57 -7.84 5.28
C LEU A 80 -5.31 -8.18 4.01
N GLU A 81 -5.21 -9.45 3.60
CA GLU A 81 -5.95 -9.99 2.46
C GLU A 81 -5.78 -9.14 1.16
N MET A 82 -4.69 -8.41 1.08
CA MET A 82 -4.42 -7.58 -0.10
C MET A 82 -3.87 -8.41 -1.24
N GLU A 83 -3.95 -7.89 -2.45
CA GLU A 83 -3.49 -8.60 -3.62
C GLU A 83 -2.87 -7.62 -4.60
N ASP A 84 -2.43 -8.14 -5.74
CA ASP A 84 -1.80 -7.33 -6.75
C ASP A 84 -2.80 -6.35 -7.36
N ASP A 85 -2.50 -5.07 -7.20
CA ASP A 85 -3.28 -3.95 -7.72
C ASP A 85 -4.60 -3.81 -6.97
N ASP A 86 -4.56 -4.13 -5.68
CA ASP A 86 -5.74 -3.97 -4.84
C ASP A 86 -5.79 -2.54 -4.36
N VAL A 87 -6.82 -2.19 -3.64
CA VAL A 87 -7.01 -0.83 -3.23
C VAL A 87 -6.81 -0.65 -1.74
N ILE A 88 -6.36 0.52 -1.39
CA ILE A 88 -6.09 0.88 -0.02
C ILE A 88 -6.60 2.30 0.24
N GLU A 89 -7.20 2.50 1.40
CA GLU A 89 -7.82 3.78 1.72
C GLU A 89 -6.93 4.62 2.61
N VAL A 90 -6.99 5.92 2.42
CA VAL A 90 -6.26 6.86 3.26
C VAL A 90 -7.22 7.78 3.97
N TYR A 91 -7.06 7.87 5.25
CA TYR A 91 -7.86 8.75 6.06
C TYR A 91 -7.11 10.01 6.36
N GLN A 92 -7.79 11.00 6.91
CA GLN A 92 -7.20 12.30 7.13
C GLN A 92 -6.11 12.24 8.18
N GLU A 93 -5.14 13.10 8.02
CA GLU A 93 -3.97 13.13 8.85
C GLU A 93 -4.10 14.13 10.00
N GLN A 94 -3.32 13.88 11.04
CA GLN A 94 -3.28 14.76 12.23
C GLN A 94 -2.71 16.12 11.89
N LEU A 95 -1.67 16.14 11.07
CA LEU A 95 -1.05 17.38 10.64
C LEU A 95 -2.06 18.18 9.83
N GLY A 96 -2.79 17.47 9.00
CA GLY A 96 -3.83 18.09 8.20
C GLY A 96 -3.43 18.30 6.77
N GLY A 97 -4.41 18.36 5.89
CA GLY A 97 -4.16 18.59 4.50
C GLY A 97 -5.28 19.36 3.85
N MET A 8 -1.65 3.76 -17.83
CA MET A 8 -0.18 3.81 -17.80
C MET A 8 0.34 5.12 -18.37
N ALA A 9 1.35 5.66 -17.72
CA ALA A 9 2.03 6.85 -18.20
C ALA A 9 3.40 6.45 -18.69
N ASP A 10 3.73 6.84 -19.92
CA ASP A 10 4.99 6.42 -20.57
C ASP A 10 4.93 4.91 -20.83
N ASP A 11 5.97 4.32 -21.41
CA ASP A 11 5.98 2.88 -21.62
C ASP A 11 6.01 2.17 -20.29
N ALA A 12 6.76 2.75 -19.35
CA ALA A 12 6.88 2.25 -17.99
C ALA A 12 7.36 0.80 -17.98
N ALA A 13 8.20 0.45 -18.94
CA ALA A 13 8.70 -0.90 -19.05
C ALA A 13 9.86 -1.08 -18.10
N GLN A 14 9.51 -1.47 -16.91
CA GLN A 14 10.47 -1.66 -15.84
C GLN A 14 10.95 -3.09 -15.82
N ALA A 15 12.05 -3.32 -15.15
CA ALA A 15 12.54 -4.63 -14.97
C ALA A 15 12.03 -5.11 -13.65
N GLY A 16 11.35 -6.24 -13.65
CA GLY A 16 10.75 -6.73 -12.44
C GLY A 16 11.74 -7.26 -11.41
N ASP A 17 12.62 -6.39 -10.95
CA ASP A 17 13.60 -6.76 -9.93
C ASP A 17 12.98 -6.59 -8.55
N ASN A 18 12.00 -7.42 -8.28
CA ASN A 18 11.30 -7.42 -7.01
C ASN A 18 10.39 -8.63 -6.96
N ALA A 19 10.93 -9.74 -7.42
CA ALA A 19 10.21 -10.98 -7.49
C ALA A 19 10.15 -11.65 -6.13
N GLU A 20 9.21 -12.58 -5.98
CA GLU A 20 8.95 -13.30 -4.73
C GLU A 20 8.32 -12.37 -3.73
N TYR A 21 7.50 -11.50 -4.26
CA TYR A 21 6.74 -10.54 -3.49
C TYR A 21 5.30 -10.55 -3.95
N ILE A 22 4.45 -9.93 -3.19
CA ILE A 22 3.04 -9.94 -3.48
C ILE A 22 2.62 -8.57 -3.96
N LYS A 23 1.52 -8.50 -4.60
CA LYS A 23 1.06 -7.27 -5.14
C LYS A 23 -0.14 -6.80 -4.37
N ILE A 24 -0.25 -5.52 -4.21
CA ILE A 24 -1.37 -4.94 -3.51
C ILE A 24 -1.99 -3.82 -4.31
N LYS A 25 -3.30 -3.85 -4.41
CA LYS A 25 -4.00 -2.78 -5.05
C LYS A 25 -4.48 -1.81 -4.00
N VAL A 26 -3.83 -0.69 -3.91
CA VAL A 26 -4.21 0.32 -2.98
C VAL A 26 -5.37 1.11 -3.56
N VAL A 27 -6.49 1.06 -2.90
CA VAL A 27 -7.67 1.76 -3.33
C VAL A 27 -8.01 2.88 -2.34
N GLY A 28 -8.02 4.09 -2.83
CA GLY A 28 -8.32 5.23 -1.99
C GLY A 28 -9.80 5.51 -1.88
N GLN A 29 -10.13 6.59 -1.20
CA GLN A 29 -11.52 6.97 -0.96
C GLN A 29 -12.26 7.27 -2.25
N ASP A 30 -11.58 7.88 -3.19
CA ASP A 30 -12.18 8.19 -4.47
C ASP A 30 -11.97 7.02 -5.41
N SER A 31 -11.76 5.84 -4.82
CA SER A 31 -11.50 4.62 -5.55
C SER A 31 -10.20 4.73 -6.32
N ASN A 32 -9.24 5.37 -5.68
CA ASN A 32 -7.93 5.56 -6.29
C ASN A 32 -7.12 4.29 -6.15
N GLU A 33 -7.02 3.53 -7.21
CA GLU A 33 -6.34 2.25 -7.18
C GLU A 33 -4.97 2.31 -7.83
N VAL A 34 -3.96 1.84 -7.11
CA VAL A 34 -2.60 1.78 -7.61
C VAL A 34 -1.92 0.49 -7.11
N HIS A 35 -1.08 -0.08 -7.96
CA HIS A 35 -0.40 -1.34 -7.62
C HIS A 35 0.95 -1.10 -6.95
N PHE A 36 1.04 -1.57 -5.73
CA PHE A 36 2.30 -1.59 -5.00
C PHE A 36 2.75 -3.02 -4.80
N ARG A 37 4.03 -3.24 -4.84
CA ARG A 37 4.58 -4.57 -4.64
C ARG A 37 5.27 -4.65 -3.30
N VAL A 38 4.80 -5.53 -2.45
CA VAL A 38 5.35 -5.70 -1.11
C VAL A 38 5.45 -7.18 -0.76
N LYS A 39 6.03 -7.46 0.37
CA LYS A 39 6.20 -8.82 0.84
C LYS A 39 4.98 -9.28 1.63
N TYR A 40 4.81 -10.59 1.78
CA TYR A 40 3.71 -11.13 2.58
C TYR A 40 3.80 -10.58 4.00
N GLY A 41 5.02 -10.57 4.54
CA GLY A 41 5.24 -10.11 5.90
C GLY A 41 5.60 -8.66 5.96
N THR A 42 5.25 -7.93 4.92
CA THR A 42 5.52 -6.52 4.86
C THR A 42 4.84 -5.75 5.99
N SER A 43 5.56 -4.79 6.53
CA SER A 43 5.06 -3.94 7.59
C SER A 43 4.42 -2.70 6.98
N MET A 44 3.54 -2.04 7.74
CA MET A 44 2.80 -0.88 7.23
C MET A 44 3.72 0.19 6.62
N ALA A 45 4.92 0.33 7.18
CA ALA A 45 5.86 1.35 6.73
C ALA A 45 6.25 1.15 5.27
N LYS A 46 6.36 -0.10 4.85
CA LYS A 46 6.82 -0.41 3.49
C LYS A 46 5.89 0.23 2.46
N LEU A 47 4.60 0.17 2.71
CA LEU A 47 3.62 0.73 1.79
C LEU A 47 3.35 2.19 2.07
N LYS A 48 3.17 2.50 3.34
CA LYS A 48 2.83 3.85 3.76
C LYS A 48 3.89 4.84 3.40
N LYS A 49 5.12 4.49 3.64
CA LYS A 49 6.23 5.35 3.25
C LYS A 49 6.22 5.51 1.75
N SER A 50 6.01 4.41 1.07
CA SER A 50 6.05 4.38 -0.37
C SER A 50 4.95 5.26 -1.00
N TYR A 51 3.72 5.09 -0.53
CA TYR A 51 2.59 5.86 -1.02
C TYR A 51 2.67 7.31 -0.57
N ALA A 52 2.96 7.50 0.71
CA ALA A 52 3.02 8.83 1.27
C ALA A 52 4.06 9.65 0.55
N ASP A 53 5.10 8.97 0.13
CA ASP A 53 6.20 9.60 -0.59
C ASP A 53 5.73 10.21 -1.90
N ARG A 54 4.96 9.44 -2.67
CA ARG A 54 4.51 9.90 -3.98
C ARG A 54 3.47 11.01 -3.86
N THR A 55 2.78 11.06 -2.74
CA THR A 55 1.75 12.06 -2.54
C THR A 55 2.26 13.27 -1.74
N GLY A 56 3.51 13.18 -1.27
CA GLY A 56 4.10 14.28 -0.51
C GLY A 56 3.44 14.48 0.83
N VAL A 57 2.96 13.39 1.40
CA VAL A 57 2.27 13.42 2.68
C VAL A 57 3.09 12.70 3.73
N ALA A 58 3.00 13.16 4.97
CA ALA A 58 3.66 12.55 6.09
C ALA A 58 3.29 11.07 6.17
N VAL A 59 4.29 10.23 6.35
CA VAL A 59 4.10 8.79 6.37
C VAL A 59 3.20 8.38 7.52
N ASN A 60 3.41 8.98 8.66
CA ASN A 60 2.65 8.63 9.86
C ASN A 60 1.23 9.18 9.78
N SER A 61 0.99 10.13 8.90
CA SER A 61 -0.33 10.71 8.74
C SER A 61 -1.13 10.00 7.65
N LEU A 62 -0.48 9.10 6.95
CA LEU A 62 -1.12 8.32 5.91
C LEU A 62 -1.58 7.03 6.53
N ARG A 63 -2.81 6.62 6.23
CA ARG A 63 -3.33 5.43 6.87
C ARG A 63 -3.92 4.47 5.86
N PHE A 64 -3.45 3.24 5.93
CA PHE A 64 -3.93 2.17 5.09
C PHE A 64 -4.72 1.19 5.92
N LEU A 65 -5.86 0.81 5.44
CA LEU A 65 -6.72 -0.11 6.15
C LEU A 65 -7.02 -1.31 5.32
N PHE A 66 -7.15 -2.44 5.97
CA PHE A 66 -7.52 -3.64 5.32
C PHE A 66 -8.82 -4.14 5.90
N ASP A 67 -9.84 -4.21 5.07
CA ASP A 67 -11.17 -4.68 5.48
C ASP A 67 -11.73 -3.81 6.62
N GLY A 68 -11.30 -2.57 6.66
CA GLY A 68 -11.79 -1.62 7.64
C GLY A 68 -10.94 -1.56 8.89
N ARG A 69 -9.83 -2.25 8.90
CA ARG A 69 -8.93 -2.21 10.03
C ARG A 69 -7.56 -1.76 9.60
N ARG A 70 -7.02 -0.86 10.34
CA ARG A 70 -5.74 -0.25 10.02
C ARG A 70 -4.60 -1.23 10.06
N ILE A 71 -3.72 -1.09 9.11
CA ILE A 71 -2.56 -1.96 8.98
C ILE A 71 -1.40 -1.40 9.77
N ASN A 72 -0.95 -2.16 10.74
CA ASN A 72 0.14 -1.76 11.60
C ASN A 72 1.38 -2.54 11.24
N ASP A 73 2.54 -2.03 11.63
CA ASP A 73 3.80 -2.75 11.38
C ASP A 73 3.91 -3.93 12.31
N ASP A 74 3.08 -3.93 13.34
CA ASP A 74 3.06 -4.99 14.32
C ASP A 74 2.26 -6.18 13.82
N ASP A 75 1.41 -5.95 12.82
CA ASP A 75 0.58 -7.00 12.28
C ASP A 75 1.39 -7.97 11.44
N THR A 76 0.95 -9.22 11.46
CA THR A 76 1.60 -10.28 10.74
C THR A 76 0.88 -10.52 9.40
N PRO A 77 1.55 -11.17 8.42
CA PRO A 77 0.97 -11.43 7.10
C PRO A 77 -0.33 -12.23 7.16
N LYS A 78 -0.42 -13.10 8.14
CA LYS A 78 -1.58 -13.93 8.33
C LYS A 78 -2.80 -13.13 8.78
N THR A 79 -2.60 -12.22 9.72
CA THR A 79 -3.71 -11.43 10.25
C THR A 79 -4.09 -10.36 9.25
N LEU A 80 -3.12 -9.94 8.46
CA LEU A 80 -3.36 -8.99 7.40
C LEU A 80 -4.04 -9.70 6.25
N GLU A 81 -3.88 -11.04 6.20
CA GLU A 81 -4.56 -11.87 5.21
C GLU A 81 -4.35 -11.38 3.77
N MET A 82 -3.19 -10.84 3.50
CA MET A 82 -2.89 -10.29 2.17
C MET A 82 -2.32 -11.35 1.25
N GLU A 83 -2.49 -11.15 -0.05
CA GLU A 83 -1.95 -12.04 -1.05
C GLU A 83 -1.72 -11.25 -2.33
N ASP A 84 -1.32 -11.92 -3.40
CA ASP A 84 -1.00 -11.24 -4.64
C ASP A 84 -2.22 -10.53 -5.24
N ASP A 85 -2.04 -9.24 -5.47
CA ASP A 85 -3.02 -8.34 -6.09
C ASP A 85 -4.26 -8.21 -5.20
N ASP A 86 -4.06 -8.25 -3.88
CA ASP A 86 -5.17 -8.09 -2.96
C ASP A 86 -5.51 -6.61 -2.85
N VAL A 87 -6.53 -6.30 -2.11
CA VAL A 87 -7.01 -4.95 -2.02
C VAL A 87 -6.70 -4.32 -0.67
N ILE A 88 -6.42 -3.04 -0.71
CA ILE A 88 -6.11 -2.27 0.47
C ILE A 88 -6.80 -0.91 0.40
N GLU A 89 -7.31 -0.45 1.52
CA GLU A 89 -8.07 0.79 1.58
C GLU A 89 -7.24 1.94 2.13
N VAL A 90 -7.48 3.13 1.64
CA VAL A 90 -6.80 4.32 2.12
C VAL A 90 -7.79 5.40 2.53
N TYR A 91 -7.56 5.96 3.69
CA TYR A 91 -8.39 7.01 4.22
C TYR A 91 -7.66 8.33 4.18
N GLN A 92 -8.37 9.42 4.42
CA GLN A 92 -7.79 10.74 4.27
C GLN A 92 -6.75 11.01 5.33
N GLU A 93 -5.70 11.68 4.90
CA GLU A 93 -4.52 11.91 5.70
C GLU A 93 -4.45 13.35 6.23
N GLN A 94 -3.52 13.56 7.19
CA GLN A 94 -3.36 14.87 7.84
C GLN A 94 -2.92 15.95 6.86
N LEU A 95 -1.91 15.62 6.08
CA LEU A 95 -1.35 16.59 5.15
C LEU A 95 -2.02 16.53 3.79
N GLY A 96 -2.94 15.60 3.64
CA GLY A 96 -3.70 15.50 2.42
C GLY A 96 -5.11 16.00 2.60
N GLY A 97 -6.06 15.09 2.57
CA GLY A 97 -7.44 15.46 2.74
C GLY A 97 -8.11 15.75 1.42
N MET A 8 0.37 -9.29 -17.44
CA MET A 8 1.69 -9.83 -17.81
C MET A 8 2.64 -8.68 -18.07
N ALA A 9 3.55 -8.44 -17.15
CA ALA A 9 4.47 -7.35 -17.30
C ALA A 9 5.64 -7.73 -18.19
N ASP A 10 5.55 -7.35 -19.46
CA ASP A 10 6.61 -7.60 -20.43
C ASP A 10 7.58 -6.43 -20.43
N ASP A 11 7.33 -5.52 -19.51
CA ASP A 11 8.14 -4.32 -19.33
C ASP A 11 9.56 -4.69 -18.98
N ALA A 12 9.70 -5.77 -18.19
CA ALA A 12 11.00 -6.29 -17.77
C ALA A 12 11.67 -5.39 -16.75
N ALA A 13 10.88 -4.55 -16.10
CA ALA A 13 11.40 -3.69 -15.05
C ALA A 13 11.86 -4.54 -13.88
N GLN A 14 13.01 -4.19 -13.31
CA GLN A 14 13.64 -4.94 -12.25
C GLN A 14 14.15 -6.29 -12.77
N ALA A 15 15.44 -6.55 -12.57
CA ALA A 15 16.05 -7.79 -13.05
C ALA A 15 15.39 -9.00 -12.41
N GLY A 16 15.10 -8.88 -11.14
CA GLY A 16 14.42 -9.93 -10.41
C GLY A 16 14.19 -9.53 -8.99
N ASP A 17 14.04 -8.23 -8.79
CA ASP A 17 13.87 -7.63 -7.46
C ASP A 17 12.60 -8.08 -6.78
N ASN A 18 11.52 -8.17 -7.53
CA ASN A 18 10.25 -8.46 -6.95
C ASN A 18 9.61 -9.64 -7.59
N ALA A 19 9.43 -10.66 -6.82
CA ALA A 19 8.80 -11.86 -7.24
C ALA A 19 7.87 -12.34 -6.15
N GLU A 20 6.78 -12.99 -6.54
CA GLU A 20 5.75 -13.42 -5.59
C GLU A 20 5.14 -12.20 -4.92
N TYR A 21 4.90 -11.18 -5.73
CA TYR A 21 4.33 -9.93 -5.26
C TYR A 21 2.92 -9.76 -5.78
N ILE A 22 2.21 -8.83 -5.19
CA ILE A 22 0.84 -8.55 -5.52
C ILE A 22 0.67 -7.08 -5.77
N LYS A 23 -0.38 -6.72 -6.40
CA LYS A 23 -0.68 -5.32 -6.62
C LYS A 23 -1.67 -4.83 -5.61
N ILE A 24 -1.55 -3.60 -5.25
CA ILE A 24 -2.49 -2.96 -4.39
C ILE A 24 -2.93 -1.64 -4.95
N LYS A 25 -4.22 -1.43 -5.04
CA LYS A 25 -4.72 -0.18 -5.50
C LYS A 25 -5.03 0.67 -4.28
N VAL A 26 -4.17 1.61 -4.02
CA VAL A 26 -4.33 2.49 -2.90
C VAL A 26 -5.28 3.59 -3.28
N VAL A 27 -6.46 3.60 -2.70
CA VAL A 27 -7.41 4.62 -3.01
C VAL A 27 -7.82 5.38 -1.77
N GLY A 28 -7.59 6.66 -1.81
CA GLY A 28 -7.92 7.51 -0.70
C GLY A 28 -9.31 8.06 -0.81
N GLN A 29 -9.77 8.67 0.27
CA GLN A 29 -11.11 9.25 0.31
C GLN A 29 -11.19 10.44 -0.58
N ASP A 30 -10.05 11.00 -0.83
CA ASP A 30 -9.89 12.11 -1.76
C ASP A 30 -10.10 11.62 -3.20
N SER A 31 -10.54 10.35 -3.33
CA SER A 31 -10.77 9.70 -4.62
C SER A 31 -9.47 9.52 -5.37
N ASN A 32 -8.40 9.35 -4.62
CA ASN A 32 -7.08 9.20 -5.19
C ASN A 32 -6.60 7.76 -5.12
N GLU A 33 -6.62 7.10 -6.25
CA GLU A 33 -6.17 5.73 -6.35
C GLU A 33 -4.84 5.62 -7.09
N VAL A 34 -3.92 4.88 -6.51
CA VAL A 34 -2.61 4.66 -7.07
C VAL A 34 -2.24 3.20 -6.97
N HIS A 35 -1.58 2.69 -7.98
CA HIS A 35 -1.27 1.29 -8.03
C HIS A 35 0.17 1.01 -7.61
N PHE A 36 0.30 0.29 -6.52
CA PHE A 36 1.58 -0.13 -5.99
C PHE A 36 1.71 -1.64 -6.04
N ARG A 37 2.92 -2.13 -6.16
CA ARG A 37 3.16 -3.54 -6.07
C ARG A 37 3.93 -3.86 -4.81
N VAL A 38 3.36 -4.72 -4.00
CA VAL A 38 3.92 -5.08 -2.71
C VAL A 38 3.84 -6.58 -2.55
N LYS A 39 4.40 -7.08 -1.50
CA LYS A 39 4.38 -8.50 -1.25
C LYS A 39 3.13 -8.85 -0.46
N TYR A 40 2.71 -10.11 -0.55
CA TYR A 40 1.57 -10.59 0.22
C TYR A 40 1.75 -10.24 1.70
N GLY A 41 2.97 -10.40 2.18
CA GLY A 41 3.26 -10.15 3.58
C GLY A 41 3.92 -8.81 3.82
N THR A 42 3.68 -7.87 2.93
CA THR A 42 4.21 -6.55 3.07
C THR A 42 3.65 -5.82 4.30
N SER A 43 4.52 -5.16 5.04
CA SER A 43 4.16 -4.45 6.24
C SER A 43 3.65 -3.05 5.90
N MET A 44 2.80 -2.47 6.76
CA MET A 44 2.24 -1.11 6.52
C MET A 44 3.31 -0.09 6.13
N ALA A 45 4.52 -0.28 6.67
CA ALA A 45 5.61 0.66 6.45
C ALA A 45 5.99 0.75 4.98
N LYS A 46 5.95 -0.37 4.27
CA LYS A 46 6.39 -0.39 2.88
C LYS A 46 5.52 0.52 2.02
N LEU A 47 4.23 0.53 2.30
CA LEU A 47 3.30 1.33 1.53
C LEU A 47 3.20 2.75 2.07
N LYS A 48 3.06 2.88 3.38
CA LYS A 48 2.89 4.18 4.01
C LYS A 48 4.07 5.06 3.79
N LYS A 49 5.24 4.53 4.04
CA LYS A 49 6.47 5.27 3.85
C LYS A 49 6.64 5.63 2.39
N SER A 50 6.29 4.69 1.52
CA SER A 50 6.41 4.90 0.08
C SER A 50 5.45 6.00 -0.40
N TYR A 51 4.18 5.86 -0.03
CA TYR A 51 3.15 6.80 -0.41
C TYR A 51 3.37 8.15 0.20
N ALA A 52 3.65 8.17 1.49
CA ALA A 52 3.84 9.41 2.21
C ALA A 52 4.96 10.21 1.58
N ASP A 53 5.96 9.49 1.14
CA ASP A 53 7.13 10.10 0.52
C ASP A 53 6.77 10.78 -0.80
N ARG A 54 6.04 10.06 -1.65
CA ARG A 54 5.68 10.56 -2.96
C ARG A 54 4.62 11.67 -2.87
N THR A 55 3.87 11.69 -1.79
CA THR A 55 2.83 12.68 -1.62
C THR A 55 3.32 13.87 -0.78
N GLY A 56 4.52 13.74 -0.21
CA GLY A 56 5.11 14.83 0.57
C GLY A 56 4.42 15.04 1.91
N VAL A 57 3.91 13.98 2.48
CA VAL A 57 3.22 14.04 3.76
C VAL A 57 3.93 13.17 4.78
N ALA A 58 3.83 13.56 6.06
CA ALA A 58 4.39 12.79 7.15
C ALA A 58 3.92 11.34 7.08
N VAL A 59 4.86 10.42 7.27
CA VAL A 59 4.57 8.99 7.19
C VAL A 59 3.54 8.59 8.24
N ASN A 60 3.73 9.12 9.45
CA ASN A 60 2.80 8.85 10.54
C ASN A 60 1.43 9.46 10.26
N SER A 61 1.44 10.53 9.47
CA SER A 61 0.20 11.22 9.09
C SER A 61 -0.57 10.42 8.05
N LEU A 62 0.06 9.41 7.48
CA LEU A 62 -0.59 8.55 6.53
C LEU A 62 -1.13 7.33 7.21
N ARG A 63 -2.35 6.97 6.88
CA ARG A 63 -2.99 5.81 7.47
C ARG A 63 -3.67 5.00 6.42
N PHE A 64 -3.24 3.78 6.29
CA PHE A 64 -3.78 2.87 5.31
C PHE A 64 -4.58 1.81 6.01
N LEU A 65 -5.76 1.57 5.51
CA LEU A 65 -6.65 0.62 6.12
C LEU A 65 -7.09 -0.43 5.13
N PHE A 66 -7.31 -1.60 5.63
CA PHE A 66 -7.83 -2.69 4.86
C PHE A 66 -9.03 -3.23 5.58
N ASP A 67 -10.15 -3.31 4.90
CA ASP A 67 -11.40 -3.79 5.51
C ASP A 67 -11.80 -2.93 6.72
N GLY A 68 -11.34 -1.70 6.71
CA GLY A 68 -11.66 -0.78 7.78
C GLY A 68 -10.76 -0.93 8.98
N ARG A 69 -9.74 -1.76 8.86
CA ARG A 69 -8.79 -1.94 9.93
C ARG A 69 -7.44 -1.42 9.50
N ARG A 70 -6.70 -0.84 10.41
CA ARG A 70 -5.43 -0.25 10.07
C ARG A 70 -4.41 -1.31 9.77
N ILE A 71 -3.72 -1.14 8.67
CA ILE A 71 -2.66 -2.04 8.29
C ILE A 71 -1.47 -1.75 9.17
N ASN A 72 -0.91 -2.78 9.74
CA ASN A 72 0.15 -2.64 10.73
C ASN A 72 1.45 -3.17 10.20
N ASP A 73 2.53 -2.84 10.87
CA ASP A 73 3.84 -3.34 10.50
C ASP A 73 4.02 -4.72 11.12
N ASP A 74 3.05 -5.11 11.94
CA ASP A 74 3.12 -6.34 12.68
C ASP A 74 2.06 -7.34 12.20
N ASP A 75 1.23 -6.93 11.25
CA ASP A 75 0.19 -7.81 10.74
C ASP A 75 0.77 -8.86 9.78
N THR A 76 -0.03 -9.86 9.47
CA THR A 76 0.41 -10.92 8.60
C THR A 76 -0.40 -10.95 7.32
N PRO A 77 0.17 -11.50 6.25
CA PRO A 77 -0.50 -11.56 4.95
C PRO A 77 -1.81 -12.34 5.01
N LYS A 78 -1.87 -13.33 5.89
CA LYS A 78 -3.08 -14.13 6.01
C LYS A 78 -4.21 -13.39 6.74
N THR A 79 -3.88 -12.49 7.65
CA THR A 79 -4.91 -11.78 8.40
C THR A 79 -5.56 -10.72 7.52
N LEU A 80 -4.78 -10.20 6.60
CA LEU A 80 -5.29 -9.21 5.66
C LEU A 80 -5.78 -9.89 4.40
N GLU A 81 -5.24 -11.07 4.14
CA GLU A 81 -5.50 -11.85 2.93
C GLU A 81 -5.56 -10.96 1.70
N MET A 82 -4.47 -10.26 1.44
CA MET A 82 -4.38 -9.39 0.28
C MET A 82 -3.97 -10.20 -0.93
N GLU A 83 -4.41 -9.79 -2.09
CA GLU A 83 -4.13 -10.50 -3.31
C GLU A 83 -3.80 -9.51 -4.40
N ASP A 84 -3.52 -10.02 -5.58
CA ASP A 84 -3.11 -9.17 -6.69
C ASP A 84 -4.20 -8.18 -7.11
N ASP A 85 -3.85 -6.91 -6.97
CA ASP A 85 -4.68 -5.76 -7.37
C ASP A 85 -5.86 -5.57 -6.43
N ASP A 86 -5.63 -5.87 -5.15
CA ASP A 86 -6.66 -5.67 -4.15
C ASP A 86 -6.80 -4.18 -3.84
N VAL A 87 -7.72 -3.87 -3.00
CA VAL A 87 -8.05 -2.50 -2.73
C VAL A 87 -7.66 -2.11 -1.32
N ILE A 88 -6.98 -1.02 -1.21
CA ILE A 88 -6.54 -0.50 0.06
C ILE A 88 -7.16 0.85 0.30
N GLU A 89 -7.65 1.06 1.49
CA GLU A 89 -8.36 2.27 1.83
C GLU A 89 -7.45 3.25 2.52
N VAL A 90 -7.53 4.49 2.13
CA VAL A 90 -6.73 5.53 2.73
C VAL A 90 -7.60 6.67 3.20
N TYR A 91 -7.35 7.12 4.40
CA TYR A 91 -8.08 8.20 4.99
C TYR A 91 -7.23 9.45 5.03
N GLN A 92 -7.85 10.58 5.34
CA GLN A 92 -7.19 11.86 5.28
C GLN A 92 -6.05 11.96 6.29
N GLU A 93 -4.95 12.51 5.81
CA GLU A 93 -3.72 12.58 6.55
C GLU A 93 -3.80 13.57 7.69
N GLN A 94 -2.95 13.36 8.67
CA GLN A 94 -2.84 14.26 9.78
C GLN A 94 -2.35 15.62 9.31
N LEU A 95 -1.34 15.60 8.45
CA LEU A 95 -0.75 16.81 7.92
C LEU A 95 -1.40 17.21 6.60
N GLY A 96 -1.87 16.21 5.85
CA GLY A 96 -2.45 16.47 4.55
C GLY A 96 -3.94 16.72 4.59
N GLY A 97 -4.52 16.68 5.78
CA GLY A 97 -5.94 16.92 5.91
C GLY A 97 -6.23 18.40 6.00
N MET A 8 21.23 -8.14 -29.76
CA MET A 8 20.05 -8.11 -28.89
C MET A 8 20.47 -8.01 -27.43
N ALA A 9 19.82 -7.14 -26.69
CA ALA A 9 20.14 -6.95 -25.30
C ALA A 9 18.95 -7.30 -24.43
N ASP A 10 19.18 -8.06 -23.38
CA ASP A 10 18.11 -8.48 -22.50
C ASP A 10 17.76 -7.40 -21.51
N ASP A 11 16.58 -6.83 -21.68
CA ASP A 11 16.10 -5.76 -20.81
C ASP A 11 15.86 -6.24 -19.40
N ALA A 12 15.29 -7.46 -19.27
CA ALA A 12 14.98 -8.01 -17.96
C ALA A 12 14.56 -9.46 -18.04
N ALA A 13 13.93 -9.82 -19.15
CA ALA A 13 13.43 -11.19 -19.38
C ALA A 13 12.44 -11.59 -18.30
N GLN A 14 11.62 -10.65 -17.90
CA GLN A 14 10.63 -10.88 -16.87
C GLN A 14 9.28 -11.26 -17.45
N ALA A 15 8.57 -12.11 -16.74
CA ALA A 15 7.26 -12.58 -17.18
C ALA A 15 6.16 -11.59 -16.77
N GLY A 16 6.53 -10.58 -16.01
CA GLY A 16 5.57 -9.58 -15.57
C GLY A 16 5.83 -9.11 -14.17
N ASP A 17 6.54 -9.92 -13.40
CA ASP A 17 6.92 -9.61 -12.02
C ASP A 17 5.67 -9.51 -11.11
N ASN A 18 4.62 -10.21 -11.49
CA ASN A 18 3.36 -10.21 -10.72
C ASN A 18 3.27 -11.47 -9.88
N ALA A 19 4.26 -12.30 -10.03
CA ALA A 19 4.29 -13.60 -9.42
C ALA A 19 4.25 -13.62 -7.89
N GLU A 20 5.02 -12.77 -7.24
CA GLU A 20 5.17 -12.86 -5.78
C GLU A 20 4.67 -11.68 -5.00
N TYR A 21 3.90 -10.86 -5.63
CA TYR A 21 3.37 -9.68 -4.96
C TYR A 21 1.93 -9.43 -5.29
N ILE A 22 1.29 -8.66 -4.43
CA ILE A 22 -0.11 -8.37 -4.58
C ILE A 22 -0.29 -6.88 -4.81
N LYS A 23 -1.40 -6.52 -5.33
CA LYS A 23 -1.71 -5.14 -5.58
C LYS A 23 -2.63 -4.61 -4.51
N ILE A 24 -2.47 -3.36 -4.21
CA ILE A 24 -3.32 -2.69 -3.26
C ILE A 24 -3.89 -1.43 -3.87
N LYS A 25 -5.21 -1.29 -3.83
CA LYS A 25 -5.81 -0.09 -4.33
C LYS A 25 -6.06 0.83 -3.16
N VAL A 26 -5.23 1.82 -3.03
CA VAL A 26 -5.35 2.80 -2.00
C VAL A 26 -6.36 3.84 -2.41
N VAL A 27 -7.45 3.93 -1.69
CA VAL A 27 -8.48 4.91 -2.00
C VAL A 27 -8.48 5.99 -0.94
N GLY A 28 -8.22 7.20 -1.37
CA GLY A 28 -8.18 8.30 -0.45
C GLY A 28 -9.51 9.03 -0.31
N GLN A 29 -9.53 10.05 0.54
CA GLN A 29 -10.75 10.83 0.80
C GLN A 29 -11.10 11.72 -0.37
N ASP A 30 -10.13 11.97 -1.20
CA ASP A 30 -10.34 12.73 -2.42
C ASP A 30 -10.87 11.83 -3.50
N SER A 31 -11.25 10.60 -3.09
CA SER A 31 -11.71 9.56 -3.99
C SER A 31 -10.57 9.18 -4.91
N ASN A 32 -9.37 9.36 -4.39
CA ASN A 32 -8.16 9.11 -5.15
C ASN A 32 -7.67 7.70 -4.92
N GLU A 33 -7.84 6.87 -5.91
CA GLU A 33 -7.37 5.51 -5.84
C GLU A 33 -6.06 5.37 -6.57
N VAL A 34 -5.11 4.72 -5.94
CA VAL A 34 -3.81 4.51 -6.50
C VAL A 34 -3.37 3.08 -6.22
N HIS A 35 -2.75 2.46 -7.18
CA HIS A 35 -2.37 1.08 -7.04
C HIS A 35 -0.91 0.94 -6.66
N PHE A 36 -0.71 0.42 -5.48
CA PHE A 36 0.61 0.09 -4.99
C PHE A 36 0.75 -1.39 -4.91
N ARG A 37 1.93 -1.87 -5.18
CA ARG A 37 2.16 -3.29 -5.12
C ARG A 37 2.96 -3.63 -3.88
N VAL A 38 2.43 -4.53 -3.09
CA VAL A 38 3.05 -4.92 -1.85
C VAL A 38 3.01 -6.42 -1.69
N LYS A 39 3.62 -6.89 -0.65
CA LYS A 39 3.65 -8.30 -0.35
C LYS A 39 2.43 -8.66 0.48
N TYR A 40 2.03 -9.92 0.47
CA TYR A 40 0.95 -10.38 1.34
C TYR A 40 1.30 -10.05 2.80
N GLY A 41 2.57 -10.25 3.15
CA GLY A 41 3.02 -9.99 4.50
C GLY A 41 3.69 -8.65 4.63
N THR A 42 3.23 -7.70 3.84
CA THR A 42 3.76 -6.36 3.87
C THR A 42 3.41 -5.63 5.17
N SER A 43 4.38 -4.89 5.68
CA SER A 43 4.20 -4.09 6.88
C SER A 43 3.57 -2.75 6.50
N MET A 44 3.04 -2.04 7.49
CA MET A 44 2.40 -0.74 7.23
C MET A 44 3.39 0.25 6.63
N ALA A 45 4.64 0.12 7.00
CA ALA A 45 5.69 1.02 6.54
C ALA A 45 5.85 0.95 5.04
N LYS A 46 5.71 -0.25 4.51
CA LYS A 46 5.92 -0.48 3.09
C LYS A 46 4.98 0.36 2.23
N LEU A 47 3.73 0.48 2.66
CA LEU A 47 2.75 1.27 1.93
C LEU A 47 2.77 2.72 2.34
N LYS A 48 2.83 2.96 3.64
CA LYS A 48 2.80 4.32 4.18
C LYS A 48 3.97 5.10 3.71
N LYS A 49 5.14 4.51 3.77
CA LYS A 49 6.34 5.17 3.29
C LYS A 49 6.21 5.42 1.81
N SER A 50 5.68 4.43 1.11
CA SER A 50 5.52 4.52 -0.33
C SER A 50 4.54 5.64 -0.73
N TYR A 51 3.40 5.69 -0.06
CA TYR A 51 2.42 6.72 -0.33
C TYR A 51 2.91 8.08 0.16
N ALA A 52 3.45 8.11 1.35
CA ALA A 52 3.98 9.34 1.91
C ALA A 52 5.11 9.85 1.03
N ASP A 53 5.77 8.93 0.37
CA ASP A 53 6.90 9.24 -0.51
C ASP A 53 6.46 10.08 -1.70
N ARG A 54 5.35 9.69 -2.32
CA ARG A 54 4.84 10.40 -3.50
C ARG A 54 4.39 11.81 -3.14
N THR A 55 3.97 11.99 -1.91
CA THR A 55 3.49 13.27 -1.44
C THR A 55 4.60 14.06 -0.70
N GLY A 56 5.65 13.37 -0.29
CA GLY A 56 6.74 14.01 0.41
C GLY A 56 6.34 14.43 1.82
N VAL A 57 5.43 13.69 2.41
CA VAL A 57 4.91 14.00 3.72
C VAL A 57 5.43 13.00 4.76
N ALA A 58 5.08 13.24 6.01
CA ALA A 58 5.41 12.36 7.10
C ALA A 58 4.84 10.96 6.86
N VAL A 59 5.70 9.97 6.91
CA VAL A 59 5.29 8.58 6.69
C VAL A 59 4.36 8.10 7.79
N ASN A 60 4.74 8.40 9.02
CA ASN A 60 3.99 7.97 10.18
C ASN A 60 2.65 8.67 10.27
N SER A 61 2.59 9.91 9.79
CA SER A 61 1.40 10.71 9.90
C SER A 61 0.38 10.38 8.80
N LEU A 62 0.75 9.51 7.88
CA LEU A 62 -0.16 9.07 6.84
C LEU A 62 -0.91 7.84 7.36
N ARG A 63 -2.24 7.87 7.27
CA ARG A 63 -3.06 6.82 7.85
C ARG A 63 -3.64 5.89 6.82
N PHE A 64 -3.30 4.64 6.92
CA PHE A 64 -3.92 3.61 6.11
C PHE A 64 -4.75 2.71 6.97
N LEU A 65 -5.93 2.44 6.51
CA LEU A 65 -6.85 1.61 7.23
C LEU A 65 -7.37 0.50 6.39
N PHE A 66 -7.78 -0.52 7.07
CA PHE A 66 -8.37 -1.67 6.45
C PHE A 66 -9.73 -1.88 7.04
N ASP A 67 -10.76 -1.60 6.26
CA ASP A 67 -12.14 -1.65 6.77
C ASP A 67 -12.31 -0.76 8.00
N GLY A 68 -11.43 0.21 8.14
CA GLY A 68 -11.47 1.12 9.27
C GLY A 68 -10.58 0.67 10.41
N ARG A 69 -10.02 -0.54 10.30
CA ARG A 69 -9.14 -1.05 11.34
C ARG A 69 -7.71 -0.68 10.99
N ARG A 70 -6.93 -0.36 12.00
CA ARG A 70 -5.57 0.12 11.79
C ARG A 70 -4.65 -0.92 11.18
N ILE A 71 -3.81 -0.49 10.26
CA ILE A 71 -2.82 -1.35 9.68
C ILE A 71 -1.47 -1.00 10.28
N ASN A 72 -0.87 -1.95 10.96
CA ASN A 72 0.42 -1.75 11.58
C ASN A 72 1.42 -2.75 11.05
N ASP A 73 2.69 -2.51 11.33
CA ASP A 73 3.77 -3.37 10.85
C ASP A 73 3.76 -4.71 11.56
N ASP A 74 3.05 -4.80 12.66
CA ASP A 74 2.99 -6.02 13.42
C ASP A 74 1.82 -6.89 13.00
N ASP A 75 1.05 -6.41 12.03
CA ASP A 75 -0.08 -7.18 11.53
C ASP A 75 0.38 -8.23 10.53
N THR A 76 -0.23 -9.39 10.60
CA THR A 76 0.11 -10.50 9.75
C THR A 76 -0.68 -10.45 8.45
N PRO A 77 -0.20 -11.14 7.39
CA PRO A 77 -0.89 -11.21 6.11
C PRO A 77 -2.26 -11.87 6.24
N LYS A 78 -2.39 -12.72 7.25
CA LYS A 78 -3.59 -13.45 7.47
C LYS A 78 -4.63 -12.60 8.21
N THR A 79 -4.18 -11.78 9.16
CA THR A 79 -5.10 -10.93 9.90
C THR A 79 -5.59 -9.77 9.03
N LEU A 80 -4.72 -9.29 8.13
CA LEU A 80 -5.09 -8.23 7.21
C LEU A 80 -5.90 -8.79 6.05
N GLU A 81 -5.72 -10.10 5.80
CA GLU A 81 -6.49 -10.83 4.78
C GLU A 81 -6.47 -10.11 3.41
N MET A 82 -5.34 -9.49 3.08
CA MET A 82 -5.21 -8.76 1.82
C MET A 82 -5.01 -9.71 0.66
N GLU A 83 -5.35 -9.24 -0.53
CA GLU A 83 -5.23 -10.02 -1.74
C GLU A 83 -4.78 -9.12 -2.86
N ASP A 84 -4.52 -9.69 -4.03
CA ASP A 84 -4.09 -8.91 -5.16
C ASP A 84 -5.18 -7.97 -5.64
N ASP A 85 -4.85 -6.68 -5.62
CA ASP A 85 -5.72 -5.59 -6.07
C ASP A 85 -6.86 -5.38 -5.08
N ASP A 86 -6.56 -5.60 -3.80
CA ASP A 86 -7.52 -5.41 -2.72
C ASP A 86 -7.75 -3.93 -2.47
N VAL A 87 -8.66 -3.63 -1.58
CA VAL A 87 -9.02 -2.26 -1.30
C VAL A 87 -8.48 -1.82 0.06
N ILE A 88 -7.99 -0.60 0.07
CA ILE A 88 -7.39 0.00 1.23
C ILE A 88 -7.89 1.41 1.43
N GLU A 89 -8.20 1.76 2.66
CA GLU A 89 -8.79 3.04 2.97
C GLU A 89 -7.75 4.00 3.54
N VAL A 90 -7.86 5.26 3.17
CA VAL A 90 -6.95 6.29 3.67
C VAL A 90 -7.73 7.48 4.20
N TYR A 91 -7.34 7.95 5.35
CA TYR A 91 -7.94 9.13 5.92
C TYR A 91 -7.05 10.32 5.66
N GLN A 92 -7.64 11.50 5.58
CA GLN A 92 -6.88 12.70 5.26
C GLN A 92 -5.99 13.08 6.43
N GLU A 93 -4.74 12.65 6.35
CA GLU A 93 -3.72 12.83 7.36
C GLU A 93 -2.38 12.46 6.78
N GLN A 94 -1.38 13.22 7.16
CA GLN A 94 -0.07 13.10 6.71
C GLN A 94 0.75 14.21 7.34
N LEU A 95 0.06 15.28 7.61
CA LEU A 95 0.56 16.48 8.19
C LEU A 95 -0.63 17.38 8.24
N GLY A 96 -1.42 17.26 7.17
CA GLY A 96 -2.69 17.90 7.10
C GLY A 96 -2.98 18.44 5.74
N GLY A 97 -3.69 17.66 4.96
CA GLY A 97 -4.01 18.04 3.61
C GLY A 97 -4.54 16.86 2.85
N MET A 8 5.64 -37.95 -21.49
CA MET A 8 5.85 -36.74 -20.66
C MET A 8 5.34 -35.52 -21.39
N ALA A 9 5.01 -34.49 -20.64
CA ALA A 9 4.50 -33.26 -21.22
C ALA A 9 5.19 -32.08 -20.60
N ASP A 10 5.22 -30.98 -21.34
CA ASP A 10 5.86 -29.76 -20.87
C ASP A 10 5.04 -29.14 -19.77
N ASP A 11 5.69 -28.27 -18.99
CA ASP A 11 4.98 -27.54 -17.94
C ASP A 11 3.95 -26.64 -18.57
N ALA A 12 4.28 -26.13 -19.76
CA ALA A 12 3.40 -25.32 -20.59
C ALA A 12 3.31 -23.89 -20.10
N ALA A 13 2.65 -23.70 -19.01
CA ALA A 13 2.45 -22.37 -18.48
C ALA A 13 3.00 -22.22 -17.07
N GLN A 14 3.98 -21.37 -16.94
CA GLN A 14 4.57 -21.03 -15.65
C GLN A 14 4.79 -19.56 -15.54
N ALA A 15 4.89 -19.09 -14.34
CA ALA A 15 5.20 -17.72 -14.09
C ALA A 15 6.62 -17.68 -13.60
N GLY A 16 7.46 -16.97 -14.31
CA GLY A 16 8.85 -16.88 -13.93
C GLY A 16 9.00 -16.14 -12.63
N ASP A 17 7.93 -15.49 -12.23
CA ASP A 17 7.88 -14.70 -11.01
C ASP A 17 9.01 -13.68 -11.01
N ASN A 18 8.93 -12.74 -11.92
CA ASN A 18 9.99 -11.77 -12.14
C ASN A 18 9.75 -10.50 -11.35
N ALA A 19 8.84 -10.56 -10.43
CA ALA A 19 8.50 -9.42 -9.63
C ALA A 19 8.11 -9.85 -8.25
N GLU A 20 8.46 -9.05 -7.27
CA GLU A 20 8.16 -9.37 -5.89
C GLU A 20 7.50 -8.22 -5.21
N TYR A 21 7.04 -7.33 -6.00
CA TYR A 21 6.42 -6.12 -5.53
C TYR A 21 5.17 -5.82 -6.33
N ILE A 22 4.33 -5.02 -5.75
CA ILE A 22 3.08 -4.63 -6.34
C ILE A 22 3.01 -3.12 -6.36
N LYS A 23 2.15 -2.59 -7.14
CA LYS A 23 1.99 -1.17 -7.22
C LYS A 23 0.71 -0.77 -6.52
N ILE A 24 0.74 0.31 -5.82
CA ILE A 24 -0.43 0.81 -5.16
C ILE A 24 -0.58 2.30 -5.38
N LYS A 25 -1.78 2.72 -5.73
CA LYS A 25 -2.06 4.11 -5.93
C LYS A 25 -2.69 4.68 -4.66
N VAL A 26 -1.91 5.43 -3.92
CA VAL A 26 -2.39 6.05 -2.71
C VAL A 26 -3.13 7.33 -3.05
N VAL A 27 -4.40 7.41 -2.67
CA VAL A 27 -5.18 8.59 -2.94
C VAL A 27 -5.50 9.32 -1.63
N GLY A 28 -5.02 10.54 -1.53
CA GLY A 28 -5.26 11.33 -0.34
C GLY A 28 -6.56 12.10 -0.40
N GLN A 29 -6.95 12.67 0.72
CA GLN A 29 -8.21 13.41 0.84
C GLN A 29 -8.18 14.69 0.04
N ASP A 30 -7.00 15.22 -0.14
CA ASP A 30 -6.81 16.45 -0.90
C ASP A 30 -6.73 16.12 -2.39
N SER A 31 -7.14 14.89 -2.71
CA SER A 31 -7.19 14.37 -4.08
C SER A 31 -5.80 14.07 -4.58
N ASN A 32 -4.89 13.81 -3.66
CA ASN A 32 -3.51 13.55 -4.01
C ASN A 32 -3.25 12.07 -4.19
N GLU A 33 -3.13 11.67 -5.42
CA GLU A 33 -2.81 10.29 -5.73
C GLU A 33 -1.33 10.17 -6.02
N VAL A 34 -0.71 9.20 -5.40
CA VAL A 34 0.70 8.95 -5.59
C VAL A 34 0.91 7.47 -5.85
N HIS A 35 1.82 7.16 -6.74
CA HIS A 35 2.03 5.80 -7.13
C HIS A 35 3.22 5.22 -6.40
N PHE A 36 2.94 4.32 -5.48
CA PHE A 36 3.98 3.67 -4.71
C PHE A 36 4.12 2.21 -5.08
N ARG A 37 5.33 1.73 -4.99
CA ARG A 37 5.62 0.35 -5.23
C ARG A 37 5.95 -0.30 -3.91
N VAL A 38 5.16 -1.26 -3.53
CA VAL A 38 5.32 -1.95 -2.26
C VAL A 38 5.25 -3.44 -2.47
N LYS A 39 5.54 -4.19 -1.46
CA LYS A 39 5.52 -5.62 -1.55
C LYS A 39 4.12 -6.16 -1.21
N TYR A 40 3.80 -7.36 -1.69
CA TYR A 40 2.53 -8.00 -1.34
C TYR A 40 2.42 -8.10 0.19
N GLY A 41 3.54 -8.41 0.83
CA GLY A 41 3.59 -8.57 2.25
C GLY A 41 4.06 -7.33 2.97
N THR A 42 3.89 -6.19 2.33
CA THR A 42 4.29 -4.94 2.91
C THR A 42 3.43 -4.57 4.12
N SER A 43 4.10 -4.06 5.15
CA SER A 43 3.45 -3.65 6.37
C SER A 43 3.09 -2.17 6.27
N MET A 44 2.13 -1.74 7.09
CA MET A 44 1.63 -0.34 7.04
C MET A 44 2.77 0.70 7.16
N ALA A 45 3.80 0.37 7.92
CA ALA A 45 4.90 1.31 8.16
C ALA A 45 5.62 1.68 6.89
N LYS A 46 5.76 0.73 5.98
CA LYS A 46 6.53 0.95 4.76
C LYS A 46 5.95 2.10 3.95
N LEU A 47 4.63 2.16 3.88
CA LEU A 47 3.95 3.20 3.12
C LEU A 47 3.71 4.44 3.95
N LYS A 48 3.22 4.24 5.16
CA LYS A 48 2.86 5.34 6.04
C LYS A 48 4.05 6.19 6.37
N LYS A 49 5.13 5.54 6.73
CA LYS A 49 6.36 6.25 7.02
C LYS A 49 6.81 7.01 5.79
N SER A 50 6.71 6.34 4.66
CA SER A 50 7.15 6.92 3.40
C SER A 50 6.33 8.16 3.04
N TYR A 51 5.01 8.01 3.07
CA TYR A 51 4.10 9.09 2.73
C TYR A 51 4.10 10.19 3.78
N ALA A 52 4.02 9.81 5.04
CA ALA A 52 3.99 10.77 6.12
C ALA A 52 5.24 11.62 6.09
N ASP A 53 6.33 10.98 5.76
CA ASP A 53 7.62 11.66 5.73
C ASP A 53 7.66 12.73 4.65
N ARG A 54 7.20 12.37 3.46
CA ARG A 54 7.21 13.28 2.32
C ARG A 54 6.26 14.45 2.52
N THR A 55 5.23 14.25 3.34
CA THR A 55 4.26 15.29 3.58
C THR A 55 4.58 16.08 4.87
N GLY A 56 5.57 15.60 5.64
CA GLY A 56 5.98 16.29 6.86
C GLY A 56 4.99 16.13 8.00
N VAL A 57 4.31 14.99 8.03
CA VAL A 57 3.30 14.71 9.03
C VAL A 57 3.68 13.47 9.84
N ALA A 58 3.27 13.46 11.11
CA ALA A 58 3.50 12.31 11.98
C ALA A 58 2.99 11.03 11.31
N VAL A 59 3.81 9.99 11.37
CA VAL A 59 3.51 8.70 10.74
C VAL A 59 2.24 8.10 11.31
N ASN A 60 2.12 8.14 12.63
CA ASN A 60 0.95 7.60 13.31
C ASN A 60 -0.28 8.46 13.05
N SER A 61 -0.05 9.70 12.71
CA SER A 61 -1.12 10.64 12.42
C SER A 61 -1.65 10.44 11.01
N LEU A 62 -0.95 9.65 10.24
CA LEU A 62 -1.38 9.33 8.89
C LEU A 62 -2.15 8.04 8.92
N ARG A 63 -3.32 8.04 8.32
CA ARG A 63 -4.16 6.87 8.34
C ARG A 63 -4.40 6.36 6.95
N PHE A 64 -3.90 5.18 6.69
CA PHE A 64 -4.09 4.54 5.42
C PHE A 64 -5.09 3.42 5.54
N LEU A 65 -6.07 3.45 4.68
CA LEU A 65 -7.11 2.46 4.68
C LEU A 65 -7.23 1.80 3.33
N PHE A 66 -7.45 0.52 3.35
CA PHE A 66 -7.63 -0.22 2.13
C PHE A 66 -9.09 -0.57 1.99
N ASP A 67 -9.70 -0.07 0.94
CA ASP A 67 -11.13 -0.32 0.65
C ASP A 67 -12.03 0.10 1.83
N GLY A 68 -11.50 0.96 2.70
CA GLY A 68 -12.27 1.45 3.83
C GLY A 68 -11.91 0.76 5.13
N ARG A 69 -10.95 -0.15 5.10
CA ARG A 69 -10.50 -0.82 6.31
C ARG A 69 -9.07 -0.42 6.62
N ARG A 70 -8.76 -0.26 7.89
CA ARG A 70 -7.45 0.21 8.32
C ARG A 70 -6.35 -0.78 7.99
N ILE A 71 -5.22 -0.26 7.54
CA ILE A 71 -4.07 -1.09 7.22
C ILE A 71 -3.15 -1.14 8.41
N ASN A 72 -2.93 -2.33 8.92
CA ASN A 72 -2.09 -2.53 10.08
C ASN A 72 -0.82 -3.25 9.68
N ASP A 73 0.19 -3.15 10.53
CA ASP A 73 1.44 -3.84 10.31
C ASP A 73 1.26 -5.34 10.53
N ASP A 74 0.18 -5.67 11.22
CA ASP A 74 -0.14 -7.05 11.54
C ASP A 74 -0.83 -7.73 10.37
N ASP A 75 -1.37 -6.94 9.45
CA ASP A 75 -2.07 -7.49 8.30
C ASP A 75 -1.11 -8.19 7.35
N THR A 76 -1.57 -9.30 6.83
CA THR A 76 -0.79 -10.12 5.93
C THR A 76 -1.21 -9.87 4.48
N PRO A 77 -0.36 -10.30 3.50
CA PRO A 77 -0.64 -10.10 2.07
C PRO A 77 -1.95 -10.73 1.63
N LYS A 78 -2.36 -11.80 2.31
CA LYS A 78 -3.58 -12.49 1.99
C LYS A 78 -4.82 -11.69 2.40
N THR A 79 -4.85 -11.21 3.66
CA THR A 79 -6.01 -10.48 4.16
C THR A 79 -6.15 -9.15 3.45
N LEU A 80 -5.03 -8.54 3.10
CA LEU A 80 -5.05 -7.29 2.38
C LEU A 80 -5.31 -7.52 0.90
N GLU A 81 -5.00 -8.76 0.45
CA GLU A 81 -5.17 -9.20 -0.97
C GLU A 81 -4.85 -8.10 -2.00
N MET A 82 -3.85 -7.27 -1.71
CA MET A 82 -3.44 -6.20 -2.59
C MET A 82 -2.66 -6.75 -3.77
N GLU A 83 -2.72 -6.07 -4.89
CA GLU A 83 -2.05 -6.49 -6.08
C GLU A 83 -1.62 -5.29 -6.88
N ASP A 84 -1.05 -5.53 -8.05
CA ASP A 84 -0.50 -4.46 -8.86
C ASP A 84 -1.53 -3.40 -9.26
N ASP A 85 -1.21 -2.17 -8.87
CA ASP A 85 -1.96 -0.96 -9.19
C ASP A 85 -3.30 -0.90 -8.46
N ASP A 86 -3.33 -1.46 -7.25
CA ASP A 86 -4.53 -1.38 -6.44
C ASP A 86 -4.59 -0.01 -5.80
N VAL A 87 -5.63 0.24 -5.07
CA VAL A 87 -5.84 1.56 -4.52
C VAL A 87 -5.78 1.57 -3.00
N ILE A 88 -5.36 2.69 -2.48
CA ILE A 88 -5.25 2.91 -1.08
C ILE A 88 -5.84 4.26 -0.72
N GLU A 89 -6.62 4.28 0.33
CA GLU A 89 -7.27 5.48 0.76
C GLU A 89 -6.56 6.08 1.94
N VAL A 90 -6.46 7.36 1.95
CA VAL A 90 -5.86 8.08 3.03
C VAL A 90 -6.85 9.07 3.59
N TYR A 91 -7.00 9.05 4.88
CA TYR A 91 -7.87 9.96 5.55
C TYR A 91 -7.07 11.11 6.12
N GLN A 92 -7.75 12.15 6.54
CA GLN A 92 -7.07 13.36 6.96
C GLN A 92 -6.28 13.11 8.24
N GLU A 93 -5.07 13.65 8.25
CA GLU A 93 -4.10 13.37 9.28
C GLU A 93 -4.29 14.25 10.51
N GLN A 94 -3.79 13.76 11.63
CA GLN A 94 -3.90 14.42 12.93
C GLN A 94 -3.12 15.74 12.99
N LEU A 95 -1.91 15.73 12.46
CA LEU A 95 -1.08 16.92 12.50
C LEU A 95 -1.25 17.81 11.27
N GLY A 96 -1.85 17.25 10.22
CA GLY A 96 -2.09 18.04 9.02
C GLY A 96 -3.00 19.22 9.29
N GLY A 97 -4.04 18.97 10.06
CA GLY A 97 -4.95 20.01 10.46
C GLY A 97 -6.11 19.46 11.22
N MET A 8 5.39 -32.80 -10.87
CA MET A 8 5.15 -31.65 -9.98
C MET A 8 3.92 -30.89 -10.42
N ALA A 9 3.61 -29.83 -9.70
CA ALA A 9 2.46 -28.99 -9.97
C ALA A 9 2.87 -27.54 -9.87
N ASP A 10 2.09 -26.65 -10.43
CA ASP A 10 2.44 -25.24 -10.40
C ASP A 10 2.12 -24.65 -9.03
N ASP A 11 2.40 -23.37 -8.85
CA ASP A 11 2.21 -22.72 -7.55
C ASP A 11 0.72 -22.68 -7.17
N ALA A 12 -0.14 -22.41 -8.15
CA ALA A 12 -1.59 -22.36 -7.97
C ALA A 12 -2.04 -21.24 -7.01
N ALA A 13 -1.20 -20.23 -6.85
CA ALA A 13 -1.51 -19.11 -6.00
C ALA A 13 -0.96 -17.83 -6.59
N GLN A 14 -1.65 -16.71 -6.34
CA GLN A 14 -1.23 -15.40 -6.83
C GLN A 14 -1.01 -15.41 -8.34
N ALA A 15 -0.25 -14.46 -8.80
CA ALA A 15 0.09 -14.36 -10.20
C ALA A 15 1.07 -15.45 -10.59
N GLY A 16 1.73 -16.04 -9.60
CA GLY A 16 2.70 -17.08 -9.85
C GLY A 16 4.07 -16.50 -10.03
N ASP A 17 4.11 -15.19 -10.07
CA ASP A 17 5.34 -14.46 -10.25
C ASP A 17 5.65 -13.62 -9.03
N ASN A 18 6.92 -13.49 -8.76
CA ASN A 18 7.41 -12.74 -7.63
C ASN A 18 8.82 -12.31 -7.93
N ALA A 19 8.95 -11.10 -8.41
CA ALA A 19 10.25 -10.58 -8.71
C ALA A 19 10.89 -10.10 -7.42
N GLU A 20 10.35 -9.02 -6.89
CA GLU A 20 10.75 -8.53 -5.60
C GLU A 20 9.90 -7.37 -5.17
N TYR A 21 9.87 -6.39 -6.00
CA TYR A 21 9.13 -5.17 -5.70
C TYR A 21 8.08 -4.87 -6.74
N ILE A 22 7.11 -4.13 -6.30
CA ILE A 22 5.99 -3.72 -7.11
C ILE A 22 5.75 -2.22 -6.88
N LYS A 23 5.03 -1.59 -7.75
CA LYS A 23 4.75 -0.17 -7.60
C LYS A 23 3.37 0.07 -7.01
N ILE A 24 3.26 1.13 -6.26
CA ILE A 24 2.00 1.55 -5.70
C ILE A 24 1.69 2.99 -6.09
N LYS A 25 0.47 3.23 -6.55
CA LYS A 25 0.07 4.60 -6.79
C LYS A 25 -0.80 5.04 -5.63
N VAL A 26 -0.24 5.81 -4.74
CA VAL A 26 -0.96 6.32 -3.61
C VAL A 26 -1.74 7.55 -4.02
N VAL A 27 -3.05 7.47 -3.92
CA VAL A 27 -3.90 8.60 -4.25
C VAL A 27 -4.45 9.21 -2.97
N GLY A 28 -4.05 10.43 -2.71
CA GLY A 28 -4.51 11.10 -1.50
C GLY A 28 -5.80 11.85 -1.72
N GLN A 29 -6.38 12.35 -0.64
CA GLN A 29 -7.63 13.12 -0.69
C GLN A 29 -7.37 14.49 -1.25
N ASP A 30 -6.12 14.83 -1.34
CA ASP A 30 -5.66 16.05 -1.95
C ASP A 30 -5.57 15.84 -3.46
N SER A 31 -6.05 14.66 -3.90
CA SER A 31 -5.97 14.25 -5.31
C SER A 31 -4.52 14.05 -5.67
N ASN A 32 -3.73 13.72 -4.68
CA ASN A 32 -2.31 13.56 -4.85
C ASN A 32 -1.92 12.11 -5.04
N GLU A 33 -1.59 11.77 -6.26
CA GLU A 33 -1.13 10.43 -6.58
C GLU A 33 0.39 10.42 -6.64
N VAL A 34 0.98 9.47 -5.94
CA VAL A 34 2.41 9.36 -5.88
C VAL A 34 2.84 7.90 -5.93
N HIS A 35 3.93 7.65 -6.63
CA HIS A 35 4.46 6.33 -6.79
C HIS A 35 5.40 5.94 -5.69
N PHE A 36 5.02 4.93 -4.96
CA PHE A 36 5.88 4.31 -3.99
C PHE A 36 6.16 2.91 -4.44
N ARG A 37 7.39 2.49 -4.34
CA ARG A 37 7.74 1.15 -4.73
C ARG A 37 7.95 0.32 -3.49
N VAL A 38 7.25 -0.77 -3.42
CA VAL A 38 7.25 -1.63 -2.25
C VAL A 38 7.38 -3.08 -2.68
N LYS A 39 7.38 -3.95 -1.72
CA LYS A 39 7.46 -5.37 -1.96
C LYS A 39 6.05 -5.93 -2.10
N TYR A 40 5.91 -7.07 -2.78
CA TYR A 40 4.62 -7.76 -2.85
C TYR A 40 4.08 -7.99 -1.43
N GLY A 41 4.99 -8.34 -0.52
CA GLY A 41 4.62 -8.61 0.86
C GLY A 41 4.96 -7.45 1.78
N THR A 42 4.86 -6.24 1.26
CA THR A 42 5.14 -5.06 2.02
C THR A 42 4.12 -4.84 3.15
N SER A 43 4.62 -4.45 4.30
CA SER A 43 3.80 -4.19 5.45
C SER A 43 3.23 -2.78 5.36
N MET A 44 2.06 -2.55 5.98
CA MET A 44 1.42 -1.23 5.95
C MET A 44 2.36 -0.15 6.45
N ALA A 45 3.25 -0.53 7.35
CA ALA A 45 4.20 0.39 7.94
C ALA A 45 5.13 1.01 6.89
N LYS A 46 5.49 0.21 5.89
CA LYS A 46 6.44 0.66 4.87
C LYS A 46 5.90 1.87 4.12
N LEU A 47 4.63 1.85 3.83
CA LEU A 47 4.00 2.94 3.11
C LEU A 47 3.52 4.04 4.05
N LYS A 48 2.87 3.65 5.14
CA LYS A 48 2.32 4.61 6.09
C LYS A 48 3.40 5.45 6.70
N LYS A 49 4.46 4.80 7.15
CA LYS A 49 5.58 5.51 7.72
C LYS A 49 6.21 6.41 6.70
N SER A 50 6.34 5.90 5.49
CA SER A 50 6.99 6.63 4.43
C SER A 50 6.19 7.88 4.03
N TYR A 51 4.91 7.70 3.76
CA TYR A 51 4.04 8.77 3.33
C TYR A 51 3.76 9.77 4.43
N ALA A 52 3.45 9.26 5.60
CA ALA A 52 3.14 10.11 6.74
C ALA A 52 4.32 11.00 7.04
N ASP A 53 5.50 10.46 6.85
CA ASP A 53 6.74 11.18 7.11
C ASP A 53 6.90 12.37 6.17
N ARG A 54 6.66 12.15 4.90
CA ARG A 54 6.82 13.18 3.88
C ARG A 54 5.72 14.25 3.99
N THR A 55 4.60 13.89 4.60
CA THR A 55 3.48 14.81 4.74
C THR A 55 3.42 15.43 6.15
N GLY A 56 4.33 15.01 7.02
CA GLY A 56 4.38 15.57 8.38
C GLY A 56 3.20 15.15 9.24
N VAL A 57 2.77 13.92 9.06
CA VAL A 57 1.62 13.37 9.77
C VAL A 57 2.01 12.12 10.55
N ALA A 58 1.36 11.90 11.69
CA ALA A 58 1.56 10.69 12.48
C ALA A 58 1.32 9.46 11.60
N VAL A 59 2.22 8.50 11.71
CA VAL A 59 2.19 7.30 10.87
C VAL A 59 0.91 6.51 11.07
N ASN A 60 0.54 6.33 12.32
CA ASN A 60 -0.66 5.56 12.65
C ASN A 60 -1.91 6.32 12.28
N SER A 61 -1.83 7.64 12.30
CA SER A 61 -2.96 8.49 11.99
C SER A 61 -3.15 8.65 10.49
N LEU A 62 -2.23 8.12 9.72
CA LEU A 62 -2.34 8.17 8.27
C LEU A 62 -2.97 6.87 7.83
N ARG A 63 -4.09 6.95 7.13
CA ARG A 63 -4.82 5.76 6.77
C ARG A 63 -4.71 5.44 5.31
N PHE A 64 -4.12 4.28 5.02
CA PHE A 64 -4.06 3.78 3.67
C PHE A 64 -5.12 2.74 3.47
N LEU A 65 -5.89 2.91 2.44
CA LEU A 65 -6.97 2.05 2.15
C LEU A 65 -6.80 1.38 0.83
N PHE A 66 -7.43 0.28 0.70
CA PHE A 66 -7.47 -0.44 -0.53
C PHE A 66 -8.89 -0.87 -0.81
N ASP A 67 -9.49 -0.25 -1.80
CA ASP A 67 -10.86 -0.56 -2.22
C ASP A 67 -11.84 -0.50 -1.02
N GLY A 68 -11.53 0.34 -0.07
CA GLY A 68 -12.42 0.54 1.07
C GLY A 68 -12.06 -0.31 2.27
N ARG A 69 -10.97 -1.04 2.18
CA ARG A 69 -10.51 -1.85 3.30
C ARG A 69 -9.11 -1.43 3.65
N ARG A 70 -8.87 -1.25 4.91
CA ARG A 70 -7.62 -0.70 5.37
C ARG A 70 -6.49 -1.69 5.24
N ILE A 71 -5.33 -1.17 4.95
CA ILE A 71 -4.16 -1.98 4.72
C ILE A 71 -3.40 -2.19 6.02
N ASN A 72 -3.23 -3.46 6.37
CA ASN A 72 -2.55 -3.83 7.60
C ASN A 72 -1.23 -4.50 7.26
N ASP A 73 -0.29 -4.49 8.21
CA ASP A 73 1.00 -5.15 7.98
C ASP A 73 0.83 -6.64 8.05
N ASP A 74 -0.32 -7.06 8.54
CA ASP A 74 -0.64 -8.47 8.67
C ASP A 74 -1.13 -9.03 7.34
N ASP A 75 -1.58 -8.15 6.46
CA ASP A 75 -2.11 -8.57 5.16
C ASP A 75 -1.02 -9.15 4.27
N THR A 76 -1.44 -10.07 3.42
CA THR A 76 -0.54 -10.72 2.49
C THR A 76 -0.83 -10.24 1.07
N PRO A 77 0.12 -10.38 0.12
CA PRO A 77 -0.08 -9.95 -1.27
C PRO A 77 -1.25 -10.68 -1.93
N LYS A 78 -1.50 -11.89 -1.47
CA LYS A 78 -2.56 -12.71 -1.94
C LYS A 78 -3.89 -12.07 -1.59
N THR A 79 -3.96 -11.59 -0.37
CA THR A 79 -5.15 -11.06 0.20
C THR A 79 -5.38 -9.63 -0.26
N LEU A 80 -4.30 -8.86 -0.33
CA LEU A 80 -4.41 -7.51 -0.85
C LEU A 80 -4.64 -7.56 -2.34
N GLU A 81 -4.24 -8.69 -2.96
CA GLU A 81 -4.37 -8.88 -4.41
C GLU A 81 -3.80 -7.70 -5.19
N MET A 82 -2.81 -7.05 -4.60
CA MET A 82 -2.18 -5.89 -5.19
C MET A 82 -1.15 -6.32 -6.21
N GLU A 83 -0.73 -5.39 -7.04
CA GLU A 83 0.20 -5.71 -8.10
C GLU A 83 1.04 -4.49 -8.43
N ASP A 84 1.85 -4.63 -9.45
CA ASP A 84 2.72 -3.57 -9.90
C ASP A 84 1.92 -2.37 -10.39
N ASP A 85 2.14 -1.24 -9.74
CA ASP A 85 1.53 0.06 -10.08
C ASP A 85 0.02 0.04 -9.83
N ASP A 86 -0.39 -0.68 -8.78
CA ASP A 86 -1.80 -0.76 -8.43
C ASP A 86 -2.21 0.52 -7.72
N VAL A 87 -3.47 0.63 -7.43
CA VAL A 87 -4.01 1.82 -6.82
C VAL A 87 -4.16 1.66 -5.32
N ILE A 88 -3.73 2.67 -4.63
CA ILE A 88 -3.80 2.72 -3.20
C ILE A 88 -4.41 4.04 -2.76
N GLU A 89 -5.39 3.97 -1.89
CA GLU A 89 -6.12 5.14 -1.47
C GLU A 89 -5.69 5.62 -0.11
N VAL A 90 -5.75 6.91 0.09
CA VAL A 90 -5.48 7.50 1.38
C VAL A 90 -6.67 8.31 1.84
N TYR A 91 -7.08 8.07 3.05
CA TYR A 91 -8.18 8.78 3.64
C TYR A 91 -7.68 9.84 4.59
N GLN A 92 -8.57 10.70 5.07
CA GLN A 92 -8.19 11.84 5.85
C GLN A 92 -7.55 11.42 7.16
N GLU A 93 -6.46 12.10 7.49
CA GLU A 93 -5.63 11.77 8.61
C GLU A 93 -5.77 12.80 9.74
N GLN A 94 -5.39 12.39 10.95
CA GLN A 94 -5.54 13.23 12.13
C GLN A 94 -4.70 14.50 12.08
N LEU A 95 -3.44 14.36 11.70
CA LEU A 95 -2.51 15.48 11.70
C LEU A 95 -2.36 16.11 10.33
N GLY A 96 -3.11 15.62 9.37
CA GLY A 96 -3.00 16.13 8.02
C GLY A 96 -4.09 17.10 7.67
N GLY A 97 -4.35 17.22 6.38
CA GLY A 97 -5.35 18.14 5.91
C GLY A 97 -4.82 19.56 5.85
N MET A 8 5.62 7.27 -30.47
CA MET A 8 6.29 6.05 -29.98
C MET A 8 6.68 6.21 -28.52
N ALA A 9 6.67 5.11 -27.82
CA ALA A 9 7.04 5.09 -26.42
C ALA A 9 7.65 3.75 -26.07
N ASP A 10 8.48 3.72 -25.07
CA ASP A 10 9.09 2.48 -24.64
C ASP A 10 8.13 1.74 -23.74
N ASP A 11 8.32 0.45 -23.63
CA ASP A 11 7.45 -0.39 -22.81
C ASP A 11 7.52 0.05 -21.36
N ALA A 12 8.74 0.36 -20.90
CA ALA A 12 8.99 0.80 -19.53
C ALA A 12 8.44 -0.22 -18.53
N ALA A 13 8.46 -1.47 -18.95
CA ALA A 13 7.94 -2.54 -18.15
C ALA A 13 9.07 -3.33 -17.57
N GLN A 14 8.95 -3.63 -16.31
CA GLN A 14 9.93 -4.39 -15.61
C GLN A 14 9.24 -5.58 -14.98
N ALA A 15 10.00 -6.61 -14.62
CA ALA A 15 9.41 -7.79 -14.05
C ALA A 15 8.72 -7.45 -12.76
N GLY A 16 9.37 -6.57 -12.00
CA GLY A 16 8.84 -6.17 -10.72
C GLY A 16 9.32 -7.10 -9.67
N ASP A 17 9.92 -8.20 -10.14
CA ASP A 17 10.44 -9.26 -9.29
C ASP A 17 9.37 -9.67 -8.29
N ASN A 18 8.17 -9.82 -8.81
CA ASN A 18 6.97 -10.05 -8.01
C ASN A 18 6.73 -11.52 -7.74
N ALA A 19 7.71 -12.31 -8.05
CA ALA A 19 7.65 -13.73 -7.85
C ALA A 19 7.47 -14.08 -6.36
N GLU A 20 8.17 -13.35 -5.51
CA GLU A 20 8.11 -13.61 -4.08
C GLU A 20 7.41 -12.49 -3.35
N TYR A 21 6.55 -11.82 -4.06
CA TYR A 21 5.82 -10.69 -3.51
C TYR A 21 4.34 -10.76 -3.84
N ILE A 22 3.56 -10.09 -3.04
CA ILE A 22 2.12 -10.07 -3.19
C ILE A 22 1.73 -8.67 -3.62
N LYS A 23 0.55 -8.50 -4.12
CA LYS A 23 0.17 -7.18 -4.55
C LYS A 23 -0.96 -6.64 -3.71
N ILE A 24 -0.93 -5.36 -3.50
CA ILE A 24 -1.96 -4.67 -2.77
C ILE A 24 -2.57 -3.58 -3.62
N LYS A 25 -3.88 -3.59 -3.73
CA LYS A 25 -4.57 -2.57 -4.45
C LYS A 25 -5.10 -1.57 -3.44
N VAL A 26 -4.44 -0.44 -3.37
CA VAL A 26 -4.81 0.59 -2.43
C VAL A 26 -5.94 1.42 -2.99
N VAL A 27 -7.06 1.43 -2.30
CA VAL A 27 -8.19 2.23 -2.73
C VAL A 27 -8.30 3.45 -1.86
N GLY A 28 -8.06 4.61 -2.44
CA GLY A 28 -8.13 5.84 -1.67
C GLY A 28 -9.50 6.47 -1.70
N GLN A 29 -9.67 7.57 -0.98
CA GLN A 29 -10.94 8.25 -0.88
C GLN A 29 -11.17 9.17 -2.06
N ASP A 30 -10.15 9.34 -2.82
CA ASP A 30 -10.22 10.10 -4.07
C ASP A 30 -10.68 9.17 -5.17
N SER A 31 -11.14 7.98 -4.76
CA SER A 31 -11.60 6.95 -5.68
C SER A 31 -10.43 6.51 -6.55
N ASN A 32 -9.25 6.54 -5.96
CA ASN A 32 -8.05 6.16 -6.67
C ASN A 32 -7.46 4.88 -6.13
N GLU A 33 -7.57 3.84 -6.92
CA GLU A 33 -6.97 2.56 -6.61
C GLU A 33 -5.61 2.48 -7.27
N VAL A 34 -4.62 2.14 -6.50
CA VAL A 34 -3.27 2.05 -6.98
C VAL A 34 -2.65 0.76 -6.51
N HIS A 35 -1.90 0.12 -7.37
CA HIS A 35 -1.37 -1.17 -7.05
C HIS A 35 0.08 -1.10 -6.64
N PHE A 36 0.33 -1.48 -5.41
CA PHE A 36 1.67 -1.56 -4.87
C PHE A 36 2.07 -3.01 -4.68
N ARG A 37 3.32 -3.30 -4.91
CA ARG A 37 3.82 -4.63 -4.74
C ARG A 37 4.60 -4.73 -3.43
N VAL A 38 4.14 -5.58 -2.54
CA VAL A 38 4.76 -5.76 -1.23
C VAL A 38 4.91 -7.23 -0.90
N LYS A 39 5.66 -7.52 0.12
CA LYS A 39 5.86 -8.89 0.56
C LYS A 39 4.80 -9.24 1.62
N TYR A 40 4.60 -10.52 1.87
CA TYR A 40 3.70 -10.94 2.95
C TYR A 40 4.13 -10.33 4.29
N GLY A 41 5.43 -10.27 4.51
CA GLY A 41 5.95 -9.75 5.77
C GLY A 41 6.28 -8.28 5.69
N THR A 42 5.72 -7.60 4.71
CA THR A 42 5.93 -6.20 4.54
C THR A 42 5.37 -5.40 5.72
N SER A 43 6.15 -4.43 6.16
CA SER A 43 5.78 -3.58 7.26
C SER A 43 5.09 -2.32 6.74
N MET A 44 4.28 -1.69 7.60
CA MET A 44 3.48 -0.50 7.22
C MET A 44 4.33 0.59 6.56
N ALA A 45 5.59 0.71 6.96
CA ALA A 45 6.47 1.75 6.43
C ALA A 45 6.66 1.62 4.94
N LYS A 46 6.74 0.39 4.46
CA LYS A 46 7.00 0.13 3.04
C LYS A 46 5.91 0.74 2.17
N LEU A 47 4.67 0.64 2.62
CA LEU A 47 3.55 1.15 1.86
C LEU A 47 3.28 2.63 2.17
N LYS A 48 3.32 2.98 3.44
CA LYS A 48 3.04 4.36 3.88
C LYS A 48 4.04 5.33 3.32
N LYS A 49 5.30 4.97 3.40
CA LYS A 49 6.34 5.82 2.84
C LYS A 49 6.15 5.93 1.34
N SER A 50 5.81 4.82 0.73
CA SER A 50 5.61 4.75 -0.72
C SER A 50 4.40 5.57 -1.19
N TYR A 51 3.27 5.39 -0.53
CA TYR A 51 2.05 6.11 -0.88
C TYR A 51 2.14 7.58 -0.52
N ALA A 52 2.63 7.87 0.67
CA ALA A 52 2.76 9.25 1.13
C ALA A 52 3.64 10.03 0.16
N ASP A 53 4.55 9.31 -0.45
CA ASP A 53 5.47 9.88 -1.44
C ASP A 53 4.71 10.42 -2.66
N ARG A 54 3.81 9.61 -3.20
CA ARG A 54 3.07 9.96 -4.41
C ARG A 54 2.09 11.09 -4.16
N THR A 55 1.67 11.24 -2.91
CA THR A 55 0.71 12.26 -2.54
C THR A 55 1.38 13.48 -1.90
N GLY A 56 2.68 13.37 -1.61
CA GLY A 56 3.40 14.49 -1.03
C GLY A 56 2.94 14.84 0.38
N VAL A 57 2.69 13.83 1.19
CA VAL A 57 2.21 14.03 2.53
C VAL A 57 3.10 13.32 3.55
N ALA A 58 2.94 13.65 4.83
CA ALA A 58 3.67 13.01 5.90
C ALA A 58 3.39 11.51 5.89
N VAL A 59 4.44 10.74 6.09
CA VAL A 59 4.36 9.29 6.02
C VAL A 59 3.40 8.75 7.07
N ASN A 60 3.48 9.26 8.28
CA ASN A 60 2.61 8.76 9.34
C ASN A 60 1.24 9.42 9.34
N SER A 61 1.09 10.51 8.57
CA SER A 61 -0.20 11.15 8.47
C SER A 61 -1.06 10.37 7.49
N LEU A 62 -0.41 9.50 6.75
CA LEU A 62 -1.05 8.63 5.81
C LEU A 62 -1.19 7.28 6.48
N ARG A 63 -2.37 6.72 6.46
CA ARG A 63 -2.57 5.47 7.14
C ARG A 63 -3.37 4.51 6.30
N PHE A 64 -2.94 3.26 6.32
CA PHE A 64 -3.64 2.20 5.61
C PHE A 64 -4.35 1.31 6.59
N LEU A 65 -5.53 0.90 6.24
CA LEU A 65 -6.28 -0.02 7.05
C LEU A 65 -6.76 -1.19 6.22
N PHE A 66 -6.69 -2.36 6.79
CA PHE A 66 -7.16 -3.55 6.14
C PHE A 66 -8.44 -3.99 6.81
N ASP A 67 -9.51 -4.04 6.06
CA ASP A 67 -10.82 -4.47 6.59
C ASP A 67 -11.20 -3.67 7.86
N GLY A 68 -10.79 -2.42 7.89
CA GLY A 68 -11.11 -1.55 9.01
C GLY A 68 -10.16 -1.69 10.19
N ARG A 69 -9.04 -2.34 9.98
CA ARG A 69 -8.05 -2.50 11.06
C ARG A 69 -6.69 -1.94 10.63
N ARG A 70 -5.94 -1.46 11.59
CA ARG A 70 -4.65 -0.82 11.32
C ARG A 70 -3.62 -1.80 10.80
N ILE A 71 -2.84 -1.35 9.83
CA ILE A 71 -1.72 -2.12 9.35
C ILE A 71 -0.46 -1.51 9.92
N ASN A 72 0.19 -2.21 10.81
CA ASN A 72 1.38 -1.72 11.45
C ASN A 72 2.60 -2.53 11.07
N ASP A 73 3.76 -2.03 11.45
CA ASP A 73 5.03 -2.68 11.12
C ASP A 73 5.24 -3.95 11.94
N ASP A 74 4.44 -4.12 12.97
CA ASP A 74 4.55 -5.27 13.84
C ASP A 74 3.60 -6.37 13.40
N ASP A 75 2.68 -6.03 12.54
CA ASP A 75 1.69 -6.98 12.06
C ASP A 75 2.29 -8.00 11.12
N THR A 76 1.72 -9.18 11.12
CA THR A 76 2.16 -10.27 10.29
C THR A 76 1.13 -10.52 9.19
N PRO A 77 1.53 -11.22 8.11
CA PRO A 77 0.62 -11.56 7.01
C PRO A 77 -0.55 -12.42 7.48
N LYS A 78 -0.34 -13.12 8.59
CA LYS A 78 -1.29 -13.98 9.17
C LYS A 78 -2.47 -13.14 9.72
N THR A 79 -2.15 -12.06 10.39
CA THR A 79 -3.15 -11.24 11.04
C THR A 79 -3.68 -10.15 10.10
N LEU A 80 -2.80 -9.68 9.22
CA LEU A 80 -3.20 -8.73 8.21
C LEU A 80 -4.02 -9.44 7.16
N GLU A 81 -3.81 -10.76 7.09
CA GLU A 81 -4.54 -11.65 6.21
C GLU A 81 -4.51 -11.17 4.75
N MET A 82 -3.40 -10.54 4.36
CA MET A 82 -3.24 -10.03 3.01
C MET A 82 -2.76 -11.13 2.08
N GLU A 83 -3.00 -10.95 0.80
CA GLU A 83 -2.61 -11.91 -0.19
C GLU A 83 -2.44 -11.21 -1.52
N ASP A 84 -2.15 -11.95 -2.56
CA ASP A 84 -1.92 -11.38 -3.87
C ASP A 84 -3.12 -10.57 -4.38
N ASP A 85 -2.84 -9.31 -4.68
CA ASP A 85 -3.78 -8.34 -5.25
C ASP A 85 -4.94 -8.07 -4.31
N ASP A 86 -4.69 -8.10 -3.01
CA ASP A 86 -5.75 -7.83 -2.05
C ASP A 86 -6.02 -6.34 -2.03
N VAL A 87 -6.99 -5.93 -1.26
CA VAL A 87 -7.40 -4.55 -1.23
C VAL A 87 -7.08 -3.91 0.11
N ILE A 88 -6.71 -2.66 0.05
CA ILE A 88 -6.35 -1.90 1.23
C ILE A 88 -7.13 -0.59 1.24
N GLU A 89 -7.51 -0.14 2.42
CA GLU A 89 -8.29 1.07 2.55
C GLU A 89 -7.46 2.19 3.13
N VAL A 90 -7.65 3.38 2.63
CA VAL A 90 -6.91 4.53 3.10
C VAL A 90 -7.82 5.56 3.73
N TYR A 91 -7.42 6.05 4.88
CA TYR A 91 -8.14 7.07 5.58
C TYR A 91 -7.49 8.41 5.31
N GLN A 92 -8.16 9.48 5.68
CA GLN A 92 -7.72 10.82 5.32
C GLN A 92 -6.41 11.19 6.00
N GLU A 93 -5.50 11.73 5.21
CA GLU A 93 -4.21 12.11 5.68
C GLU A 93 -4.27 13.49 6.35
N GLN A 94 -3.47 13.68 7.39
CA GLN A 94 -3.50 14.90 8.19
C GLN A 94 -3.08 16.14 7.41
N LEU A 95 -2.00 16.03 6.66
CA LEU A 95 -1.46 17.17 5.95
C LEU A 95 -2.01 17.29 4.54
N GLY A 96 -2.65 16.24 4.06
CA GLY A 96 -3.22 16.28 2.72
C GLY A 96 -4.33 17.28 2.62
N GLY A 97 -5.19 17.29 3.62
CA GLY A 97 -6.27 18.23 3.66
C GLY A 97 -7.51 17.63 4.24
N MET A 8 1.85 -8.81 -32.28
CA MET A 8 2.23 -10.24 -32.16
C MET A 8 1.32 -10.94 -31.18
N ALA A 9 1.15 -12.23 -31.36
CA ALA A 9 0.35 -13.05 -30.45
C ALA A 9 1.08 -13.22 -29.14
N ASP A 10 0.33 -13.37 -28.06
CA ASP A 10 0.92 -13.54 -26.75
C ASP A 10 1.36 -14.97 -26.52
N ASP A 11 2.67 -15.16 -26.47
CA ASP A 11 3.25 -16.49 -26.25
C ASP A 11 3.10 -16.90 -24.80
N ALA A 12 3.02 -15.91 -23.91
CA ALA A 12 2.90 -16.15 -22.48
C ALA A 12 4.08 -16.94 -21.97
N ALA A 13 5.26 -16.34 -22.07
CA ALA A 13 6.48 -16.99 -21.66
C ALA A 13 6.77 -16.73 -20.20
N GLN A 14 6.60 -17.76 -19.38
CA GLN A 14 6.84 -17.70 -17.95
C GLN A 14 6.01 -16.61 -17.27
N ALA A 15 6.28 -16.39 -16.01
CA ALA A 15 5.57 -15.40 -15.24
C ALA A 15 5.78 -13.99 -15.79
N GLY A 16 7.02 -13.72 -16.18
CA GLY A 16 7.35 -12.39 -16.65
C GLY A 16 7.58 -11.47 -15.48
N ASP A 17 7.73 -12.07 -14.33
CA ASP A 17 7.94 -11.36 -13.10
C ASP A 17 9.35 -11.59 -12.62
N ASN A 18 10.01 -10.54 -12.23
CA ASN A 18 11.41 -10.63 -11.81
C ASN A 18 11.60 -10.17 -10.37
N ALA A 19 10.52 -10.15 -9.63
CA ALA A 19 10.56 -9.72 -8.26
C ALA A 19 9.49 -10.41 -7.45
N GLU A 20 9.75 -10.56 -6.16
CA GLU A 20 8.81 -11.23 -5.28
C GLU A 20 8.00 -10.23 -4.49
N TYR A 21 7.90 -9.06 -5.02
CA TYR A 21 7.18 -8.00 -4.37
C TYR A 21 5.81 -7.83 -4.98
N ILE A 22 4.91 -7.29 -4.21
CA ILE A 22 3.55 -7.15 -4.61
C ILE A 22 3.22 -5.67 -4.75
N LYS A 23 2.19 -5.39 -5.45
CA LYS A 23 1.80 -4.04 -5.66
C LYS A 23 0.64 -3.66 -4.74
N ILE A 24 0.63 -2.44 -4.31
CA ILE A 24 -0.45 -1.92 -3.52
C ILE A 24 -0.99 -0.66 -4.14
N LYS A 25 -2.30 -0.62 -4.34
CA LYS A 25 -2.89 0.58 -4.86
C LYS A 25 -3.43 1.38 -3.69
N VAL A 26 -2.73 2.42 -3.35
CA VAL A 26 -3.14 3.29 -2.29
C VAL A 26 -4.19 4.25 -2.82
N VAL A 27 -5.42 4.07 -2.40
CA VAL A 27 -6.50 4.91 -2.85
C VAL A 27 -7.01 5.76 -1.70
N GLY A 28 -6.89 7.05 -1.86
CA GLY A 28 -7.35 7.94 -0.82
C GLY A 28 -8.74 8.45 -1.07
N GLN A 29 -9.39 8.93 -0.01
CA GLN A 29 -10.73 9.50 -0.12
C GLN A 29 -10.67 10.77 -0.92
N ASP A 30 -9.49 11.28 -0.97
CA ASP A 30 -9.12 12.42 -1.80
C ASP A 30 -9.15 12.01 -3.29
N SER A 31 -9.61 10.76 -3.53
CA SER A 31 -9.71 10.18 -4.88
C SER A 31 -8.33 10.07 -5.50
N ASN A 32 -7.36 9.85 -4.64
CA ASN A 32 -5.98 9.77 -5.07
C ASN A 32 -5.45 8.36 -4.94
N GLU A 33 -5.26 7.71 -6.07
CA GLU A 33 -4.67 6.38 -6.09
C GLU A 33 -3.23 6.45 -6.55
N VAL A 34 -2.38 5.75 -5.84
CA VAL A 34 -0.98 5.67 -6.17
C VAL A 34 -0.50 4.24 -5.96
N HIS A 35 0.32 3.78 -6.86
CA HIS A 35 0.79 2.41 -6.79
C HIS A 35 2.16 2.32 -6.17
N PHE A 36 2.21 1.65 -5.05
CA PHE A 36 3.46 1.39 -4.37
C PHE A 36 3.78 -0.08 -4.41
N ARG A 37 5.04 -0.40 -4.49
CA ARG A 37 5.46 -1.77 -4.51
C ARG A 37 6.00 -2.16 -3.14
N VAL A 38 5.38 -3.13 -2.53
CA VAL A 38 5.74 -3.58 -1.20
C VAL A 38 5.86 -5.10 -1.20
N LYS A 39 6.41 -5.64 -0.16
CA LYS A 39 6.55 -7.08 -0.06
C LYS A 39 5.31 -7.63 0.64
N TYR A 40 5.03 -8.93 0.52
CA TYR A 40 3.95 -9.50 1.32
C TYR A 40 4.29 -9.26 2.78
N GLY A 41 5.58 -9.40 3.08
CA GLY A 41 6.08 -9.25 4.41
C GLY A 41 6.37 -7.82 4.75
N THR A 42 5.75 -6.91 4.03
CA THR A 42 5.93 -5.52 4.25
C THR A 42 5.34 -5.08 5.58
N SER A 43 6.04 -4.19 6.24
CA SER A 43 5.58 -3.64 7.46
C SER A 43 4.72 -2.42 7.17
N MET A 44 3.69 -2.25 7.95
CA MET A 44 2.76 -1.13 7.83
C MET A 44 3.50 0.21 7.80
N ALA A 45 4.52 0.32 8.61
CA ALA A 45 5.31 1.52 8.70
C ALA A 45 6.01 1.84 7.39
N LYS A 46 6.30 0.81 6.58
CA LYS A 46 6.99 1.02 5.29
C LYS A 46 6.19 1.94 4.39
N LEU A 47 4.90 1.74 4.38
CA LEU A 47 4.05 2.52 3.49
C LEU A 47 3.66 3.85 4.11
N LYS A 48 3.39 3.85 5.40
CA LYS A 48 2.98 5.06 6.11
C LYS A 48 4.11 6.04 6.14
N LYS A 49 5.29 5.56 6.42
CA LYS A 49 6.46 6.39 6.43
C LYS A 49 6.70 6.90 5.02
N SER A 50 6.54 6.02 4.04
CA SER A 50 6.81 6.34 2.64
C SER A 50 5.78 7.32 2.05
N TYR A 51 4.50 7.02 2.22
CA TYR A 51 3.45 7.86 1.68
C TYR A 51 3.46 9.21 2.33
N ALA A 52 3.55 9.22 3.64
CA ALA A 52 3.57 10.47 4.37
C ALA A 52 4.76 11.29 3.94
N ASP A 53 5.84 10.58 3.68
CA ASP A 53 7.10 11.21 3.25
C ASP A 53 6.95 11.86 1.87
N ARG A 54 6.33 11.13 0.94
CA ARG A 54 6.17 11.60 -0.42
C ARG A 54 5.21 12.80 -0.48
N THR A 55 4.32 12.90 0.50
CA THR A 55 3.37 14.00 0.54
C THR A 55 3.83 15.12 1.49
N GLY A 56 4.76 14.80 2.38
CA GLY A 56 5.26 15.80 3.31
C GLY A 56 4.35 16.00 4.51
N VAL A 57 3.67 14.94 4.91
CA VAL A 57 2.75 15.04 6.04
C VAL A 57 3.25 14.18 7.20
N ALA A 58 2.74 14.46 8.39
CA ALA A 58 3.10 13.70 9.58
C ALA A 58 2.76 12.23 9.37
N VAL A 59 3.74 11.37 9.63
CA VAL A 59 3.57 9.93 9.44
C VAL A 59 2.46 9.40 10.34
N ASN A 60 2.46 9.84 11.57
CA ASN A 60 1.46 9.41 12.54
C ASN A 60 0.06 9.85 12.13
N SER A 61 -0.04 11.02 11.50
CA SER A 61 -1.34 11.54 11.08
C SER A 61 -1.81 10.86 9.79
N LEU A 62 -0.89 10.15 9.16
CA LEU A 62 -1.17 9.47 7.92
C LEU A 62 -1.52 8.04 8.24
N ARG A 63 -2.60 7.56 7.65
CA ARG A 63 -3.09 6.27 7.97
C ARG A 63 -3.67 5.55 6.78
N PHE A 64 -3.50 4.24 6.77
CA PHE A 64 -4.05 3.38 5.74
C PHE A 64 -5.00 2.40 6.34
N LEU A 65 -6.01 2.05 5.59
CA LEU A 65 -6.95 1.04 6.01
C LEU A 65 -7.05 -0.06 4.99
N PHE A 66 -7.09 -1.28 5.46
CA PHE A 66 -7.20 -2.42 4.61
C PHE A 66 -8.50 -3.12 4.94
N ASP A 67 -9.33 -3.34 3.95
CA ASP A 67 -10.63 -4.00 4.15
C ASP A 67 -11.48 -3.19 5.15
N GLY A 68 -11.21 -1.89 5.20
CA GLY A 68 -11.95 -0.98 6.05
C GLY A 68 -11.47 -1.01 7.48
N ARG A 69 -10.29 -1.56 7.69
CA ARG A 69 -9.74 -1.62 9.02
C ARG A 69 -8.30 -1.15 9.05
N ARG A 70 -7.89 -0.71 10.20
CA ARG A 70 -6.58 -0.12 10.42
C ARG A 70 -5.42 -1.04 10.08
N ILE A 71 -4.42 -0.48 9.43
CA ILE A 71 -3.15 -1.15 9.23
C ILE A 71 -2.19 -0.55 10.26
N ASN A 72 -1.84 -1.32 11.26
CA ASN A 72 -1.03 -0.81 12.35
C ASN A 72 0.26 -1.59 12.48
N ASP A 73 1.23 -1.00 13.17
CA ASP A 73 2.56 -1.62 13.40
C ASP A 73 2.47 -2.96 14.13
N ASP A 74 1.29 -3.28 14.61
CA ASP A 74 1.05 -4.55 15.26
C ASP A 74 0.73 -5.64 14.22
N ASP A 75 0.43 -5.20 13.00
CA ASP A 75 0.02 -6.11 11.93
C ASP A 75 1.15 -6.95 11.39
N THR A 76 0.78 -8.12 10.93
CA THR A 76 1.68 -9.05 10.33
C THR A 76 1.28 -9.30 8.87
N PRO A 77 2.22 -9.71 8.03
CA PRO A 77 1.96 -9.90 6.58
C PRO A 77 0.80 -10.86 6.29
N LYS A 78 0.71 -11.94 7.05
CA LYS A 78 -0.33 -12.91 6.80
C LYS A 78 -1.72 -12.39 7.18
N THR A 79 -1.78 -11.50 8.18
CA THR A 79 -3.07 -10.98 8.64
C THR A 79 -3.55 -9.87 7.73
N LEU A 80 -2.59 -9.16 7.12
CA LEU A 80 -2.93 -8.12 6.18
C LEU A 80 -3.48 -8.76 4.93
N GLU A 81 -3.08 -10.02 4.70
CA GLU A 81 -3.54 -10.84 3.57
C GLU A 81 -3.48 -10.08 2.22
N MET A 82 -2.54 -9.16 2.11
CA MET A 82 -2.40 -8.37 0.89
C MET A 82 -1.77 -9.18 -0.24
N GLU A 83 -1.95 -8.72 -1.46
CA GLU A 83 -1.45 -9.41 -2.63
C GLU A 83 -1.09 -8.39 -3.70
N ASP A 84 -0.66 -8.87 -4.84
CA ASP A 84 -0.23 -7.99 -5.91
C ASP A 84 -1.36 -7.15 -6.49
N ASP A 85 -1.18 -5.84 -6.39
CA ASP A 85 -2.10 -4.83 -6.92
C ASP A 85 -3.41 -4.82 -6.14
N ASP A 86 -3.30 -5.11 -4.83
CA ASP A 86 -4.46 -5.10 -3.95
C ASP A 86 -4.80 -3.66 -3.59
N VAL A 87 -5.84 -3.50 -2.85
CA VAL A 87 -6.39 -2.20 -2.59
C VAL A 87 -6.18 -1.79 -1.13
N ILE A 88 -5.76 -0.57 -0.97
CA ILE A 88 -5.54 0.02 0.33
C ILE A 88 -6.19 1.39 0.39
N GLU A 89 -6.91 1.63 1.45
CA GLU A 89 -7.69 2.85 1.59
C GLU A 89 -6.96 3.88 2.43
N VAL A 90 -7.07 5.13 2.05
CA VAL A 90 -6.47 6.23 2.78
C VAL A 90 -7.50 7.27 3.11
N TYR A 91 -7.54 7.62 4.35
CA TYR A 91 -8.46 8.62 4.82
C TYR A 91 -7.71 9.88 5.14
N GLN A 92 -8.43 10.95 5.39
CA GLN A 92 -7.80 12.26 5.54
C GLN A 92 -6.92 12.31 6.76
N GLU A 93 -5.77 12.93 6.59
CA GLU A 93 -4.78 13.04 7.63
C GLU A 93 -4.89 14.39 8.34
N GLN A 94 -4.33 14.48 9.55
CA GLN A 94 -4.48 15.68 10.39
C GLN A 94 -3.90 16.92 9.73
N LEU A 95 -2.72 16.78 9.18
CA LEU A 95 -2.04 17.90 8.58
C LEU A 95 -2.34 18.03 7.09
N GLY A 96 -3.04 17.03 6.55
CA GLY A 96 -3.43 17.07 5.16
C GLY A 96 -4.40 18.18 4.87
N GLY A 97 -5.34 18.37 5.78
CA GLY A 97 -6.33 19.40 5.63
C GLY A 97 -7.63 18.98 6.25
N MET A 8 15.96 7.34 -23.66
CA MET A 8 14.93 6.55 -22.98
C MET A 8 15.14 5.07 -23.27
N ALA A 9 14.74 4.23 -22.33
CA ALA A 9 14.87 2.80 -22.51
C ALA A 9 13.50 2.14 -22.43
N ASP A 10 13.04 1.61 -23.55
CA ASP A 10 11.73 0.96 -23.60
C ASP A 10 11.84 -0.51 -23.19
N ASP A 11 13.07 -0.96 -22.97
CA ASP A 11 13.35 -2.34 -22.61
C ASP A 11 12.76 -2.71 -21.25
N ALA A 12 12.86 -1.78 -20.29
CA ALA A 12 12.40 -2.04 -18.92
C ALA A 12 13.10 -3.27 -18.37
N ALA A 13 14.42 -3.16 -18.23
CA ALA A 13 15.24 -4.27 -17.80
C ALA A 13 14.90 -4.71 -16.40
N GLN A 14 14.38 -5.93 -16.28
CA GLN A 14 13.98 -6.53 -15.03
C GLN A 14 12.96 -5.67 -14.29
N ALA A 15 11.74 -6.11 -14.35
CA ALA A 15 10.61 -5.38 -13.76
C ALA A 15 10.56 -5.57 -12.25
N GLY A 16 11.46 -6.37 -11.72
CA GLY A 16 11.49 -6.61 -10.29
C GLY A 16 10.48 -7.64 -9.88
N ASP A 17 10.08 -8.45 -10.83
CA ASP A 17 9.10 -9.50 -10.57
C ASP A 17 9.80 -10.70 -9.97
N ASN A 18 9.49 -10.98 -8.72
CA ASN A 18 10.10 -12.10 -8.01
C ASN A 18 9.02 -13.07 -7.61
N ALA A 19 7.78 -12.69 -7.95
CA ALA A 19 6.59 -13.46 -7.60
C ALA A 19 6.36 -13.44 -6.09
N GLU A 20 5.29 -14.08 -5.66
CA GLU A 20 4.91 -14.11 -4.24
C GLU A 20 4.45 -12.75 -3.75
N TYR A 21 3.71 -12.08 -4.59
CA TYR A 21 3.17 -10.79 -4.25
C TYR A 21 1.70 -10.71 -4.56
N ILE A 22 1.04 -9.78 -3.91
CA ILE A 22 -0.37 -9.58 -4.07
C ILE A 22 -0.61 -8.12 -4.45
N LYS A 23 -1.75 -7.84 -4.98
CA LYS A 23 -2.09 -6.48 -5.31
C LYS A 23 -3.00 -5.90 -4.27
N ILE A 24 -2.80 -4.65 -4.01
CA ILE A 24 -3.67 -3.92 -3.12
C ILE A 24 -4.21 -2.71 -3.81
N LYS A 25 -5.51 -2.58 -3.80
CA LYS A 25 -6.14 -1.44 -4.38
C LYS A 25 -6.37 -0.43 -3.29
N VAL A 26 -5.57 0.59 -3.27
CA VAL A 26 -5.66 1.61 -2.29
C VAL A 26 -6.67 2.62 -2.72
N VAL A 27 -7.78 2.69 -2.03
CA VAL A 27 -8.80 3.63 -2.37
C VAL A 27 -8.97 4.63 -1.26
N GLY A 28 -8.83 5.88 -1.60
CA GLY A 28 -8.95 6.93 -0.62
C GLY A 28 -10.37 7.36 -0.43
N GLN A 29 -10.59 8.27 0.49
CA GLN A 29 -11.93 8.74 0.81
C GLN A 29 -12.42 9.73 -0.22
N ASP A 30 -11.50 10.17 -1.03
CA ASP A 30 -11.83 11.03 -2.15
C ASP A 30 -12.16 10.18 -3.36
N SER A 31 -12.38 8.88 -3.10
CA SER A 31 -12.74 7.90 -4.11
C SER A 31 -11.60 7.67 -5.09
N ASN A 32 -10.38 7.79 -4.61
CA ASN A 32 -9.21 7.58 -5.46
C ASN A 32 -8.55 6.25 -5.17
N GLU A 33 -8.64 5.34 -6.12
CA GLU A 33 -8.08 4.02 -5.98
C GLU A 33 -6.85 3.84 -6.88
N VAL A 34 -5.80 3.29 -6.29
CA VAL A 34 -4.54 3.06 -6.97
C VAL A 34 -4.06 1.65 -6.64
N HIS A 35 -3.46 0.98 -7.61
CA HIS A 35 -3.06 -0.39 -7.40
C HIS A 35 -1.57 -0.51 -7.13
N PHE A 36 -1.26 -0.92 -5.92
CA PHE A 36 0.11 -1.19 -5.51
C PHE A 36 0.30 -2.66 -5.28
N ARG A 37 1.50 -3.15 -5.53
CA ARG A 37 1.78 -4.55 -5.32
C ARG A 37 2.73 -4.75 -4.16
N VAL A 38 2.29 -5.53 -3.21
CA VAL A 38 3.05 -5.82 -2.01
C VAL A 38 2.95 -7.31 -1.70
N LYS A 39 3.66 -7.76 -0.72
CA LYS A 39 3.62 -9.16 -0.36
C LYS A 39 2.53 -9.41 0.68
N TYR A 40 2.11 -10.66 0.82
CA TYR A 40 1.11 -11.05 1.83
C TYR A 40 1.56 -10.60 3.23
N GLY A 41 2.86 -10.72 3.49
CA GLY A 41 3.40 -10.35 4.78
C GLY A 41 4.07 -8.99 4.77
N THR A 42 3.71 -8.16 3.83
CA THR A 42 4.26 -6.83 3.70
C THR A 42 3.99 -5.97 4.95
N SER A 43 4.97 -5.14 5.31
CA SER A 43 4.88 -4.27 6.45
C SER A 43 4.19 -2.96 6.06
N MET A 44 3.62 -2.27 7.05
CA MET A 44 2.89 -1.01 6.82
C MET A 44 3.74 0.01 6.06
N ALA A 45 5.05 -0.02 6.28
CA ALA A 45 5.97 0.92 5.66
C ALA A 45 5.97 0.79 4.15
N LYS A 46 5.86 -0.44 3.65
CA LYS A 46 5.94 -0.71 2.22
C LYS A 46 4.87 0.05 1.46
N LEU A 47 3.68 0.10 2.00
CA LEU A 47 2.58 0.79 1.33
C LEU A 47 2.57 2.28 1.66
N LYS A 48 2.76 2.60 2.93
CA LYS A 48 2.72 3.99 3.38
C LYS A 48 3.79 4.80 2.71
N LYS A 49 4.99 4.28 2.69
CA LYS A 49 6.10 4.97 2.04
C LYS A 49 5.84 5.09 0.55
N SER A 50 5.29 4.03 -0.01
CA SER A 50 5.00 4.00 -1.44
C SER A 50 3.96 5.05 -1.85
N TYR A 51 2.85 5.10 -1.13
CA TYR A 51 1.79 6.05 -1.43
C TYR A 51 2.19 7.46 -1.06
N ALA A 52 2.75 7.60 0.13
CA ALA A 52 3.14 8.90 0.63
C ALA A 52 4.13 9.55 -0.31
N ASP A 53 4.92 8.72 -0.95
CA ASP A 53 5.93 9.20 -1.89
C ASP A 53 5.32 9.92 -3.08
N ARG A 54 4.27 9.35 -3.67
CA ARG A 54 3.66 9.94 -4.86
C ARG A 54 2.96 11.25 -4.53
N THR A 55 2.56 11.38 -3.29
CA THR A 55 1.79 12.53 -2.87
C THR A 55 2.62 13.56 -2.10
N GLY A 56 3.88 13.22 -1.80
CA GLY A 56 4.75 14.15 -1.09
C GLY A 56 4.31 14.39 0.33
N VAL A 57 3.66 13.40 0.90
CA VAL A 57 3.15 13.48 2.25
C VAL A 57 3.98 12.65 3.18
N ALA A 58 4.12 13.10 4.43
CA ALA A 58 4.84 12.36 5.45
C ALA A 58 4.31 10.94 5.51
N VAL A 59 5.22 9.99 5.55
CA VAL A 59 4.88 8.56 5.56
C VAL A 59 4.04 8.22 6.78
N ASN A 60 4.45 8.73 7.92
CA ASN A 60 3.73 8.51 9.16
C ASN A 60 2.36 9.16 9.12
N SER A 61 2.27 10.27 8.41
CA SER A 61 1.03 11.04 8.28
C SER A 61 0.04 10.38 7.33
N LEU A 62 0.48 9.38 6.59
CA LEU A 62 -0.41 8.70 5.66
C LEU A 62 -1.02 7.52 6.37
N ARG A 63 -2.33 7.48 6.41
CA ARG A 63 -3.04 6.53 7.24
C ARG A 63 -3.63 5.40 6.41
N PHE A 64 -3.08 4.20 6.56
CA PHE A 64 -3.63 3.05 5.87
C PHE A 64 -4.28 2.11 6.87
N LEU A 65 -5.51 1.78 6.62
CA LEU A 65 -6.25 0.88 7.45
C LEU A 65 -6.88 -0.22 6.61
N PHE A 66 -6.94 -1.40 7.16
CA PHE A 66 -7.53 -2.50 6.47
C PHE A 66 -8.82 -2.89 7.15
N ASP A 67 -9.93 -2.76 6.46
CA ASP A 67 -11.26 -3.07 7.00
C ASP A 67 -11.58 -2.24 8.25
N GLY A 68 -10.85 -1.15 8.44
CA GLY A 68 -11.10 -0.29 9.58
C GLY A 68 -10.13 -0.52 10.72
N ARG A 69 -9.13 -1.36 10.50
CA ARG A 69 -8.11 -1.59 11.51
C ARG A 69 -6.75 -1.17 10.99
N ARG A 70 -5.94 -0.69 11.89
CA ARG A 70 -4.65 -0.14 11.54
C ARG A 70 -3.68 -1.18 11.04
N ILE A 71 -3.00 -0.84 9.97
CA ILE A 71 -2.00 -1.71 9.39
C ILE A 71 -0.66 -1.39 9.99
N ASN A 72 -0.07 -2.37 10.64
CA ASN A 72 1.21 -2.19 11.28
C ASN A 72 2.25 -3.10 10.68
N ASP A 73 3.52 -2.76 10.86
CA ASP A 73 4.62 -3.56 10.34
C ASP A 73 4.74 -4.86 11.11
N ASP A 74 4.06 -4.92 12.24
CA ASP A 74 4.08 -6.08 13.10
C ASP A 74 3.09 -7.14 12.64
N ASP A 75 2.12 -6.73 11.82
CA ASP A 75 1.08 -7.62 11.33
C ASP A 75 1.65 -8.75 10.49
N THR A 76 1.02 -9.90 10.61
CA THR A 76 1.41 -11.08 9.87
C THR A 76 0.45 -11.32 8.70
N PRO A 77 0.88 -12.05 7.67
CA PRO A 77 0.05 -12.34 6.48
C PRO A 77 -1.22 -13.13 6.85
N LYS A 78 -1.18 -13.81 7.98
CA LYS A 78 -2.28 -14.62 8.41
C LYS A 78 -3.35 -13.79 9.13
N THR A 79 -2.96 -12.63 9.66
CA THR A 79 -3.89 -11.78 10.37
C THR A 79 -4.44 -10.73 9.41
N LEU A 80 -3.61 -10.30 8.46
CA LEU A 80 -4.04 -9.33 7.46
C LEU A 80 -5.00 -9.97 6.49
N GLU A 81 -4.88 -11.30 6.34
CA GLU A 81 -5.77 -12.09 5.50
C GLU A 81 -5.97 -11.47 4.10
N MET A 82 -4.94 -10.84 3.58
CA MET A 82 -5.00 -10.21 2.28
C MET A 82 -4.65 -11.18 1.17
N GLU A 83 -5.07 -10.86 -0.04
CA GLU A 83 -4.79 -11.65 -1.19
C GLU A 83 -4.72 -10.74 -2.39
N ASP A 84 -4.47 -11.31 -3.54
CA ASP A 84 -4.32 -10.53 -4.75
C ASP A 84 -5.53 -9.64 -5.03
N ASP A 85 -5.24 -8.36 -5.23
CA ASP A 85 -6.21 -7.32 -5.63
C ASP A 85 -7.26 -6.99 -4.57
N ASP A 86 -6.86 -7.10 -3.30
CA ASP A 86 -7.75 -6.73 -2.20
C ASP A 86 -7.77 -5.21 -2.04
N VAL A 87 -8.55 -4.74 -1.11
CA VAL A 87 -8.75 -3.31 -0.94
C VAL A 87 -8.15 -2.81 0.35
N ILE A 88 -7.75 -1.56 0.35
CA ILE A 88 -7.20 -0.91 1.50
C ILE A 88 -7.90 0.42 1.72
N GLU A 89 -8.08 0.79 2.95
CA GLU A 89 -8.76 2.02 3.28
C GLU A 89 -7.75 3.05 3.73
N VAL A 90 -7.95 4.27 3.30
CA VAL A 90 -7.05 5.35 3.66
C VAL A 90 -7.79 6.45 4.37
N TYR A 91 -7.24 6.86 5.48
CA TYR A 91 -7.80 7.93 6.26
C TYR A 91 -7.03 9.22 6.01
N GLN A 92 -7.56 10.33 6.48
CA GLN A 92 -7.00 11.62 6.14
C GLN A 92 -5.63 11.82 6.76
N GLU A 93 -4.71 12.29 5.93
CA GLU A 93 -3.33 12.48 6.30
C GLU A 93 -3.12 13.78 7.10
N GLN A 94 -2.03 13.81 7.85
CA GLN A 94 -1.71 14.94 8.72
C GLN A 94 -1.10 16.12 7.96
N LEU A 95 -0.05 15.85 7.19
CA LEU A 95 0.65 16.89 6.44
C LEU A 95 -0.25 17.52 5.37
N GLY A 96 -1.02 16.68 4.71
CA GLY A 96 -1.92 17.18 3.68
C GLY A 96 -1.56 16.70 2.29
N GLY A 97 -2.48 15.97 1.68
CA GLY A 97 -2.27 15.47 0.33
C GLY A 97 -2.93 16.34 -0.70
N MET A 8 14.55 -20.90 3.94
CA MET A 8 13.66 -20.91 5.13
C MET A 8 14.01 -19.78 6.07
N ALA A 9 15.03 -19.03 5.72
CA ALA A 9 15.48 -17.91 6.53
C ALA A 9 14.57 -16.70 6.35
N ASP A 10 14.60 -15.77 7.31
CA ASP A 10 13.78 -14.57 7.23
C ASP A 10 14.41 -13.57 6.27
N ASP A 11 15.58 -13.95 5.76
CA ASP A 11 16.29 -13.16 4.74
C ASP A 11 15.46 -13.07 3.47
N ALA A 12 14.80 -14.19 3.16
CA ALA A 12 13.96 -14.35 1.96
C ALA A 12 14.81 -14.59 0.72
N ALA A 13 16.06 -14.13 0.78
CA ALA A 13 17.02 -14.31 -0.31
C ALA A 13 16.50 -13.78 -1.64
N GLN A 14 16.66 -12.46 -1.85
CA GLN A 14 16.16 -11.81 -3.05
C GLN A 14 14.65 -11.94 -3.14
N ALA A 15 14.10 -11.56 -4.26
CA ALA A 15 12.68 -11.69 -4.46
C ALA A 15 12.40 -13.01 -5.12
N GLY A 16 13.48 -13.71 -5.46
CA GLY A 16 13.37 -14.95 -6.17
C GLY A 16 12.95 -14.69 -7.58
N ASP A 17 13.16 -13.44 -7.99
CA ASP A 17 12.73 -12.94 -9.29
C ASP A 17 11.25 -13.19 -9.45
N ASN A 18 10.50 -12.75 -8.45
CA ASN A 18 9.06 -12.93 -8.39
C ASN A 18 8.42 -12.23 -9.56
N ALA A 19 8.87 -10.99 -9.79
CA ALA A 19 8.40 -10.17 -10.89
C ALA A 19 6.90 -10.00 -10.82
N GLU A 20 6.29 -9.63 -11.95
CA GLU A 20 4.85 -9.49 -12.05
C GLU A 20 4.29 -8.61 -10.95
N TYR A 21 4.60 -7.34 -11.02
CA TYR A 21 4.13 -6.41 -10.03
C TYR A 21 2.95 -5.64 -10.55
N ILE A 22 2.10 -5.24 -9.66
CA ILE A 22 0.88 -4.60 -10.01
C ILE A 22 0.95 -3.14 -9.60
N LYS A 23 0.10 -2.35 -10.15
CA LYS A 23 0.09 -0.96 -9.84
C LYS A 23 -1.13 -0.62 -9.03
N ILE A 24 -0.98 0.27 -8.12
CA ILE A 24 -2.08 0.70 -7.30
C ILE A 24 -2.18 2.21 -7.22
N LYS A 25 -3.37 2.73 -7.41
CA LYS A 25 -3.59 4.14 -7.32
C LYS A 25 -4.05 4.50 -5.92
N VAL A 26 -3.16 5.06 -5.15
CA VAL A 26 -3.51 5.54 -3.83
C VAL A 26 -4.14 6.90 -3.95
N VAL A 27 -5.39 7.02 -3.54
CA VAL A 27 -6.06 8.29 -3.61
C VAL A 27 -6.54 8.74 -2.25
N GLY A 28 -6.07 9.91 -1.86
CA GLY A 28 -6.46 10.46 -0.59
C GLY A 28 -7.67 11.35 -0.72
N GLN A 29 -8.20 11.78 0.39
CA GLN A 29 -9.42 12.57 0.41
C GLN A 29 -9.21 13.96 -0.14
N ASP A 30 -8.00 14.44 -0.01
CA ASP A 30 -7.64 15.73 -0.58
C ASP A 30 -7.37 15.61 -2.08
N SER A 31 -7.93 14.53 -2.66
CA SER A 31 -7.85 14.26 -4.10
C SER A 31 -6.45 13.90 -4.53
N ASN A 32 -5.66 13.35 -3.62
CA ASN A 32 -4.30 12.99 -3.97
C ASN A 32 -4.20 11.55 -4.40
N GLU A 33 -4.12 11.34 -5.68
CA GLU A 33 -3.98 10.01 -6.22
C GLU A 33 -2.62 9.83 -6.86
N VAL A 34 -1.93 8.80 -6.45
CA VAL A 34 -0.58 8.51 -6.92
C VAL A 34 -0.43 7.04 -7.23
N HIS A 35 0.36 6.74 -8.25
CA HIS A 35 0.56 5.37 -8.67
C HIS A 35 1.78 4.76 -8.00
N PHE A 36 1.53 3.73 -7.23
CA PHE A 36 2.56 2.93 -6.61
C PHE A 36 2.63 1.57 -7.26
N ARG A 37 3.82 1.06 -7.44
CA ARG A 37 3.99 -0.26 -7.99
C ARG A 37 4.31 -1.23 -6.88
N VAL A 38 3.42 -2.16 -6.66
CA VAL A 38 3.56 -3.12 -5.58
C VAL A 38 3.27 -4.54 -6.06
N LYS A 39 3.46 -5.49 -5.19
CA LYS A 39 3.24 -6.89 -5.49
C LYS A 39 1.78 -7.25 -5.19
N TYR A 40 1.28 -8.33 -5.80
CA TYR A 40 -0.06 -8.82 -5.49
C TYR A 40 -0.16 -9.08 -3.97
N GLY A 41 0.92 -9.64 -3.41
CA GLY A 41 0.97 -9.93 -2.00
C GLY A 41 1.78 -8.90 -1.24
N THR A 42 1.72 -7.66 -1.68
CA THR A 42 2.42 -6.58 -1.04
C THR A 42 1.89 -6.30 0.37
N SER A 43 2.80 -6.02 1.29
CA SER A 43 2.45 -5.72 2.65
C SER A 43 2.02 -4.26 2.76
N MET A 44 1.30 -3.94 3.82
CA MET A 44 0.86 -2.57 4.05
C MET A 44 2.06 -1.64 4.21
N ALA A 45 3.14 -2.18 4.75
CA ALA A 45 4.36 -1.41 5.02
C ALA A 45 4.96 -0.88 3.73
N LYS A 46 4.86 -1.67 2.67
CA LYS A 46 5.46 -1.31 1.40
C LYS A 46 4.88 0.00 0.87
N LEU A 47 3.58 0.18 1.01
CA LEU A 47 2.93 1.38 0.55
C LEU A 47 2.89 2.47 1.61
N LYS A 48 2.48 2.09 2.82
CA LYS A 48 2.28 3.05 3.90
C LYS A 48 3.55 3.74 4.28
N LYS A 49 4.60 2.98 4.45
CA LYS A 49 5.88 3.56 4.78
C LYS A 49 6.32 4.46 3.65
N SER A 50 6.14 3.98 2.44
CA SER A 50 6.58 4.69 1.26
C SER A 50 5.83 6.01 1.09
N TYR A 51 4.52 5.95 1.14
CA TYR A 51 3.67 7.10 0.99
C TYR A 51 3.82 8.08 2.12
N ALA A 52 3.76 7.57 3.33
CA ALA A 52 3.86 8.39 4.52
C ALA A 52 5.19 9.11 4.53
N ASP A 53 6.19 8.43 4.03
CA ASP A 53 7.55 8.97 3.98
C ASP A 53 7.64 10.17 3.05
N ARG A 54 7.06 10.04 1.85
CA ARG A 54 7.11 11.12 0.87
C ARG A 54 6.28 12.32 1.31
N THR A 55 5.27 12.09 2.13
CA THR A 55 4.40 13.16 2.57
C THR A 55 4.81 13.70 3.95
N GLY A 56 5.83 13.08 4.55
CA GLY A 56 6.33 13.54 5.85
C GLY A 56 5.34 13.30 6.97
N VAL A 57 4.62 12.20 6.88
CA VAL A 57 3.59 11.85 7.85
C VAL A 57 3.91 10.55 8.55
N ALA A 58 3.57 10.47 9.84
CA ALA A 58 3.73 9.26 10.63
C ALA A 58 3.11 8.08 9.90
N VAL A 59 3.87 7.00 9.76
CA VAL A 59 3.43 5.81 9.04
C VAL A 59 2.20 5.20 9.69
N ASN A 60 2.23 5.11 11.00
CA ASN A 60 1.12 4.54 11.77
C ASN A 60 -0.14 5.40 11.65
N SER A 61 0.07 6.70 11.52
CA SER A 61 -1.03 7.65 11.43
C SER A 61 -1.56 7.75 10.01
N LEU A 62 -0.90 7.10 9.08
CA LEU A 62 -1.33 7.07 7.71
C LEU A 62 -2.12 5.77 7.51
N ARG A 63 -3.37 5.88 7.12
CA ARG A 63 -4.19 4.69 6.98
C ARG A 63 -4.64 4.51 5.56
N PHE A 64 -4.39 3.34 5.04
CA PHE A 64 -4.81 3.01 3.71
C PHE A 64 -5.94 2.04 3.81
N LEU A 65 -6.99 2.30 3.11
CA LEU A 65 -8.16 1.51 3.22
C LEU A 65 -8.57 0.88 1.94
N PHE A 66 -9.26 -0.18 2.08
CA PHE A 66 -9.84 -0.87 0.98
C PHE A 66 -11.32 -0.97 1.22
N ASP A 67 -12.06 -0.18 0.49
CA ASP A 67 -13.51 -0.09 0.65
C ASP A 67 -13.91 0.23 2.10
N GLY A 68 -13.01 0.93 2.79
CA GLY A 68 -13.28 1.34 4.16
C GLY A 68 -12.69 0.40 5.19
N ARG A 69 -12.17 -0.72 4.75
CA ARG A 69 -11.58 -1.66 5.66
C ARG A 69 -10.07 -1.59 5.57
N ARG A 70 -9.40 -1.82 6.69
CA ARG A 70 -7.96 -1.62 6.80
C ARG A 70 -7.15 -2.59 5.97
N ILE A 71 -6.06 -2.10 5.41
CA ILE A 71 -5.11 -2.92 4.68
C ILE A 71 -3.89 -3.17 5.57
N ASN A 72 -3.60 -4.44 5.82
CA ASN A 72 -2.49 -4.80 6.68
C ASN A 72 -1.50 -5.68 5.95
N ASP A 73 -0.36 -5.95 6.59
CA ASP A 73 0.69 -6.77 5.98
C ASP A 73 0.26 -8.23 5.88
N ASP A 74 -0.81 -8.56 6.56
CA ASP A 74 -1.35 -9.91 6.57
C ASP A 74 -2.22 -10.16 5.34
N ASP A 75 -2.59 -9.09 4.66
CA ASP A 75 -3.47 -9.17 3.51
C ASP A 75 -2.88 -9.90 2.33
N THR A 76 -3.77 -10.45 1.53
CA THR A 76 -3.43 -11.20 0.35
C THR A 76 -4.16 -10.61 -0.85
N PRO A 77 -3.69 -10.87 -2.07
CA PRO A 77 -4.31 -10.36 -3.30
C PRO A 77 -5.72 -10.90 -3.52
N LYS A 78 -6.04 -12.01 -2.86
CA LYS A 78 -7.33 -12.64 -3.00
C LYS A 78 -8.38 -11.93 -2.15
N THR A 79 -7.95 -11.31 -1.06
CA THR A 79 -8.87 -10.62 -0.17
C THR A 79 -8.94 -9.14 -0.54
N LEU A 80 -7.81 -8.57 -0.93
CA LEU A 80 -7.78 -7.19 -1.39
C LEU A 80 -8.36 -7.10 -2.78
N GLU A 81 -8.33 -8.24 -3.50
CA GLU A 81 -8.87 -8.36 -4.85
C GLU A 81 -8.30 -7.29 -5.78
N MET A 82 -7.08 -6.85 -5.49
CA MET A 82 -6.42 -5.80 -6.25
C MET A 82 -5.70 -6.35 -7.46
N GLU A 83 -5.48 -5.48 -8.43
CA GLU A 83 -4.84 -5.82 -9.67
C GLU A 83 -4.16 -4.58 -10.24
N ASP A 84 -3.63 -4.69 -11.45
CA ASP A 84 -2.88 -3.59 -12.06
C ASP A 84 -3.71 -2.31 -12.17
N ASP A 85 -3.17 -1.27 -11.52
CA ASP A 85 -3.73 0.09 -11.49
C ASP A 85 -5.06 0.11 -10.73
N ASP A 86 -5.18 -0.73 -9.72
CA ASP A 86 -6.38 -0.76 -8.90
C ASP A 86 -6.38 0.43 -7.97
N VAL A 87 -7.43 0.60 -7.22
CA VAL A 87 -7.57 1.77 -6.40
C VAL A 87 -7.48 1.46 -4.91
N ILE A 88 -6.86 2.38 -4.21
CA ILE A 88 -6.72 2.36 -2.77
C ILE A 88 -7.19 3.66 -2.19
N GLU A 89 -7.99 3.61 -1.15
CA GLU A 89 -8.53 4.80 -0.56
C GLU A 89 -7.78 5.18 0.69
N VAL A 90 -7.52 6.44 0.84
CA VAL A 90 -6.81 6.94 1.99
C VAL A 90 -7.61 7.99 2.71
N TYR A 91 -7.68 7.87 4.00
CA TYR A 91 -8.33 8.85 4.80
C TYR A 91 -7.28 9.76 5.38
N GLN A 92 -7.63 10.99 5.67
CA GLN A 92 -6.62 11.98 6.01
C GLN A 92 -5.96 11.69 7.34
N GLU A 93 -4.65 11.69 7.29
CA GLU A 93 -3.76 11.31 8.37
C GLU A 93 -3.86 12.23 9.58
N GLN A 94 -3.39 11.70 10.72
CA GLN A 94 -3.44 12.40 11.99
C GLN A 94 -2.56 13.65 11.97
N LEU A 95 -1.34 13.49 11.51
CA LEU A 95 -0.39 14.59 11.44
C LEU A 95 -0.81 15.61 10.39
N GLY A 96 -1.29 15.11 9.27
CA GLY A 96 -1.69 15.96 8.18
C GLY A 96 -0.67 15.95 7.06
N GLY A 97 -1.16 15.82 5.84
CA GLY A 97 -0.28 15.77 4.70
C GLY A 97 -0.26 17.07 3.95
N MET A 8 9.21 -11.13 5.11
CA MET A 8 9.18 -11.16 3.65
C MET A 8 10.53 -11.63 3.11
N ALA A 9 10.50 -12.62 2.23
CA ALA A 9 11.72 -13.20 1.70
C ALA A 9 11.55 -13.56 0.22
N ASP A 10 12.64 -13.96 -0.41
CA ASP A 10 12.63 -14.34 -1.82
C ASP A 10 11.81 -15.60 -2.01
N ASP A 11 10.80 -15.51 -2.85
CA ASP A 11 9.92 -16.65 -3.12
C ASP A 11 10.64 -17.71 -3.91
N ALA A 12 11.47 -17.24 -4.86
CA ALA A 12 12.21 -18.10 -5.80
C ALA A 12 11.28 -18.65 -6.86
N ALA A 13 10.23 -19.26 -6.41
CA ALA A 13 9.21 -19.80 -7.28
C ALA A 13 7.99 -18.89 -7.26
N GLN A 14 7.72 -18.24 -8.37
CA GLN A 14 6.60 -17.33 -8.48
C GLN A 14 5.82 -17.59 -9.75
N ALA A 15 4.51 -17.40 -9.70
CA ALA A 15 3.68 -17.58 -10.86
C ALA A 15 4.01 -16.55 -11.93
N GLY A 16 4.14 -15.31 -11.50
CA GLY A 16 4.51 -14.25 -12.42
C GLY A 16 5.96 -14.37 -12.84
N ASP A 17 6.82 -14.66 -11.87
CA ASP A 17 8.26 -14.89 -12.07
C ASP A 17 9.03 -13.63 -12.52
N ASN A 18 8.59 -13.00 -13.61
CA ASN A 18 9.26 -11.81 -14.16
C ASN A 18 9.16 -10.67 -13.21
N ALA A 19 8.03 -10.56 -12.59
CA ALA A 19 7.77 -9.50 -11.73
C ALA A 19 7.64 -10.00 -10.35
N GLU A 20 8.41 -9.46 -9.48
CA GLU A 20 8.46 -9.92 -8.12
C GLU A 20 7.93 -8.88 -7.19
N TYR A 21 7.50 -7.83 -7.79
CA TYR A 21 6.90 -6.70 -7.12
C TYR A 21 5.75 -6.22 -7.94
N ILE A 22 4.85 -5.51 -7.33
CA ILE A 22 3.67 -5.03 -8.00
C ILE A 22 3.55 -3.53 -7.79
N LYS A 23 2.77 -2.89 -8.59
CA LYS A 23 2.53 -1.48 -8.43
C LYS A 23 1.26 -1.24 -7.68
N ILE A 24 1.24 -0.19 -6.91
CA ILE A 24 0.07 0.24 -6.22
C ILE A 24 -0.19 1.69 -6.49
N LYS A 25 -1.39 2.01 -6.92
CA LYS A 25 -1.71 3.39 -7.15
C LYS A 25 -2.42 3.90 -5.92
N VAL A 26 -1.72 4.69 -5.14
CA VAL A 26 -2.28 5.25 -3.95
C VAL A 26 -3.07 6.47 -4.31
N VAL A 27 -4.36 6.45 -4.07
CA VAL A 27 -5.19 7.57 -4.41
C VAL A 27 -5.73 8.24 -3.17
N GLY A 28 -5.37 9.48 -2.99
CA GLY A 28 -5.86 10.23 -1.86
C GLY A 28 -7.17 10.91 -2.18
N GLN A 29 -7.82 11.44 -1.17
CA GLN A 29 -9.11 12.10 -1.34
C GLN A 29 -8.99 13.39 -2.10
N ASP A 30 -7.82 13.94 -2.07
CA ASP A 30 -7.51 15.17 -2.79
C ASP A 30 -7.25 14.87 -4.25
N SER A 31 -7.58 13.62 -4.65
CA SER A 31 -7.38 13.15 -6.02
C SER A 31 -5.89 13.01 -6.29
N ASN A 32 -5.15 12.78 -5.24
CA ASN A 32 -3.70 12.64 -5.37
C ASN A 32 -3.32 11.18 -5.46
N GLU A 33 -2.99 10.77 -6.66
CA GLU A 33 -2.57 9.41 -6.90
C GLU A 33 -1.06 9.33 -7.10
N VAL A 34 -0.46 8.35 -6.47
CA VAL A 34 0.96 8.14 -6.57
C VAL A 34 1.23 6.65 -6.72
N HIS A 35 2.17 6.32 -7.57
CA HIS A 35 2.46 4.94 -7.86
C HIS A 35 3.66 4.46 -7.08
N PHE A 36 3.40 3.55 -6.17
CA PHE A 36 4.45 2.93 -5.38
C PHE A 36 4.63 1.49 -5.77
N ARG A 37 5.86 1.02 -5.72
CA ARG A 37 6.14 -0.34 -6.04
C ARG A 37 6.30 -1.12 -4.75
N VAL A 38 5.44 -2.07 -4.55
CA VAL A 38 5.43 -2.89 -3.36
C VAL A 38 5.31 -4.34 -3.76
N LYS A 39 5.53 -5.22 -2.85
CA LYS A 39 5.42 -6.62 -3.15
C LYS A 39 3.99 -7.07 -2.86
N TYR A 40 3.61 -8.24 -3.39
CA TYR A 40 2.28 -8.80 -3.12
C TYR A 40 2.08 -8.93 -1.60
N GLY A 41 3.15 -9.32 -0.91
CA GLY A 41 3.09 -9.54 0.51
C GLY A 41 3.56 -8.36 1.32
N THR A 42 3.57 -7.20 0.72
CA THR A 42 3.98 -6.00 1.39
C THR A 42 2.98 -5.61 2.49
N SER A 43 3.51 -5.21 3.64
CA SER A 43 2.70 -4.84 4.78
C SER A 43 2.30 -3.37 4.70
N MET A 44 1.15 -3.02 5.30
CA MET A 44 0.65 -1.62 5.26
C MET A 44 1.72 -0.60 5.70
N ALA A 45 2.61 -1.01 6.59
CA ALA A 45 3.65 -0.13 7.10
C ALA A 45 4.59 0.34 6.01
N LYS A 46 4.87 -0.52 5.03
CA LYS A 46 5.81 -0.18 3.95
C LYS A 46 5.30 1.04 3.19
N LEU A 47 4.01 1.09 2.96
CA LEU A 47 3.40 2.18 2.21
C LEU A 47 3.04 3.36 3.08
N LYS A 48 2.46 3.09 4.24
CA LYS A 48 2.02 4.15 5.14
C LYS A 48 3.16 4.98 5.63
N LYS A 49 4.22 4.34 6.05
CA LYS A 49 5.38 5.06 6.50
C LYS A 49 5.97 5.83 5.35
N SER A 50 5.98 5.20 4.18
CA SER A 50 6.53 5.82 2.99
C SER A 50 5.72 7.07 2.59
N TYR A 51 4.41 6.92 2.55
CA TYR A 51 3.53 8.01 2.16
C TYR A 51 3.48 9.10 3.22
N ALA A 52 3.36 8.70 4.46
CA ALA A 52 3.32 9.64 5.55
C ALA A 52 4.59 10.47 5.57
N ASP A 53 5.67 9.83 5.20
CA ASP A 53 6.98 10.48 5.18
C ASP A 53 7.04 11.57 4.11
N ARG A 54 6.55 11.25 2.91
CA ARG A 54 6.58 12.20 1.79
C ARG A 54 5.70 13.41 2.09
N THR A 55 4.65 13.19 2.87
CA THR A 55 3.75 14.25 3.23
C THR A 55 4.16 14.91 4.54
N GLY A 56 5.19 14.34 5.19
CA GLY A 56 5.71 14.90 6.42
C GLY A 56 4.73 14.82 7.57
N VAL A 57 3.95 13.75 7.62
CA VAL A 57 2.94 13.61 8.65
C VAL A 57 3.18 12.34 9.47
N ALA A 58 2.50 12.24 10.61
CA ALA A 58 2.61 11.08 11.49
C ALA A 58 2.22 9.82 10.73
N VAL A 59 3.10 8.82 10.80
CA VAL A 59 2.93 7.57 10.10
C VAL A 59 1.67 6.85 10.54
N ASN A 60 1.47 6.77 11.83
CA ASN A 60 0.33 6.04 12.36
C ASN A 60 -0.96 6.83 12.23
N SER A 61 -0.85 8.13 11.97
CA SER A 61 -2.03 8.95 11.79
C SER A 61 -2.53 8.87 10.36
N LEU A 62 -1.68 8.38 9.47
CA LEU A 62 -2.01 8.23 8.08
C LEU A 62 -2.50 6.82 7.88
N ARG A 63 -3.58 6.66 7.14
CA ARG A 63 -4.18 5.36 7.00
C ARG A 63 -4.43 5.03 5.55
N PHE A 64 -4.20 3.79 5.21
CA PHE A 64 -4.46 3.31 3.89
C PHE A 64 -5.53 2.27 3.95
N LEU A 65 -6.44 2.34 3.04
CA LEU A 65 -7.49 1.39 2.99
C LEU A 65 -7.64 0.82 1.63
N PHE A 66 -8.11 -0.38 1.58
CA PHE A 66 -8.39 -1.01 0.34
C PHE A 66 -9.85 -1.23 0.23
N ASP A 67 -10.48 -0.39 -0.56
CA ASP A 67 -11.93 -0.43 -0.75
C ASP A 67 -12.67 -0.32 0.61
N GLY A 68 -11.98 0.26 1.59
CA GLY A 68 -12.56 0.48 2.90
C GLY A 68 -12.08 -0.52 3.94
N ARG A 69 -11.32 -1.52 3.53
CA ARG A 69 -10.80 -2.49 4.47
C ARG A 69 -9.31 -2.29 4.67
N ARG A 70 -8.82 -2.61 5.83
CA ARG A 70 -7.45 -2.28 6.21
C ARG A 70 -6.38 -3.03 5.41
N ILE A 71 -5.29 -2.31 5.12
CA ILE A 71 -4.12 -2.87 4.43
C ILE A 71 -3.34 -3.75 5.39
N ASN A 72 -2.78 -4.81 4.85
CA ASN A 72 -2.19 -5.82 5.65
C ASN A 72 -0.97 -5.41 6.37
N ASP A 73 -1.11 -5.25 7.61
CA ASP A 73 0.00 -5.41 8.49
C ASP A 73 -0.10 -6.84 8.87
N ASP A 74 -1.37 -7.19 9.05
CA ASP A 74 -1.81 -8.49 9.51
C ASP A 74 -2.67 -9.16 8.45
N ASP A 75 -3.18 -8.39 7.49
CA ASP A 75 -4.09 -8.93 6.49
C ASP A 75 -3.34 -9.80 5.49
N THR A 76 -4.06 -10.53 4.68
CA THR A 76 -3.44 -11.50 3.83
C THR A 76 -3.24 -10.93 2.41
N PRO A 77 -2.03 -11.05 1.86
CA PRO A 77 -1.71 -10.54 0.51
C PRO A 77 -2.69 -11.04 -0.54
N LYS A 78 -3.12 -12.29 -0.40
CA LYS A 78 -4.05 -12.87 -1.32
C LYS A 78 -5.50 -12.45 -1.00
N THR A 79 -5.78 -12.10 0.27
CA THR A 79 -7.13 -11.67 0.62
C THR A 79 -7.42 -10.30 0.01
N LEU A 80 -6.36 -9.48 -0.11
CA LEU A 80 -6.48 -8.21 -0.80
C LEU A 80 -6.60 -8.43 -2.29
N GLU A 81 -6.07 -9.57 -2.75
CA GLU A 81 -6.11 -9.96 -4.15
C GLU A 81 -5.44 -8.87 -5.02
N MET A 82 -4.33 -8.33 -4.52
CA MET A 82 -3.59 -7.29 -5.20
C MET A 82 -2.85 -7.83 -6.41
N GLU A 83 -2.58 -6.95 -7.34
CA GLU A 83 -1.81 -7.27 -8.52
C GLU A 83 -1.12 -6.00 -8.98
N ASP A 84 -0.30 -6.12 -9.99
CA ASP A 84 0.46 -4.98 -10.49
C ASP A 84 -0.44 -3.83 -10.93
N ASP A 85 -0.21 -2.69 -10.28
CA ASP A 85 -0.89 -1.41 -10.56
C ASP A 85 -2.33 -1.39 -10.03
N ASP A 86 -2.55 -2.07 -8.91
CA ASP A 86 -3.87 -2.07 -8.30
C ASP A 86 -4.13 -0.74 -7.60
N VAL A 87 -5.31 -0.59 -7.05
CA VAL A 87 -5.72 0.68 -6.48
C VAL A 87 -5.82 0.62 -4.96
N ILE A 88 -5.52 1.74 -4.34
CA ILE A 88 -5.56 1.88 -2.91
C ILE A 88 -6.14 3.24 -2.51
N GLU A 89 -6.87 3.28 -1.43
CA GLU A 89 -7.55 4.48 -1.00
C GLU A 89 -6.90 5.04 0.27
N VAL A 90 -6.83 6.36 0.38
CA VAL A 90 -6.24 7.00 1.55
C VAL A 90 -7.20 7.99 2.18
N TYR A 91 -7.35 7.91 3.49
CA TYR A 91 -8.17 8.82 4.23
C TYR A 91 -7.31 9.88 4.90
N GLN A 92 -7.92 10.98 5.30
CA GLN A 92 -7.19 12.09 5.89
C GLN A 92 -6.65 11.69 7.27
N GLU A 93 -5.46 12.16 7.59
CA GLU A 93 -4.79 11.77 8.82
C GLU A 93 -5.14 12.69 10.01
N GLN A 94 -4.70 12.26 11.19
CA GLN A 94 -4.94 12.96 12.45
C GLN A 94 -4.33 14.37 12.48
N LEU A 95 -3.07 14.46 12.12
CA LEU A 95 -2.35 15.73 12.14
C LEU A 95 -2.87 16.69 11.07
N GLY A 96 -3.23 16.13 9.92
CA GLY A 96 -3.70 16.95 8.82
C GLY A 96 -4.98 17.68 9.14
N GLY A 97 -5.89 17.00 9.80
CA GLY A 97 -7.14 17.62 10.16
C GLY A 97 -8.31 16.90 9.54
N MET A 8 6.36 11.96 13.96
CA MET A 8 6.94 10.61 13.84
C MET A 8 7.99 10.59 12.74
N ALA A 9 9.24 10.39 13.11
CA ALA A 9 10.31 10.35 12.14
C ALA A 9 10.51 8.94 11.62
N ASP A 10 9.78 8.60 10.58
CA ASP A 10 9.87 7.31 9.94
C ASP A 10 10.94 7.32 8.87
N ASP A 11 11.03 6.23 8.10
CA ASP A 11 12.03 6.09 7.05
C ASP A 11 11.87 7.15 5.98
N ALA A 12 10.62 7.46 5.62
CA ALA A 12 10.31 8.42 4.56
C ALA A 12 11.02 8.02 3.26
N ALA A 13 11.11 6.72 3.03
CA ALA A 13 11.75 6.17 1.85
C ALA A 13 11.27 4.75 1.61
N GLN A 14 11.44 4.27 0.38
CA GLN A 14 11.05 2.92 0.04
C GLN A 14 12.24 2.17 -0.56
N ALA A 15 12.29 0.88 -0.29
CA ALA A 15 13.40 0.02 -0.72
C ALA A 15 13.52 -0.04 -2.24
N GLY A 16 12.40 -0.13 -2.92
CA GLY A 16 12.42 -0.26 -4.36
C GLY A 16 12.68 -1.69 -4.79
N ASP A 17 12.50 -2.59 -3.85
CA ASP A 17 12.70 -4.01 -4.07
C ASP A 17 11.44 -4.62 -4.65
N ASN A 18 11.42 -4.81 -5.97
CA ASN A 18 10.22 -5.31 -6.63
C ASN A 18 10.52 -6.28 -7.79
N ALA A 19 11.70 -6.86 -7.77
CA ALA A 19 12.13 -7.77 -8.84
C ALA A 19 11.21 -9.00 -8.99
N GLU A 20 10.87 -9.64 -7.89
CA GLU A 20 10.00 -10.83 -7.92
C GLU A 20 8.69 -10.54 -7.23
N TYR A 21 7.97 -9.57 -7.73
CA TYR A 21 6.74 -9.15 -7.10
C TYR A 21 5.62 -8.97 -8.11
N ILE A 22 4.42 -8.82 -7.60
CA ILE A 22 3.20 -8.74 -8.40
C ILE A 22 2.63 -7.33 -8.38
N LYS A 23 1.74 -7.04 -9.31
CA LYS A 23 1.14 -5.72 -9.39
C LYS A 23 -0.12 -5.62 -8.58
N ILE A 24 -0.34 -4.47 -8.03
CA ILE A 24 -1.55 -4.14 -7.33
C ILE A 24 -2.02 -2.76 -7.75
N LYS A 25 -3.31 -2.62 -7.99
CA LYS A 25 -3.83 -1.33 -8.36
C LYS A 25 -4.40 -0.65 -7.13
N VAL A 26 -3.66 0.32 -6.64
CA VAL A 26 -4.06 1.07 -5.49
C VAL A 26 -5.01 2.18 -5.91
N VAL A 27 -6.23 2.11 -5.44
CA VAL A 27 -7.21 3.12 -5.79
C VAL A 27 -7.47 4.01 -4.58
N GLY A 28 -7.20 5.28 -4.73
CA GLY A 28 -7.41 6.21 -3.65
C GLY A 28 -8.82 6.78 -3.66
N GLN A 29 -9.13 7.60 -2.65
CA GLN A 29 -10.46 8.19 -2.51
C GLN A 29 -10.78 9.15 -3.64
N ASP A 30 -9.79 9.88 -4.08
CA ASP A 30 -9.96 10.78 -5.22
C ASP A 30 -10.01 9.99 -6.52
N SER A 31 -10.29 8.68 -6.39
CA SER A 31 -10.37 7.75 -7.50
C SER A 31 -9.04 7.67 -8.21
N ASN A 32 -7.98 7.86 -7.44
CA ASN A 32 -6.64 7.84 -7.99
C ASN A 32 -6.05 6.45 -7.90
N GLU A 33 -5.95 5.80 -9.02
CA GLU A 33 -5.40 4.47 -9.10
C GLU A 33 -3.93 4.50 -9.51
N VAL A 34 -3.12 3.77 -8.79
CA VAL A 34 -1.71 3.68 -9.05
C VAL A 34 -1.26 2.23 -8.95
N HIS A 35 -0.41 1.82 -9.85
CA HIS A 35 0.02 0.45 -9.90
C HIS A 35 1.33 0.27 -9.14
N PHE A 36 1.26 -0.47 -8.07
CA PHE A 36 2.43 -0.77 -7.26
C PHE A 36 2.81 -2.23 -7.37
N ARG A 37 4.07 -2.52 -7.17
CA ARG A 37 4.56 -3.86 -7.23
C ARG A 37 4.91 -4.34 -5.81
N VAL A 38 4.20 -5.34 -5.36
CA VAL A 38 4.41 -5.91 -4.01
C VAL A 38 4.28 -7.43 -4.04
N LYS A 39 4.42 -8.06 -2.91
CA LYS A 39 4.36 -9.52 -2.83
C LYS A 39 2.91 -9.99 -2.63
N TYR A 40 2.63 -11.23 -3.04
CA TYR A 40 1.30 -11.84 -2.84
C TYR A 40 0.88 -11.73 -1.38
N GLY A 41 1.82 -12.04 -0.50
CA GLY A 41 1.58 -11.97 0.91
C GLY A 41 2.36 -10.85 1.54
N THR A 42 2.48 -9.75 0.79
CA THR A 42 3.25 -8.60 1.22
C THR A 42 2.72 -8.07 2.57
N SER A 43 3.63 -7.63 3.40
CA SER A 43 3.26 -7.12 4.70
C SER A 43 2.75 -5.69 4.57
N MET A 44 1.83 -5.30 5.47
CA MET A 44 1.21 -3.95 5.41
C MET A 44 2.26 -2.83 5.27
N ALA A 45 3.42 -3.03 5.86
CA ALA A 45 4.49 -2.04 5.80
C ALA A 45 4.97 -1.78 4.38
N LYS A 46 5.00 -2.84 3.57
CA LYS A 46 5.52 -2.78 2.20
C LYS A 46 4.76 -1.76 1.38
N LEU A 47 3.46 -1.75 1.54
CA LEU A 47 2.61 -0.86 0.76
C LEU A 47 2.48 0.51 1.39
N LYS A 48 2.26 0.55 2.68
CA LYS A 48 2.03 1.79 3.39
C LYS A 48 3.23 2.68 3.33
N LYS A 49 4.37 2.12 3.61
CA LYS A 49 5.60 2.86 3.56
C LYS A 49 5.90 3.29 2.12
N SER A 50 5.62 2.39 1.18
CA SER A 50 5.88 2.65 -0.22
C SER A 50 5.03 3.81 -0.75
N TYR A 51 3.73 3.72 -0.52
CA TYR A 51 2.80 4.74 -0.94
C TYR A 51 3.02 6.03 -0.21
N ALA A 52 3.21 5.93 1.09
CA ALA A 52 3.42 7.11 1.90
C ALA A 52 4.63 7.86 1.40
N ASP A 53 5.62 7.13 0.96
CA ASP A 53 6.85 7.74 0.44
C ASP A 53 6.60 8.48 -0.86
N ARG A 54 5.85 7.84 -1.76
CA ARG A 54 5.56 8.43 -3.07
C ARG A 54 4.75 9.71 -2.93
N THR A 55 4.00 9.81 -1.84
CA THR A 55 3.15 10.97 -1.61
C THR A 55 3.75 11.91 -0.56
N GLY A 56 4.81 11.48 0.11
CA GLY A 56 5.46 12.32 1.10
C GLY A 56 4.61 12.53 2.34
N VAL A 57 3.93 11.49 2.78
CA VAL A 57 3.04 11.59 3.92
C VAL A 57 3.51 10.67 5.05
N ALA A 58 2.99 10.91 6.25
CA ALA A 58 3.25 10.07 7.39
C ALA A 58 2.79 8.64 7.12
N VAL A 59 3.67 7.69 7.34
CA VAL A 59 3.36 6.29 7.11
C VAL A 59 2.25 5.83 8.06
N ASN A 60 2.34 6.27 9.30
CA ASN A 60 1.38 5.88 10.33
C ASN A 60 -0.03 6.43 10.05
N SER A 61 -0.12 7.56 9.36
CA SER A 61 -1.42 8.14 9.05
C SER A 61 -1.88 7.77 7.64
N LEU A 62 -1.06 6.99 6.96
CA LEU A 62 -1.39 6.47 5.64
C LEU A 62 -1.94 5.05 5.83
N ARG A 63 -3.05 4.73 5.18
CA ARG A 63 -3.68 3.43 5.42
C ARG A 63 -4.22 2.81 4.15
N PHE A 64 -4.12 1.50 4.09
CA PHE A 64 -4.64 0.70 3.00
C PHE A 64 -5.67 -0.27 3.50
N LEU A 65 -6.69 -0.48 2.72
CA LEU A 65 -7.72 -1.41 3.07
C LEU A 65 -8.01 -2.33 1.92
N PHE A 66 -8.10 -3.61 2.20
CA PHE A 66 -8.39 -4.56 1.16
C PHE A 66 -9.79 -5.07 1.37
N ASP A 67 -10.68 -4.76 0.44
CA ASP A 67 -12.11 -5.14 0.53
C ASP A 67 -12.79 -4.41 1.70
N GLY A 68 -12.20 -3.29 2.08
CA GLY A 68 -12.77 -2.46 3.11
C GLY A 68 -12.32 -2.82 4.49
N ARG A 69 -11.32 -3.69 4.59
CA ARG A 69 -10.81 -4.09 5.87
C ARG A 69 -9.36 -3.68 6.02
N ARG A 70 -8.97 -3.38 7.25
CA ARG A 70 -7.62 -2.89 7.53
C ARG A 70 -6.57 -3.94 7.23
N ILE A 71 -5.52 -3.53 6.55
CA ILE A 71 -4.45 -4.46 6.17
C ILE A 71 -3.33 -4.46 7.19
N ASN A 72 -3.06 -5.61 7.76
CA ASN A 72 -1.98 -5.79 8.70
C ASN A 72 -0.94 -6.74 8.14
N ASP A 73 0.24 -6.72 8.71
CA ASP A 73 1.35 -7.57 8.25
C ASP A 73 1.07 -9.05 8.60
N ASP A 74 0.10 -9.25 9.48
CA ASP A 74 -0.30 -10.57 9.96
C ASP A 74 -1.29 -11.24 9.02
N ASP A 75 -1.91 -10.44 8.19
CA ASP A 75 -3.01 -10.86 7.31
C ASP A 75 -2.60 -11.76 6.14
N THR A 76 -3.62 -12.30 5.44
CA THR A 76 -3.42 -13.31 4.41
C THR A 76 -3.30 -12.65 3.04
N PRO A 77 -2.64 -13.32 2.06
CA PRO A 77 -2.36 -12.75 0.72
C PRO A 77 -3.59 -12.13 0.06
N LYS A 78 -4.77 -12.59 0.39
CA LYS A 78 -5.98 -12.04 -0.21
C LYS A 78 -6.37 -10.66 0.29
N THR A 79 -5.95 -10.32 1.46
CA THR A 79 -6.20 -8.99 2.00
C THR A 79 -4.94 -8.22 1.84
N LEU A 80 -3.98 -8.96 1.43
CA LEU A 80 -2.63 -8.56 1.33
C LEU A 80 -2.18 -8.22 -0.01
N GLU A 81 -3.10 -7.84 -0.86
CA GLU A 81 -2.70 -7.37 -2.15
C GLU A 81 -2.33 -8.51 -3.05
N MET A 82 -3.31 -9.25 -3.30
CA MET A 82 -3.34 -10.34 -4.25
C MET A 82 -2.60 -10.09 -5.58
N GLU A 83 -2.64 -11.10 -6.43
CA GLU A 83 -1.70 -11.34 -7.48
C GLU A 83 -1.79 -10.36 -8.59
N ASP A 84 -0.95 -10.58 -9.60
CA ASP A 84 -0.69 -9.62 -10.66
C ASP A 84 -1.90 -8.82 -11.06
N ASP A 85 -1.91 -7.63 -10.52
CA ASP A 85 -2.84 -6.55 -10.82
C ASP A 85 -4.17 -6.69 -10.08
N ASP A 86 -4.14 -7.23 -8.85
CA ASP A 86 -5.35 -7.23 -8.02
C ASP A 86 -5.66 -5.79 -7.55
N VAL A 87 -6.73 -5.62 -6.81
CA VAL A 87 -7.21 -4.29 -6.46
C VAL A 87 -7.05 -3.96 -4.98
N ILE A 88 -6.88 -2.68 -4.71
CA ILE A 88 -6.68 -2.16 -3.36
C ILE A 88 -7.47 -0.88 -3.12
N GLU A 89 -7.94 -0.69 -1.88
CA GLU A 89 -8.68 0.49 -1.51
C GLU A 89 -7.87 1.32 -0.53
N VAL A 90 -7.90 2.60 -0.70
CA VAL A 90 -7.17 3.50 0.16
C VAL A 90 -8.08 4.55 0.72
N TYR A 91 -7.97 4.74 2.00
CA TYR A 91 -8.68 5.79 2.65
C TYR A 91 -7.74 6.94 2.82
N GLN A 92 -8.25 8.13 2.62
CA GLN A 92 -7.37 9.27 2.45
C GLN A 92 -6.62 9.62 3.72
N GLU A 93 -5.31 9.70 3.56
CA GLU A 93 -4.36 9.92 4.62
C GLU A 93 -4.53 11.28 5.29
N GLN A 94 -4.05 11.36 6.53
CA GLN A 94 -4.22 12.53 7.38
C GLN A 94 -3.49 13.76 6.84
N LEU A 95 -2.26 13.57 6.44
CA LEU A 95 -1.42 14.68 6.02
C LEU A 95 -1.24 14.73 4.51
N GLY A 96 -1.92 13.86 3.81
CA GLY A 96 -1.78 13.82 2.37
C GLY A 96 -3.11 14.00 1.69
N GLY A 97 -3.30 13.32 0.58
CA GLY A 97 -4.52 13.44 -0.15
C GLY A 97 -4.43 14.47 -1.24
N MET A 8 7.18 -27.09 -13.50
CA MET A 8 7.46 -28.21 -12.59
C MET A 8 6.97 -27.93 -11.18
N ALA A 9 5.83 -28.53 -10.83
CA ALA A 9 5.23 -28.42 -9.47
C ALA A 9 5.10 -26.96 -9.01
N ASP A 10 4.63 -26.11 -9.91
CA ASP A 10 4.46 -24.67 -9.64
C ASP A 10 5.75 -24.04 -9.13
N ASP A 11 6.82 -24.23 -9.90
CA ASP A 11 8.10 -23.63 -9.57
C ASP A 11 7.97 -22.12 -9.61
N ALA A 12 7.21 -21.64 -10.60
CA ALA A 12 6.93 -20.23 -10.78
C ALA A 12 8.18 -19.45 -11.18
N ALA A 13 9.04 -20.07 -11.99
CA ALA A 13 10.20 -19.38 -12.50
C ALA A 13 9.73 -18.28 -13.42
N GLN A 14 10.18 -17.05 -13.14
CA GLN A 14 9.71 -15.89 -13.85
C GLN A 14 8.19 -15.80 -13.81
N ALA A 15 7.71 -15.19 -12.78
CA ALA A 15 6.28 -15.07 -12.53
C ALA A 15 5.66 -13.98 -13.37
N GLY A 16 6.49 -13.33 -14.16
CA GLY A 16 6.03 -12.25 -14.99
C GLY A 16 6.80 -10.99 -14.74
N ASP A 17 7.60 -11.03 -13.70
CA ASP A 17 8.45 -9.91 -13.30
C ASP A 17 9.73 -10.46 -12.71
N ASN A 18 10.69 -9.60 -12.42
CA ASN A 18 11.96 -10.05 -11.87
C ASN A 18 11.98 -9.80 -10.37
N ALA A 19 10.83 -9.47 -9.83
CA ALA A 19 10.69 -9.18 -8.45
C ALA A 19 9.28 -9.47 -8.01
N GLU A 20 9.11 -9.65 -6.75
CA GLU A 20 7.82 -9.99 -6.19
C GLU A 20 7.09 -8.75 -5.68
N TYR A 21 7.04 -7.73 -6.50
CA TYR A 21 6.40 -6.50 -6.12
C TYR A 21 5.31 -6.10 -7.09
N ILE A 22 4.36 -5.36 -6.57
CA ILE A 22 3.19 -4.93 -7.29
C ILE A 22 3.05 -3.41 -7.18
N LYS A 23 2.27 -2.85 -8.04
CA LYS A 23 2.04 -1.41 -8.00
C LYS A 23 0.81 -1.08 -7.16
N ILE A 24 0.86 0.04 -6.48
CA ILE A 24 -0.27 0.54 -5.71
C ILE A 24 -0.48 2.02 -5.94
N LYS A 25 -1.70 2.39 -6.25
CA LYS A 25 -2.02 3.78 -6.44
C LYS A 25 -2.69 4.30 -5.18
N VAL A 26 -1.98 5.11 -4.44
CA VAL A 26 -2.52 5.71 -3.24
C VAL A 26 -3.35 6.91 -3.64
N VAL A 27 -4.63 6.87 -3.34
CA VAL A 27 -5.51 7.95 -3.71
C VAL A 27 -6.00 8.67 -2.47
N GLY A 28 -5.68 9.94 -2.38
CA GLY A 28 -6.14 10.74 -1.28
C GLY A 28 -7.50 11.33 -1.56
N GLN A 29 -8.13 11.88 -0.53
CA GLN A 29 -9.47 12.44 -0.66
C GLN A 29 -9.46 13.72 -1.46
N ASP A 30 -8.30 14.32 -1.55
CA ASP A 30 -8.11 15.53 -2.30
C ASP A 30 -7.86 15.18 -3.76
N SER A 31 -8.15 13.91 -4.10
CA SER A 31 -7.95 13.38 -5.44
C SER A 31 -6.46 13.31 -5.75
N ASN A 32 -5.67 13.14 -4.71
CA ASN A 32 -4.23 13.07 -4.86
C ASN A 32 -3.79 11.62 -4.94
N GLU A 33 -3.48 11.19 -6.13
CA GLU A 33 -3.03 9.83 -6.35
C GLU A 33 -1.54 9.78 -6.59
N VAL A 34 -0.89 8.82 -5.95
CA VAL A 34 0.54 8.62 -6.08
C VAL A 34 0.82 7.13 -6.24
N HIS A 35 1.79 6.81 -7.07
CA HIS A 35 2.05 5.42 -7.36
C HIS A 35 3.26 4.90 -6.61
N PHE A 36 3.02 3.94 -5.77
CA PHE A 36 4.06 3.26 -5.04
C PHE A 36 4.13 1.80 -5.43
N ARG A 37 5.31 1.26 -5.41
CA ARG A 37 5.46 -0.14 -5.66
C ARG A 37 5.74 -0.85 -4.34
N VAL A 38 4.91 -1.81 -4.04
CA VAL A 38 4.96 -2.53 -2.78
C VAL A 38 4.84 -4.01 -3.04
N LYS A 39 4.98 -4.80 -2.04
CA LYS A 39 4.94 -6.24 -2.21
C LYS A 39 3.50 -6.72 -2.09
N TYR A 40 3.23 -7.89 -2.65
CA TYR A 40 1.90 -8.51 -2.53
C TYR A 40 1.50 -8.58 -1.06
N GLY A 41 2.46 -8.93 -0.21
CA GLY A 41 2.20 -9.07 1.20
C GLY A 41 2.74 -7.93 2.03
N THR A 42 2.75 -6.73 1.45
CA THR A 42 3.21 -5.56 2.13
C THR A 42 2.26 -5.17 3.28
N SER A 43 2.86 -4.87 4.41
CA SER A 43 2.12 -4.47 5.60
C SER A 43 1.94 -2.97 5.65
N MET A 44 0.91 -2.51 6.37
CA MET A 44 0.60 -1.06 6.47
C MET A 44 1.84 -0.19 6.73
N ALA A 45 2.78 -0.70 7.51
CA ALA A 45 3.97 0.05 7.90
C ALA A 45 4.82 0.45 6.71
N LYS A 46 4.92 -0.45 5.72
CA LYS A 46 5.80 -0.20 4.57
C LYS A 46 5.36 1.06 3.84
N LEU A 47 4.05 1.25 3.73
CA LEU A 47 3.50 2.38 3.01
C LEU A 47 3.33 3.61 3.89
N LYS A 48 2.86 3.42 5.11
CA LYS A 48 2.63 4.54 6.05
C LYS A 48 3.90 5.23 6.39
N LYS A 49 4.91 4.47 6.70
CA LYS A 49 6.21 5.02 6.99
C LYS A 49 6.74 5.72 5.76
N SER A 50 6.53 5.11 4.60
CA SER A 50 7.04 5.63 3.34
C SER A 50 6.32 6.92 2.89
N TYR A 51 5.00 6.88 2.86
CA TYR A 51 4.20 8.02 2.45
C TYR A 51 4.37 9.18 3.39
N ALA A 52 4.26 8.89 4.68
CA ALA A 52 4.41 9.92 5.70
C ALA A 52 5.79 10.54 5.60
N ASP A 53 6.75 9.72 5.23
CA ASP A 53 8.14 10.15 5.12
C ASP A 53 8.31 11.19 4.03
N ARG A 54 7.71 10.93 2.87
CA ARG A 54 7.84 11.83 1.71
C ARG A 54 7.09 13.13 1.93
N THR A 55 6.03 13.08 2.71
CA THR A 55 5.24 14.26 3.00
C THR A 55 5.81 14.99 4.23
N GLY A 56 6.70 14.32 4.96
CA GLY A 56 7.32 14.92 6.13
C GLY A 56 6.34 15.08 7.26
N VAL A 57 5.39 14.17 7.32
CA VAL A 57 4.34 14.25 8.31
C VAL A 57 4.42 13.09 9.28
N ALA A 58 3.57 13.11 10.30
CA ALA A 58 3.52 12.06 11.29
C ALA A 58 3.22 10.71 10.64
N VAL A 59 4.07 9.74 10.90
CA VAL A 59 3.90 8.39 10.38
C VAL A 59 2.68 7.74 10.99
N ASN A 60 2.55 7.91 12.29
CA ASN A 60 1.45 7.32 13.05
C ASN A 60 0.11 7.92 12.66
N SER A 61 0.12 9.19 12.33
CA SER A 61 -1.12 9.88 12.03
C SER A 61 -1.53 9.69 10.58
N LEU A 62 -0.61 9.21 9.75
CA LEU A 62 -0.92 8.98 8.34
C LEU A 62 -1.37 7.54 8.21
N ARG A 63 -2.56 7.37 7.67
CA ARG A 63 -3.20 6.07 7.68
C ARG A 63 -3.83 5.74 6.34
N PHE A 64 -3.79 4.46 5.99
CA PHE A 64 -4.35 3.98 4.74
C PHE A 64 -5.44 2.96 4.98
N LEU A 65 -6.41 2.94 4.09
CA LEU A 65 -7.48 1.98 4.15
C LEU A 65 -7.65 1.29 2.80
N PHE A 66 -8.06 0.03 2.84
CA PHE A 66 -8.30 -0.71 1.64
C PHE A 66 -9.74 -1.17 1.64
N ASP A 67 -10.50 -0.77 0.64
CA ASP A 67 -11.92 -1.17 0.52
C ASP A 67 -12.73 -0.67 1.73
N GLY A 68 -12.23 0.38 2.36
CA GLY A 68 -12.89 0.97 3.49
C GLY A 68 -12.49 0.33 4.80
N ARG A 69 -11.50 -0.53 4.76
CA ARG A 69 -11.04 -1.17 5.98
C ARG A 69 -9.58 -0.87 6.24
N ARG A 70 -9.23 -0.90 7.51
CA ARG A 70 -7.88 -0.56 7.96
C ARG A 70 -6.86 -1.54 7.44
N ILE A 71 -5.76 -1.03 6.92
CA ILE A 71 -4.64 -1.87 6.53
C ILE A 71 -3.81 -2.11 7.77
N ASN A 72 -3.51 -3.35 8.03
CA ASN A 72 -2.85 -3.73 9.26
C ASN A 72 -1.45 -4.18 9.01
N ASP A 73 -0.65 -4.20 10.05
CA ASP A 73 0.69 -4.72 9.96
C ASP A 73 0.66 -6.24 10.10
N ASP A 74 -0.53 -6.76 10.45
CA ASP A 74 -0.75 -8.17 10.64
C ASP A 74 -1.46 -8.82 9.46
N ASP A 75 -2.01 -8.00 8.56
CA ASP A 75 -2.80 -8.55 7.46
C ASP A 75 -1.97 -9.26 6.41
N THR A 76 -2.64 -9.99 5.54
CA THR A 76 -1.99 -10.79 4.52
C THR A 76 -2.42 -10.36 3.12
N PRO A 77 -1.63 -10.70 2.09
CA PRO A 77 -1.91 -10.30 0.68
C PRO A 77 -3.29 -10.74 0.18
N LYS A 78 -3.78 -11.86 0.68
CA LYS A 78 -5.08 -12.37 0.25
C LYS A 78 -6.20 -11.50 0.80
N THR A 79 -6.16 -11.20 2.10
CA THR A 79 -7.15 -10.34 2.69
C THR A 79 -6.96 -8.91 2.22
N LEU A 80 -5.72 -8.54 1.88
CA LEU A 80 -5.45 -7.24 1.29
C LEU A 80 -6.01 -7.19 -0.11
N GLU A 81 -6.09 -8.36 -0.75
CA GLU A 81 -6.68 -8.50 -2.09
C GLU A 81 -6.02 -7.52 -3.09
N MET A 82 -4.76 -7.20 -2.84
CA MET A 82 -4.02 -6.26 -3.65
C MET A 82 -3.46 -6.92 -4.91
N GLU A 83 -3.31 -6.13 -5.96
CA GLU A 83 -2.76 -6.58 -7.21
C GLU A 83 -1.99 -5.44 -7.83
N ASP A 84 -1.38 -5.68 -8.97
CA ASP A 84 -0.62 -4.65 -9.64
C ASP A 84 -1.47 -3.45 -10.00
N ASP A 85 -1.02 -2.32 -9.51
CA ASP A 85 -1.62 -1.01 -9.75
C ASP A 85 -3.03 -0.93 -9.16
N ASP A 86 -3.23 -1.62 -8.03
CA ASP A 86 -4.50 -1.54 -7.32
C ASP A 86 -4.55 -0.22 -6.57
N VAL A 87 -5.63 0.05 -5.91
CA VAL A 87 -5.80 1.33 -5.28
C VAL A 87 -5.86 1.22 -3.77
N ILE A 88 -5.38 2.25 -3.13
CA ILE A 88 -5.38 2.37 -1.70
C ILE A 88 -6.05 3.67 -1.33
N GLU A 89 -6.90 3.64 -0.34
CA GLU A 89 -7.65 4.81 0.05
C GLU A 89 -7.03 5.48 1.24
N VAL A 90 -7.00 6.79 1.20
CA VAL A 90 -6.47 7.57 2.29
C VAL A 90 -7.50 8.53 2.79
N TYR A 91 -7.68 8.55 4.07
CA TYR A 91 -8.55 9.50 4.69
C TYR A 91 -7.69 10.59 5.24
N GLN A 92 -8.21 11.79 5.28
CA GLN A 92 -7.39 12.93 5.63
C GLN A 92 -6.99 12.89 7.09
N GLU A 93 -5.70 12.57 7.30
CA GLU A 93 -5.08 12.35 8.57
C GLU A 93 -3.67 11.94 8.40
N GLN A 94 -2.82 12.80 8.86
CA GLN A 94 -1.45 12.62 8.88
C GLN A 94 -0.89 13.50 9.95
N LEU A 95 -1.80 13.98 10.75
CA LEU A 95 -1.59 15.03 11.76
C LEU A 95 -1.87 16.37 11.10
N GLY A 96 -2.07 16.29 9.78
CA GLY A 96 -2.47 17.44 9.01
C GLY A 96 -3.80 18.00 9.48
N GLY A 97 -4.73 17.10 9.77
CA GLY A 97 -6.02 17.50 10.25
C GLY A 97 -7.00 17.68 9.12
N MET A 8 0.51 14.15 -16.60
CA MET A 8 1.96 14.16 -16.87
C MET A 8 2.39 12.85 -17.45
N ALA A 9 3.33 12.89 -18.37
CA ALA A 9 3.86 11.68 -18.97
C ALA A 9 4.88 11.06 -18.04
N ASP A 10 4.48 10.02 -17.34
CA ASP A 10 5.34 9.34 -16.39
C ASP A 10 6.23 8.33 -17.08
N ASP A 11 6.95 7.55 -16.29
CA ASP A 11 7.86 6.53 -16.84
C ASP A 11 7.10 5.51 -17.67
N ALA A 12 5.89 5.15 -17.21
CA ALA A 12 5.04 4.14 -17.86
C ALA A 12 5.74 2.79 -17.88
N ALA A 13 6.56 2.56 -16.88
CA ALA A 13 7.29 1.33 -16.75
C ALA A 13 7.57 1.06 -15.30
N GLN A 14 7.82 -0.18 -14.99
CA GLN A 14 8.11 -0.58 -13.64
C GLN A 14 9.44 -1.30 -13.62
N ALA A 15 10.13 -1.22 -12.49
CA ALA A 15 11.43 -1.84 -12.35
C ALA A 15 11.33 -3.35 -12.52
N GLY A 16 10.26 -3.92 -12.00
CA GLY A 16 10.09 -5.36 -12.06
C GLY A 16 10.85 -6.02 -10.95
N ASP A 17 11.17 -5.23 -9.96
CA ASP A 17 11.92 -5.66 -8.81
C ASP A 17 11.00 -6.34 -7.82
N ASN A 18 11.56 -6.76 -6.68
CA ASN A 18 10.77 -7.44 -5.65
C ASN A 18 10.08 -8.66 -6.23
N ALA A 19 10.84 -9.40 -7.00
CA ALA A 19 10.37 -10.59 -7.70
C ALA A 19 9.88 -11.65 -6.71
N GLU A 20 10.56 -11.77 -5.58
CA GLU A 20 10.21 -12.76 -4.56
C GLU A 20 9.15 -12.22 -3.62
N TYR A 21 8.38 -11.31 -4.12
CA TYR A 21 7.36 -10.64 -3.35
C TYR A 21 6.01 -10.76 -4.02
N ILE A 22 4.97 -10.40 -3.31
CA ILE A 22 3.61 -10.59 -3.76
C ILE A 22 2.95 -9.26 -4.13
N LYS A 23 1.88 -9.36 -4.85
CA LYS A 23 1.13 -8.21 -5.32
C LYS A 23 0.02 -7.82 -4.36
N ILE A 24 -0.25 -6.55 -4.29
CA ILE A 24 -1.34 -6.03 -3.49
C ILE A 24 -2.05 -4.92 -4.23
N LYS A 25 -3.36 -4.91 -4.14
CA LYS A 25 -4.12 -3.85 -4.77
C LYS A 25 -4.54 -2.83 -3.73
N VAL A 26 -3.88 -1.70 -3.73
CA VAL A 26 -4.25 -0.62 -2.83
C VAL A 26 -5.42 0.11 -3.44
N VAL A 27 -6.56 0.05 -2.78
CA VAL A 27 -7.75 0.67 -3.28
C VAL A 27 -8.12 1.87 -2.43
N GLY A 28 -8.13 3.02 -3.04
CA GLY A 28 -8.52 4.21 -2.35
C GLY A 28 -10.02 4.37 -2.36
N GLN A 29 -10.53 5.35 -1.64
CA GLN A 29 -11.97 5.55 -1.51
C GLN A 29 -12.57 6.11 -2.79
N ASP A 30 -11.72 6.68 -3.60
CA ASP A 30 -12.12 7.22 -4.88
C ASP A 30 -12.09 6.10 -5.92
N SER A 31 -11.98 4.87 -5.41
CA SER A 31 -11.88 3.66 -6.23
C SER A 31 -10.58 3.66 -6.99
N ASN A 32 -9.58 4.32 -6.42
CA ASN A 32 -8.27 4.38 -7.04
C ASN A 32 -7.43 3.24 -6.58
N GLU A 33 -7.31 2.27 -7.43
CA GLU A 33 -6.57 1.07 -7.12
C GLU A 33 -5.22 1.06 -7.82
N VAL A 34 -4.20 0.72 -7.07
CA VAL A 34 -2.86 0.63 -7.60
C VAL A 34 -2.20 -0.62 -7.06
N HIS A 35 -1.41 -1.27 -7.90
CA HIS A 35 -0.79 -2.51 -7.52
C HIS A 35 0.61 -2.28 -7.00
N PHE A 36 0.81 -2.66 -5.77
CA PHE A 36 2.11 -2.61 -5.14
C PHE A 36 2.65 -4.00 -4.93
N ARG A 37 3.94 -4.12 -4.94
CA ARG A 37 4.59 -5.37 -4.69
C ARG A 37 5.15 -5.36 -3.26
N VAL A 38 4.66 -6.25 -2.44
CA VAL A 38 5.01 -6.30 -1.02
C VAL A 38 5.26 -7.74 -0.58
N LYS A 39 5.72 -7.91 0.63
CA LYS A 39 5.95 -9.23 1.18
C LYS A 39 4.69 -9.72 1.87
N TYR A 40 4.53 -11.02 2.02
CA TYR A 40 3.39 -11.58 2.77
C TYR A 40 3.38 -10.98 4.17
N GLY A 41 4.55 -10.81 4.75
CA GLY A 41 4.68 -10.26 6.07
C GLY A 41 5.16 -8.83 6.05
N THR A 42 4.76 -8.07 5.03
CA THR A 42 5.15 -6.69 4.91
C THR A 42 4.59 -5.84 6.07
N SER A 43 5.46 -5.06 6.66
CA SER A 43 5.10 -4.19 7.75
C SER A 43 4.46 -2.92 7.22
N MET A 44 3.57 -2.31 8.03
CA MET A 44 2.85 -1.09 7.62
C MET A 44 3.78 -0.01 7.03
N ALA A 45 4.99 0.05 7.53
CA ALA A 45 5.96 1.04 7.08
C ALA A 45 6.31 0.88 5.61
N LYS A 46 6.37 -0.37 5.16
CA LYS A 46 6.81 -0.65 3.80
C LYS A 46 5.89 0.00 2.78
N LEU A 47 4.61 -0.05 3.04
CA LEU A 47 3.62 0.50 2.14
C LEU A 47 3.35 1.98 2.40
N LYS A 48 3.19 2.35 3.67
CA LYS A 48 2.87 3.72 4.05
C LYS A 48 3.95 4.67 3.65
N LYS A 49 5.17 4.32 3.93
CA LYS A 49 6.28 5.14 3.54
C LYS A 49 6.34 5.24 2.02
N SER A 50 6.09 4.12 1.37
CA SER A 50 6.16 4.03 -0.07
C SER A 50 5.04 4.82 -0.79
N TYR A 51 3.80 4.57 -0.41
CA TYR A 51 2.65 5.23 -1.03
C TYR A 51 2.64 6.71 -0.73
N ALA A 52 2.84 7.06 0.52
CA ALA A 52 2.81 8.45 0.93
C ALA A 52 3.87 9.22 0.19
N ASP A 53 4.99 8.57 -0.03
CA ASP A 53 6.12 9.20 -0.70
C ASP A 53 5.80 9.54 -2.14
N ARG A 54 5.22 8.58 -2.85
CA ARG A 54 4.91 8.74 -4.26
C ARG A 54 3.80 9.77 -4.48
N THR A 55 2.95 9.93 -3.47
CA THR A 55 1.86 10.87 -3.57
C THR A 55 2.25 12.25 -3.01
N GLY A 56 3.41 12.31 -2.35
CA GLY A 56 3.88 13.56 -1.80
C GLY A 56 3.09 14.01 -0.59
N VAL A 57 2.74 13.08 0.27
CA VAL A 57 1.99 13.39 1.45
C VAL A 57 2.70 12.86 2.70
N ALA A 58 2.33 13.37 3.86
CA ALA A 58 2.92 12.92 5.10
C ALA A 58 2.68 11.43 5.30
N VAL A 59 3.74 10.71 5.61
CA VAL A 59 3.68 9.26 5.77
C VAL A 59 2.74 8.90 6.91
N ASN A 60 2.86 9.61 8.01
CA ASN A 60 2.06 9.35 9.18
C ASN A 60 0.58 9.66 8.94
N SER A 61 0.31 10.67 8.10
CA SER A 61 -1.07 11.06 7.82
C SER A 61 -1.75 10.09 6.87
N LEU A 62 -0.96 9.26 6.22
CA LEU A 62 -1.47 8.28 5.27
C LEU A 62 -1.64 6.96 6.00
N ARG A 63 -2.73 6.28 5.77
CA ARG A 63 -2.98 5.05 6.48
C ARG A 63 -3.59 4.01 5.59
N PHE A 64 -3.22 2.78 5.84
CA PHE A 64 -3.76 1.65 5.14
C PHE A 64 -4.47 0.76 6.11
N LEU A 65 -5.57 0.21 5.69
CA LEU A 65 -6.34 -0.67 6.52
C LEU A 65 -6.60 -1.98 5.82
N PHE A 66 -6.62 -3.04 6.57
CA PHE A 66 -6.91 -4.34 6.03
C PHE A 66 -8.00 -4.96 6.87
N ASP A 67 -9.15 -5.21 6.25
CA ASP A 67 -10.34 -5.72 6.94
C ASP A 67 -10.91 -4.67 7.88
N GLY A 68 -10.62 -3.42 7.58
CA GLY A 68 -11.14 -2.33 8.34
C GLY A 68 -10.36 -2.05 9.58
N ARG A 69 -9.18 -2.62 9.67
CA ARG A 69 -8.36 -2.40 10.82
C ARG A 69 -7.00 -1.87 10.40
N ARG A 70 -6.42 -1.03 11.24
CA ARG A 70 -5.17 -0.39 10.92
C ARG A 70 -4.03 -1.37 10.89
N ILE A 71 -3.27 -1.29 9.82
CA ILE A 71 -2.13 -2.17 9.60
C ILE A 71 -0.94 -1.68 10.39
N ASN A 72 -0.37 -2.55 11.20
CA ASN A 72 0.82 -2.27 11.97
C ASN A 72 1.94 -3.19 11.53
N ASP A 73 3.14 -2.95 12.01
CA ASP A 73 4.31 -3.71 11.56
C ASP A 73 4.40 -5.10 12.21
N ASP A 74 3.57 -5.37 13.19
CA ASP A 74 3.64 -6.66 13.89
C ASP A 74 2.37 -7.50 13.67
N ASP A 75 1.58 -7.13 12.68
CA ASP A 75 0.34 -7.83 12.38
C ASP A 75 0.56 -9.06 11.48
N THR A 76 -0.50 -9.86 11.29
CA THR A 76 -0.39 -11.12 10.58
C THR A 76 -0.44 -10.88 9.10
N PRO A 77 0.11 -11.80 8.27
CA PRO A 77 0.18 -11.63 6.81
C PRO A 77 -1.18 -11.36 6.18
N LYS A 78 -2.23 -11.71 6.91
CA LYS A 78 -3.56 -11.54 6.46
C LYS A 78 -3.95 -10.06 6.40
N THR A 79 -3.54 -9.30 7.38
CA THR A 79 -3.88 -7.91 7.44
C THR A 79 -2.73 -7.16 6.89
N LEU A 80 -1.74 -7.93 6.65
CA LEU A 80 -0.50 -7.52 6.18
C LEU A 80 -0.33 -7.65 4.76
N GLU A 81 -1.42 -7.60 4.05
CA GLU A 81 -1.32 -7.57 2.62
C GLU A 81 -0.97 -8.91 2.05
N MET A 82 -1.90 -9.76 2.23
CA MET A 82 -1.93 -11.09 1.68
C MET A 82 -1.44 -11.24 0.22
N GLU A 83 -1.51 -12.47 -0.25
CA GLU A 83 -0.71 -12.95 -1.35
C GLU A 83 -1.14 -12.40 -2.65
N ASP A 84 -0.41 -12.80 -3.68
CA ASP A 84 -0.52 -12.26 -5.02
C ASP A 84 -1.86 -11.66 -5.34
N ASP A 85 -1.87 -10.35 -5.19
CA ASP A 85 -2.93 -9.47 -5.63
C ASP A 85 -4.13 -9.42 -4.66
N ASP A 86 -3.87 -9.57 -3.33
CA ASP A 86 -4.95 -9.37 -2.38
C ASP A 86 -5.28 -7.86 -2.29
N VAL A 87 -6.26 -7.49 -1.49
CA VAL A 87 -6.78 -6.13 -1.48
C VAL A 87 -6.40 -5.34 -0.24
N ILE A 88 -6.33 -4.04 -0.41
CA ILE A 88 -5.97 -3.09 0.63
C ILE A 88 -6.90 -1.87 0.63
N GLU A 89 -7.29 -1.42 1.82
CA GLU A 89 -8.18 -0.29 1.96
C GLU A 89 -7.38 0.95 2.39
N VAL A 90 -7.73 2.08 1.83
CA VAL A 90 -7.08 3.34 2.18
C VAL A 90 -8.07 4.38 2.61
N TYR A 91 -7.78 5.04 3.70
CA TYR A 91 -8.59 6.11 4.19
C TYR A 91 -7.88 7.43 3.95
N GLN A 92 -8.64 8.51 3.95
CA GLN A 92 -8.12 9.81 3.54
C GLN A 92 -7.10 10.35 4.53
N GLU A 93 -6.08 11.02 4.02
CA GLU A 93 -4.98 11.51 4.81
C GLU A 93 -5.16 12.99 5.23
N GLN A 94 -4.41 13.38 6.26
CA GLN A 94 -4.50 14.74 6.82
C GLN A 94 -4.01 15.82 5.86
N LEU A 95 -2.89 15.58 5.21
CA LEU A 95 -2.27 16.58 4.34
C LEU A 95 -2.86 16.54 2.94
N GLY A 96 -3.67 15.56 2.68
CA GLY A 96 -4.29 15.44 1.40
C GLY A 96 -5.72 15.93 1.44
N GLY A 97 -6.60 15.05 1.84
CA GLY A 97 -8.00 15.41 1.97
C GLY A 97 -8.64 15.66 0.63
#